data_3S3X
#
_entry.id   3S3X
#
_cell.length_a   232.396
_cell.length_b   109.442
_cell.length_c   127.269
_cell.angle_alpha   90.00
_cell.angle_beta   119.81
_cell.angle_gamma   90.00
#
_symmetry.space_group_name_H-M   'C 1 2 1'
#
loop_
_entity.id
_entity.type
_entity.pdbx_description
1 polymer 'Amiloride-sensitive cation channel 2, neuronal'
2 polymer Psalmotoxin-1
3 non-polymer 2-acetamido-2-deoxy-beta-D-glucopyranose
4 non-polymer 'POTASSIUM ION'
5 non-polymer 'CHLORIDE ION'
6 non-polymer 'SULFATE ION'
7 water water
#
loop_
_entity_poly.entity_id
_entity_poly.type
_entity_poly.pdbx_seq_one_letter_code
_entity_poly.pdbx_strand_id
1 'polypeptide(L)'
;MSYYHHHHHHGASLVPRGSHMSTLHGISHIFSYERLSLKRVVWALCFMGSLALLALVCTNRIQYYFLYPHVTKLDEVAAT
RLTFPAVTFCNLNEFRFSRVTKNDLYHAGELLALLNNRYEIPDTQTADEKQLEILQDKANFRNFKPKPFNMLEFYDRAGH
DIREMLLSCFFRGEQCSPEDFKVVFTRYGKCYTFNAGQDGKPRLITMKGGTGNGLEIMLDIQQDEYLPVWGETDETSFEA
GIKVQIHSQDEPPLIDQLGFGVAPGFQTFVSCQEQRLIYLPPPWGDCKATTGDSEFYDTYSITACRIDCETRYLVENCNC
RMVHMPGDAPYCTPEQYKECADPALDFLVEKDNEYCVCEMPCNVTRYGKELSMVKIPSKASAKYLAKKYNKSEQYIGENI
LVLDIFFEALNYETIEQKKAYEVAGLLGDIGGQMGLFIGASILTVLELFDYAYEVIKHR
;
A,B,C
2 'polypeptide(L)' DCIPKWKGCVNRHGDCCEGLECWKRRRSFEVCVPKTP D,E,F
#
# COMPACT_ATOMS: atom_id res chain seq x y z
N VAL A 41 10.45 -52.84 56.81
CA VAL A 41 9.09 -52.50 56.40
C VAL A 41 8.97 -51.03 56.04
N VAL A 42 10.07 -50.29 56.20
CA VAL A 42 10.11 -48.88 55.84
C VAL A 42 10.71 -48.71 54.45
N TRP A 43 11.53 -49.68 54.05
CA TRP A 43 12.16 -49.66 52.73
C TRP A 43 11.11 -49.77 51.62
N ALA A 44 10.05 -50.50 51.89
CA ALA A 44 8.98 -50.70 50.92
C ALA A 44 8.20 -49.40 50.68
N LEU A 45 8.22 -48.52 51.68
CA LEU A 45 7.54 -47.23 51.57
C LEU A 45 8.50 -46.16 51.05
N CYS A 46 9.79 -46.48 51.09
CA CYS A 46 10.82 -45.61 50.51
C CYS A 46 10.94 -45.91 49.02
N PHE A 47 10.41 -47.07 48.62
CA PHE A 47 10.40 -47.47 47.23
C PHE A 47 9.08 -47.07 46.59
N MET A 48 8.01 -47.15 47.38
CA MET A 48 6.69 -46.70 46.93
C MET A 48 6.62 -45.18 46.95
N GLY A 49 7.40 -44.58 47.85
CA GLY A 49 7.48 -43.13 47.94
C GLY A 49 8.38 -42.56 46.86
N SER A 50 9.18 -43.44 46.26
CA SER A 50 10.08 -43.04 45.17
C SER A 50 9.40 -43.22 43.83
N LEU A 51 8.68 -44.31 43.67
CA LEU A 51 7.94 -44.58 42.44
C LEU A 51 6.77 -43.61 42.28
N ALA A 52 6.17 -43.23 43.41
CA ALA A 52 5.05 -42.31 43.40
C ALA A 52 5.43 -40.97 42.78
N LEU A 53 6.34 -40.26 43.45
CA LEU A 53 6.77 -38.95 42.97
C LEU A 53 7.30 -38.98 41.55
N LEU A 54 7.69 -40.18 41.09
CA LEU A 54 8.15 -40.35 39.72
C LEU A 54 7.04 -40.05 38.73
N ALA A 55 5.98 -40.87 38.76
CA ALA A 55 4.87 -40.72 37.84
C ALA A 55 3.99 -39.52 38.17
N LEU A 56 3.93 -39.16 39.44
CA LEU A 56 3.09 -38.06 39.89
C LEU A 56 3.49 -36.72 39.27
N VAL A 57 4.79 -36.44 39.26
CA VAL A 57 5.29 -35.18 38.72
C VAL A 57 5.83 -35.35 37.31
N CYS A 58 5.50 -36.49 36.70
CA CYS A 58 5.96 -36.79 35.34
C CYS A 58 4.81 -36.75 34.34
N THR A 59 3.65 -37.21 34.75
CA THR A 59 2.47 -37.24 33.89
C THR A 59 1.98 -35.84 33.57
N ASN A 60 2.49 -34.85 34.29
CA ASN A 60 2.09 -33.46 34.09
C ASN A 60 2.73 -32.83 32.86
N ARG A 61 3.82 -33.43 32.39
CA ARG A 61 4.55 -32.87 31.26
C ARG A 61 4.35 -33.65 29.96
N ILE A 62 3.83 -34.86 30.06
CA ILE A 62 3.57 -35.67 28.87
C ILE A 62 2.26 -35.25 28.22
N GLN A 63 1.33 -34.73 29.02
CA GLN A 63 0.07 -34.21 28.50
C GLN A 63 0.35 -32.99 27.64
N TYR A 64 1.33 -32.19 28.05
CA TYR A 64 1.75 -31.02 27.28
C TYR A 64 2.44 -31.44 26.00
N TYR A 65 2.94 -32.67 25.98
CA TYR A 65 3.61 -33.22 24.81
C TYR A 65 2.61 -33.68 23.76
N PHE A 66 1.61 -34.44 24.19
CA PHE A 66 0.59 -34.92 23.29
C PHE A 66 -0.37 -33.81 22.87
N LEU A 67 -0.15 -32.62 23.40
CA LEU A 67 -0.90 -31.47 22.91
C LEU A 67 -0.33 -31.01 21.57
N TYR A 68 0.91 -31.41 21.30
CA TYR A 68 1.59 -31.02 20.06
C TYR A 68 1.62 -29.51 19.88
N PRO A 69 2.11 -28.79 20.90
CA PRO A 69 2.17 -27.32 20.86
C PRO A 69 3.21 -26.85 19.85
N HIS A 70 3.07 -25.62 19.38
CA HIS A 70 3.98 -25.08 18.38
C HIS A 70 4.29 -23.61 18.65
N VAL A 71 5.58 -23.30 18.72
CA VAL A 71 6.01 -21.91 18.84
C VAL A 71 6.20 -21.31 17.46
N THR A 72 5.79 -20.06 17.29
CA THR A 72 5.94 -19.39 16.01
C THR A 72 7.06 -18.35 16.07
N LYS A 73 8.25 -18.74 15.65
CA LYS A 73 9.40 -17.85 15.67
C LYS A 73 9.31 -16.79 14.57
N LEU A 74 9.62 -15.55 14.93
CA LEU A 74 9.63 -14.46 13.97
C LEU A 74 11.06 -13.98 13.75
N ASP A 75 11.34 -13.47 12.55
CA ASP A 75 12.66 -12.93 12.24
C ASP A 75 12.62 -12.06 10.99
N GLU A 76 12.76 -10.76 11.19
CA GLU A 76 12.75 -9.81 10.08
C GLU A 76 14.15 -9.23 9.86
N VAL A 77 14.86 -9.82 8.91
CA VAL A 77 16.24 -9.42 8.64
C VAL A 77 16.41 -8.92 7.20
N ALA A 78 17.65 -8.62 6.84
CA ALA A 78 17.99 -8.24 5.47
C ALA A 78 18.98 -9.24 4.89
N ALA A 79 18.57 -9.92 3.83
CA ALA A 79 19.42 -10.93 3.22
C ALA A 79 20.46 -10.29 2.31
N THR A 80 21.67 -10.83 2.32
CA THR A 80 22.73 -10.37 1.44
C THR A 80 22.34 -10.60 -0.01
N ARG A 81 21.81 -11.78 -0.28
CA ARG A 81 21.27 -12.10 -1.60
C ARG A 81 19.76 -12.27 -1.49
N LEU A 82 19.04 -11.84 -2.53
CA LEU A 82 17.59 -11.95 -2.53
C LEU A 82 17.10 -12.46 -3.88
N THR A 83 16.37 -13.57 -3.86
CA THR A 83 15.83 -14.15 -5.08
C THR A 83 14.64 -13.34 -5.57
N PHE A 84 14.89 -12.45 -6.53
CA PHE A 84 13.84 -11.59 -7.08
C PHE A 84 12.68 -12.43 -7.57
N PRO A 85 11.44 -12.03 -7.22
CA PRO A 85 10.23 -12.78 -7.53
C PRO A 85 9.87 -12.75 -9.02
N ALA A 86 8.90 -13.56 -9.40
CA ALA A 86 8.39 -13.55 -10.76
C ALA A 86 7.36 -12.43 -10.91
N VAL A 87 7.40 -11.74 -12.04
CA VAL A 87 6.50 -10.61 -12.28
C VAL A 87 5.65 -10.85 -13.51
N THR A 88 4.44 -11.35 -13.29
CA THR A 88 3.49 -11.58 -14.36
C THR A 88 2.59 -10.37 -14.54
N PHE A 89 2.49 -9.88 -15.77
CA PHE A 89 1.62 -8.75 -16.06
C PHE A 89 0.81 -9.00 -17.31
N CYS A 90 -0.41 -8.45 -17.34
CA CYS A 90 -1.30 -8.63 -18.48
C CYS A 90 -1.99 -7.33 -18.86
N ASN A 91 -2.28 -7.19 -20.15
CA ASN A 91 -3.02 -6.04 -20.65
C ASN A 91 -4.52 -6.27 -20.46
N LEU A 92 -5.24 -5.24 -20.01
CA LEU A 92 -6.66 -5.37 -19.74
C LEU A 92 -7.46 -5.72 -20.99
N ASN A 93 -6.99 -5.25 -22.14
CA ASN A 93 -7.61 -5.59 -23.42
C ASN A 93 -7.11 -6.95 -23.92
N GLU A 94 -8.02 -7.79 -24.38
CA GLU A 94 -7.68 -9.17 -24.74
C GLU A 94 -7.16 -9.34 -26.17
N PHE A 95 -7.85 -8.73 -27.12
CA PHE A 95 -7.50 -8.93 -28.54
C PHE A 95 -7.23 -7.62 -29.26
N ARG A 96 -6.16 -7.59 -30.03
CA ARG A 96 -5.84 -6.42 -30.85
C ARG A 96 -6.85 -6.25 -31.99
N PHE A 97 -7.40 -5.05 -32.11
CA PHE A 97 -8.41 -4.76 -33.10
C PHE A 97 -7.91 -4.97 -34.54
N SER A 98 -6.62 -4.77 -34.74
CA SER A 98 -6.04 -4.87 -36.08
C SER A 98 -5.66 -6.31 -36.44
N ARG A 99 -5.74 -7.21 -35.45
CA ARG A 99 -5.36 -8.60 -35.68
C ARG A 99 -6.58 -9.50 -35.84
N VAL A 100 -7.75 -9.01 -35.45
CA VAL A 100 -8.98 -9.76 -35.63
C VAL A 100 -9.37 -9.82 -37.10
N THR A 101 -9.26 -11.00 -37.68
CA THR A 101 -9.57 -11.20 -39.09
C THR A 101 -11.04 -11.52 -39.31
N LYS A 102 -11.46 -11.56 -40.56
CA LYS A 102 -12.85 -11.86 -40.90
C LYS A 102 -13.28 -13.20 -40.31
N ASN A 103 -12.42 -14.20 -40.46
CA ASN A 103 -12.70 -15.54 -39.93
C ASN A 103 -12.83 -15.52 -38.41
N ASP A 104 -11.98 -14.74 -37.76
CA ASP A 104 -12.01 -14.63 -36.30
C ASP A 104 -13.31 -13.97 -35.84
N LEU A 105 -13.71 -12.91 -36.53
CA LEU A 105 -14.95 -12.22 -36.21
C LEU A 105 -16.15 -13.14 -36.41
N TYR A 106 -15.99 -14.11 -37.29
CA TYR A 106 -17.07 -15.05 -37.59
C TYR A 106 -17.23 -16.09 -36.48
N HIS A 107 -16.11 -16.58 -35.96
CA HIS A 107 -16.14 -17.61 -34.94
C HIS A 107 -16.33 -17.07 -33.54
N ALA A 108 -15.66 -15.96 -33.22
CA ALA A 108 -15.71 -15.41 -31.87
C ALA A 108 -16.31 -14.01 -31.83
N GLY A 109 -17.02 -13.64 -32.89
CA GLY A 109 -17.65 -12.33 -32.96
C GLY A 109 -18.73 -12.16 -31.90
N GLU A 110 -19.54 -13.20 -31.73
CA GLU A 110 -20.62 -13.17 -30.75
C GLU A 110 -20.06 -13.13 -29.33
N LEU A 111 -18.97 -13.84 -29.11
CA LEU A 111 -18.34 -13.89 -27.78
C LEU A 111 -17.82 -12.51 -27.37
N LEU A 112 -17.32 -11.76 -28.33
CA LEU A 112 -16.75 -10.44 -28.06
C LEU A 112 -17.82 -9.35 -28.11
N ALA A 113 -19.07 -9.76 -28.21
CA ALA A 113 -20.19 -8.83 -28.27
C ALA A 113 -20.11 -7.91 -29.48
N LEU A 114 -19.35 -8.33 -30.49
CA LEU A 114 -19.24 -7.57 -31.73
C LEU A 114 -20.27 -8.06 -32.74
N LEU A 115 -20.93 -9.16 -32.43
CA LEU A 115 -21.99 -9.70 -33.27
C LEU A 115 -23.11 -10.26 -32.43
N ASN A 116 -24.33 -10.22 -32.96
CA ASN A 116 -25.48 -10.81 -32.29
C ASN A 116 -25.57 -12.31 -32.56
N ASN A 117 -26.64 -12.94 -32.08
CA ASN A 117 -26.81 -14.38 -32.26
C ASN A 117 -27.06 -14.78 -33.71
N ARG A 118 -27.06 -13.78 -34.60
CA ARG A 118 -27.34 -14.03 -36.01
C ARG A 118 -26.24 -13.49 -36.93
N TYR A 119 -25.00 -13.50 -36.45
CA TYR A 119 -23.84 -13.11 -37.24
C TYR A 119 -23.99 -11.73 -37.87
N GLU A 120 -24.62 -10.81 -37.16
CA GLU A 120 -24.78 -9.45 -37.63
C GLU A 120 -24.21 -8.46 -36.61
N ILE A 121 -23.82 -7.28 -37.09
CA ILE A 121 -23.35 -6.23 -36.21
C ILE A 121 -24.50 -5.63 -35.41
N PRO A 122 -24.47 -5.81 -34.09
CA PRO A 122 -25.54 -5.36 -33.19
C PRO A 122 -25.94 -3.91 -33.46
N ASP A 123 -27.25 -3.64 -33.36
CA ASP A 123 -27.76 -2.29 -33.56
C ASP A 123 -27.39 -1.40 -32.38
N THR A 124 -27.02 -2.02 -31.26
CA THR A 124 -26.65 -1.30 -30.05
C THR A 124 -25.20 -0.85 -30.11
N GLN A 125 -24.59 -0.93 -31.29
CA GLN A 125 -23.20 -0.54 -31.46
C GLN A 125 -23.00 0.93 -31.10
N THR A 126 -21.91 1.21 -30.40
CA THR A 126 -21.61 2.57 -29.97
C THR A 126 -20.18 2.96 -30.34
N ALA A 127 -19.88 2.93 -31.62
CA ALA A 127 -18.55 3.27 -32.11
C ALA A 127 -18.62 4.35 -33.18
N ASP A 128 -17.50 5.02 -33.41
CA ASP A 128 -17.43 6.07 -34.42
C ASP A 128 -17.70 5.50 -35.81
N GLU A 129 -17.93 6.38 -36.78
CA GLU A 129 -18.26 5.96 -38.14
C GLU A 129 -17.03 5.55 -38.93
N LYS A 130 -15.86 5.62 -38.30
CA LYS A 130 -14.61 5.23 -38.95
C LYS A 130 -14.26 3.77 -38.67
N GLN A 131 -14.51 3.34 -37.44
CA GLN A 131 -14.31 1.94 -37.08
C GLN A 131 -15.49 1.09 -37.52
N LEU A 132 -16.64 1.74 -37.68
CA LEU A 132 -17.86 1.05 -38.12
C LEU A 132 -17.68 0.51 -39.53
N GLU A 133 -17.10 1.32 -40.40
CA GLU A 133 -16.85 0.92 -41.79
C GLU A 133 -15.86 -0.23 -41.84
N ILE A 134 -14.73 -0.07 -41.15
CA ILE A 134 -13.70 -1.08 -41.10
C ILE A 134 -14.23 -2.39 -40.51
N LEU A 135 -15.16 -2.27 -39.58
CA LEU A 135 -15.71 -3.44 -38.90
C LEU A 135 -16.83 -4.09 -39.71
N GLN A 136 -17.51 -3.30 -40.52
CA GLN A 136 -18.57 -3.83 -41.38
C GLN A 136 -18.00 -4.61 -42.56
N ASP A 137 -16.90 -4.13 -43.13
CA ASP A 137 -16.23 -4.84 -44.21
C ASP A 137 -15.64 -6.15 -43.69
N LYS A 138 -15.45 -6.21 -42.38
CA LYS A 138 -14.89 -7.39 -41.74
C LYS A 138 -16.00 -8.36 -41.35
N ALA A 139 -17.19 -7.81 -41.14
CA ALA A 139 -18.35 -8.63 -40.78
C ALA A 139 -19.17 -9.00 -42.00
N ASN A 140 -18.61 -8.74 -43.18
CA ASN A 140 -19.26 -9.10 -44.44
C ASN A 140 -18.99 -10.55 -44.79
N PHE A 141 -19.96 -11.42 -44.54
CA PHE A 141 -19.79 -12.85 -44.74
C PHE A 141 -20.46 -13.36 -46.02
N ARG A 142 -20.82 -12.44 -46.90
CA ARG A 142 -21.41 -12.84 -48.18
C ARG A 142 -20.36 -13.54 -49.04
N ASN A 143 -20.66 -14.77 -49.45
CA ASN A 143 -19.71 -15.58 -50.18
C ASN A 143 -18.43 -15.83 -49.39
N PHE A 144 -18.59 -16.14 -48.11
CA PHE A 144 -17.45 -16.39 -47.23
C PHE A 144 -17.47 -17.83 -46.71
N LYS A 145 -16.34 -18.51 -46.83
CA LYS A 145 -16.21 -19.88 -46.34
C LYS A 145 -15.36 -19.94 -45.08
N PRO A 146 -15.99 -20.29 -43.94
CA PRO A 146 -15.35 -20.34 -42.63
C PRO A 146 -14.17 -21.31 -42.56
N LYS A 147 -12.98 -20.77 -42.36
CA LYS A 147 -11.79 -21.60 -42.17
C LYS A 147 -11.78 -22.08 -40.72
N PRO A 148 -10.97 -23.12 -40.43
CA PRO A 148 -10.89 -23.62 -39.05
C PRO A 148 -10.43 -22.53 -38.09
N PHE A 149 -10.85 -22.63 -36.83
CA PHE A 149 -10.55 -21.61 -35.83
C PHE A 149 -10.15 -22.25 -34.51
N ASN A 150 -9.09 -21.73 -33.89
CA ASN A 150 -8.66 -22.22 -32.60
C ASN A 150 -8.48 -21.07 -31.61
N MET A 151 -9.02 -21.23 -30.41
CA MET A 151 -8.93 -20.20 -29.39
C MET A 151 -7.49 -19.91 -28.97
N LEU A 152 -6.76 -20.95 -28.59
CA LEU A 152 -5.37 -20.80 -28.17
C LEU A 152 -4.57 -20.05 -29.22
N GLU A 153 -4.84 -20.33 -30.49
CA GLU A 153 -4.16 -19.66 -31.59
C GLU A 153 -4.60 -18.20 -31.65
N PHE A 154 -5.89 -17.97 -31.43
CA PHE A 154 -6.45 -16.62 -31.47
C PHE A 154 -5.82 -15.73 -30.40
N TYR A 155 -5.82 -16.23 -29.16
CA TYR A 155 -5.19 -15.51 -28.05
C TYR A 155 -3.73 -15.21 -28.36
N ASP A 156 -3.02 -16.21 -28.85
CA ASP A 156 -1.59 -16.09 -29.12
C ASP A 156 -1.28 -15.07 -30.21
N ARG A 157 -2.08 -15.07 -31.27
CA ARG A 157 -1.84 -14.20 -32.41
C ARG A 157 -2.49 -12.83 -32.26
N ALA A 158 -3.77 -12.82 -31.90
CA ALA A 158 -4.51 -11.57 -31.79
C ALA A 158 -4.23 -10.85 -30.48
N GLY A 159 -3.57 -11.54 -29.55
CA GLY A 159 -3.22 -10.95 -28.28
C GLY A 159 -2.24 -9.81 -28.41
N HIS A 160 -1.88 -9.18 -27.30
CA HIS A 160 -0.91 -8.10 -27.31
C HIS A 160 0.51 -8.64 -27.33
N ASP A 161 1.37 -8.01 -28.12
CA ASP A 161 2.73 -8.48 -28.30
C ASP A 161 3.73 -7.75 -27.41
N ILE A 162 4.38 -8.50 -26.53
CA ILE A 162 5.39 -7.94 -25.64
C ILE A 162 6.41 -7.12 -26.42
N ARG A 163 6.59 -7.46 -27.70
CA ARG A 163 7.56 -6.79 -28.55
C ARG A 163 7.10 -5.40 -29.01
N GLU A 164 5.80 -5.14 -28.87
CA GLU A 164 5.26 -3.82 -29.21
C GLU A 164 4.99 -2.99 -27.97
N MET A 165 4.65 -3.67 -26.87
CA MET A 165 4.35 -2.99 -25.61
C MET A 165 5.62 -2.55 -24.88
N LEU A 166 6.67 -3.37 -24.95
CA LEU A 166 7.90 -3.10 -24.22
C LEU A 166 8.73 -2.03 -24.92
N LEU A 167 8.64 -0.80 -24.42
CA LEU A 167 9.41 0.31 -24.97
C LEU A 167 10.74 0.44 -24.25
N SER A 168 10.85 -0.20 -23.09
CA SER A 168 12.05 -0.11 -22.27
C SER A 168 12.01 -1.16 -21.16
N CYS A 169 13.18 -1.66 -20.78
CA CYS A 169 13.27 -2.63 -19.70
C CYS A 169 14.69 -2.74 -19.15
N PHE A 170 14.79 -2.68 -17.81
CA PHE A 170 16.07 -2.85 -17.13
C PHE A 170 15.89 -3.66 -15.86
N PHE A 171 16.95 -4.38 -15.47
CA PHE A 171 16.97 -5.08 -14.20
C PHE A 171 18.37 -5.03 -13.61
N ARG A 172 18.61 -4.06 -12.73
CA ARG A 172 19.94 -3.81 -12.17
C ARG A 172 20.89 -3.29 -13.24
N GLY A 173 20.48 -2.23 -13.93
CA GLY A 173 21.32 -1.64 -14.96
C GLY A 173 21.47 -2.51 -16.18
N GLU A 174 21.13 -3.79 -16.04
CA GLU A 174 21.14 -4.72 -17.16
C GLU A 174 19.90 -4.54 -18.02
N GLN A 175 20.09 -4.13 -19.27
CA GLN A 175 18.97 -3.95 -20.18
C GLN A 175 18.43 -5.31 -20.59
N CYS A 176 17.11 -5.45 -20.56
CA CYS A 176 16.47 -6.71 -20.93
C CYS A 176 15.55 -6.55 -22.14
N SER A 177 15.28 -7.65 -22.83
CA SER A 177 14.48 -7.63 -24.04
C SER A 177 13.22 -8.48 -23.87
N PRO A 178 12.31 -8.42 -24.85
CA PRO A 178 11.10 -9.24 -24.83
C PRO A 178 11.39 -10.72 -24.62
N GLU A 179 12.60 -11.14 -24.94
CA GLU A 179 13.00 -12.54 -24.80
C GLU A 179 13.19 -12.93 -23.33
N ASP A 180 13.11 -11.95 -22.44
CA ASP A 180 13.22 -12.20 -21.01
C ASP A 180 11.85 -12.49 -20.41
N PHE A 181 10.81 -12.27 -21.20
CA PHE A 181 9.44 -12.49 -20.75
C PHE A 181 8.88 -13.80 -21.29
N LYS A 182 8.45 -14.66 -20.37
CA LYS A 182 7.85 -15.94 -20.74
C LYS A 182 6.34 -15.83 -20.90
N VAL A 183 5.85 -16.18 -22.07
CA VAL A 183 4.41 -16.09 -22.35
C VAL A 183 3.61 -17.04 -21.47
N VAL A 184 2.62 -16.48 -20.77
CA VAL A 184 1.75 -17.26 -19.92
C VAL A 184 0.30 -16.89 -20.15
N PHE A 185 -0.55 -17.90 -20.39
CA PHE A 185 -1.96 -17.66 -20.66
C PHE A 185 -2.79 -17.61 -19.37
N THR A 186 -3.65 -16.62 -19.28
CA THR A 186 -4.55 -16.47 -18.14
C THR A 186 -5.87 -15.85 -18.57
N ARG A 187 -6.81 -15.75 -17.63
CA ARG A 187 -8.16 -15.29 -17.92
C ARG A 187 -8.17 -13.99 -18.75
N TYR A 188 -7.17 -13.15 -18.54
CA TYR A 188 -7.10 -11.88 -19.28
C TYR A 188 -6.67 -12.10 -20.72
N GLY A 189 -6.14 -13.27 -21.02
CA GLY A 189 -5.70 -13.60 -22.37
C GLY A 189 -4.22 -13.95 -22.44
N LYS A 190 -3.50 -13.27 -23.32
CA LYS A 190 -2.07 -13.51 -23.48
C LYS A 190 -1.24 -12.58 -22.60
N CYS A 191 -0.73 -13.12 -21.50
CA CYS A 191 0.06 -12.34 -20.57
C CYS A 191 1.55 -12.67 -20.66
N TYR A 192 2.34 -12.12 -19.74
CA TYR A 192 3.78 -12.32 -19.76
C TYR A 192 4.36 -12.39 -18.35
N THR A 193 5.49 -13.08 -18.22
CA THR A 193 6.12 -13.25 -16.91
C THR A 193 7.63 -12.97 -16.97
N PHE A 194 8.04 -11.90 -16.32
CA PHE A 194 9.47 -11.61 -16.18
C PHE A 194 10.07 -12.47 -15.07
N ASN A 195 11.30 -12.92 -15.28
CA ASN A 195 11.97 -13.78 -14.32
C ASN A 195 11.12 -15.01 -13.98
N ALA A 196 10.48 -15.57 -15.00
CA ALA A 196 9.65 -16.76 -14.81
C ALA A 196 10.48 -17.86 -14.18
N GLY A 197 11.71 -18.04 -14.67
CA GLY A 197 12.67 -18.91 -14.03
C GLY A 197 12.50 -20.40 -14.29
N GLN A 198 11.33 -20.79 -14.75
CA GLN A 198 11.16 -22.17 -15.20
C GLN A 198 11.67 -22.20 -16.64
N ASP A 199 12.18 -23.35 -17.05
CA ASP A 199 12.45 -23.66 -18.48
C ASP A 199 13.94 -23.84 -18.84
N GLY A 200 14.83 -23.69 -17.87
CA GLY A 200 16.25 -23.90 -18.11
C GLY A 200 17.08 -22.68 -17.76
N LYS A 201 16.38 -21.60 -17.45
CA LYS A 201 17.04 -20.36 -17.06
C LYS A 201 17.06 -20.27 -15.55
N PRO A 202 18.15 -19.71 -14.99
CA PRO A 202 18.25 -19.54 -13.54
C PRO A 202 17.47 -18.31 -13.11
N ARG A 203 16.90 -18.35 -11.91
CA ARG A 203 16.11 -17.23 -11.40
C ARG A 203 17.01 -16.09 -10.93
N LEU A 204 16.72 -14.88 -11.40
CA LEU A 204 17.52 -13.70 -11.08
C LEU A 204 17.54 -13.39 -9.59
N ILE A 205 18.56 -12.65 -9.17
CA ILE A 205 18.67 -12.23 -7.78
C ILE A 205 19.02 -10.76 -7.66
N THR A 206 18.88 -10.21 -6.46
CA THR A 206 19.26 -8.84 -6.18
C THR A 206 19.88 -8.76 -4.80
N MET A 207 20.90 -7.91 -4.65
CA MET A 207 21.65 -7.87 -3.40
C MET A 207 21.61 -6.49 -2.76
N LYS A 208 20.87 -5.57 -3.37
CA LYS A 208 20.75 -4.22 -2.86
C LYS A 208 19.32 -3.70 -3.01
N GLY A 209 18.95 -2.77 -2.13
CA GLY A 209 17.61 -2.20 -2.17
C GLY A 209 17.55 -0.93 -3.01
N GLY A 210 16.34 -0.58 -3.46
CA GLY A 210 16.14 0.63 -4.24
C GLY A 210 15.75 0.35 -5.67
N THR A 211 15.27 1.38 -6.36
CA THR A 211 14.86 1.25 -7.75
C THR A 211 16.01 0.82 -8.65
N GLY A 212 17.21 1.32 -8.34
CA GLY A 212 18.39 1.03 -9.13
C GLY A 212 18.68 -0.46 -9.28
N ASN A 213 18.21 -1.26 -8.34
CA ASN A 213 18.46 -2.69 -8.37
C ASN A 213 17.18 -3.50 -8.45
N GLY A 214 16.25 -3.04 -9.27
CA GLY A 214 14.98 -3.71 -9.46
C GLY A 214 14.49 -3.60 -10.89
N LEU A 215 13.30 -4.15 -11.14
CA LEU A 215 12.73 -4.13 -12.48
C LEU A 215 12.15 -2.77 -12.81
N GLU A 216 12.36 -2.33 -14.05
CA GLU A 216 11.78 -1.07 -14.51
C GLU A 216 11.29 -1.20 -15.95
N ILE A 217 9.97 -1.18 -16.11
CA ILE A 217 9.35 -1.38 -17.41
C ILE A 217 8.67 -0.09 -17.89
N MET A 218 8.73 0.15 -19.20
CA MET A 218 7.94 1.21 -19.80
C MET A 218 7.08 0.62 -20.93
N LEU A 219 5.78 0.52 -20.66
CA LEU A 219 4.86 -0.14 -21.58
C LEU A 219 4.04 0.84 -22.43
N ASP A 220 3.51 0.33 -23.53
CA ASP A 220 2.57 1.06 -24.36
C ASP A 220 1.31 0.21 -24.50
N ILE A 221 0.31 0.50 -23.69
CA ILE A 221 -0.88 -0.35 -23.61
C ILE A 221 -1.68 -0.40 -24.92
N GLN A 222 -1.45 0.57 -25.79
CA GLN A 222 -2.07 0.58 -27.12
C GLN A 222 -3.60 0.62 -27.05
N GLN A 223 -4.14 1.73 -26.56
CA GLN A 223 -5.60 1.88 -26.52
C GLN A 223 -6.19 1.92 -27.93
N ASP A 224 -5.38 2.36 -28.89
CA ASP A 224 -5.83 2.41 -30.28
C ASP A 224 -6.05 1.01 -30.83
N GLU A 225 -5.58 0.00 -30.10
CA GLU A 225 -5.74 -1.39 -30.49
C GLU A 225 -6.80 -2.09 -29.65
N TYR A 226 -7.39 -1.35 -28.71
CA TYR A 226 -8.42 -1.90 -27.85
C TYR A 226 -9.69 -2.21 -28.64
N LEU A 227 -10.27 -3.37 -28.38
CA LEU A 227 -11.52 -3.77 -29.02
C LEU A 227 -12.66 -2.88 -28.57
N PRO A 228 -13.51 -2.45 -29.51
CA PRO A 228 -14.70 -1.66 -29.18
C PRO A 228 -15.57 -2.41 -28.19
N VAL A 229 -16.02 -1.73 -27.14
CA VAL A 229 -16.90 -2.36 -26.17
C VAL A 229 -18.36 -2.00 -26.44
N TRP A 230 -19.10 -2.98 -26.95
CA TRP A 230 -20.51 -2.77 -27.30
C TRP A 230 -21.43 -3.53 -26.36
N GLY A 231 -20.85 -4.35 -25.50
CA GLY A 231 -21.62 -5.13 -24.54
C GLY A 231 -20.78 -5.56 -23.35
N GLU A 232 -21.42 -6.21 -22.39
CA GLU A 232 -20.74 -6.63 -21.18
C GLU A 232 -20.54 -8.14 -21.14
N THR A 233 -19.29 -8.57 -21.32
CA THR A 233 -18.95 -9.99 -21.27
C THR A 233 -17.70 -10.20 -20.43
N ASP A 234 -17.30 -11.45 -20.26
CA ASP A 234 -16.09 -11.79 -19.51
C ASP A 234 -14.84 -11.50 -20.34
N GLU A 235 -15.05 -11.07 -21.58
CA GLU A 235 -13.93 -10.77 -22.47
C GLU A 235 -13.89 -9.29 -22.84
N THR A 236 -14.72 -8.49 -22.15
CA THR A 236 -14.73 -7.05 -22.36
C THR A 236 -14.32 -6.32 -21.08
N SER A 237 -13.80 -5.11 -21.23
CA SER A 237 -13.30 -4.36 -20.09
C SER A 237 -13.60 -2.87 -20.20
N PHE A 238 -14.10 -2.29 -19.12
CA PHE A 238 -14.37 -0.85 -19.06
C PHE A 238 -13.08 -0.09 -18.77
N GLU A 239 -12.11 -0.77 -18.18
CA GLU A 239 -10.87 -0.12 -17.75
C GLU A 239 -9.75 -0.24 -18.77
N ALA A 240 -8.80 0.69 -18.69
CA ALA A 240 -7.60 0.66 -19.52
C ALA A 240 -6.37 0.60 -18.64
N GLY A 241 -5.34 -0.10 -19.11
CA GLY A 241 -4.12 -0.26 -18.32
C GLY A 241 -3.69 -1.72 -18.27
N ILE A 242 -3.01 -2.09 -17.17
CA ILE A 242 -2.51 -3.45 -17.03
C ILE A 242 -2.79 -4.00 -15.64
N LYS A 243 -2.71 -5.33 -15.53
CA LYS A 243 -2.88 -6.01 -14.26
C LYS A 243 -1.60 -6.80 -13.98
N VAL A 244 -1.05 -6.63 -12.78
CA VAL A 244 0.24 -7.23 -12.45
C VAL A 244 0.13 -8.12 -11.21
N GLN A 245 0.98 -9.14 -11.15
CA GLN A 245 1.06 -9.98 -9.96
C GLN A 245 2.51 -10.40 -9.65
N ILE A 246 2.93 -10.16 -8.43
CA ILE A 246 4.26 -10.54 -7.97
C ILE A 246 4.16 -11.82 -7.15
N HIS A 247 4.76 -12.89 -7.65
CA HIS A 247 4.61 -14.20 -7.03
C HIS A 247 5.89 -15.03 -7.11
N SER A 248 5.98 -16.04 -6.26
CA SER A 248 7.11 -16.97 -6.28
C SER A 248 7.18 -17.69 -7.61
N GLN A 249 8.38 -18.05 -8.03
CA GLN A 249 8.59 -18.73 -9.30
C GLN A 249 7.71 -19.98 -9.41
N ASP A 250 7.64 -20.73 -8.32
CA ASP A 250 6.88 -21.98 -8.30
C ASP A 250 5.48 -21.80 -7.74
N GLU A 251 4.85 -20.69 -8.10
CA GLU A 251 3.46 -20.44 -7.77
C GLU A 251 2.74 -19.87 -8.99
N PRO A 252 1.82 -20.65 -9.57
CA PRO A 252 1.10 -20.20 -10.76
C PRO A 252 0.36 -18.90 -10.50
N PRO A 253 0.30 -18.01 -11.50
CA PRO A 253 -0.33 -16.70 -11.35
C PRO A 253 -1.85 -16.75 -11.49
N LEU A 254 -2.56 -16.38 -10.43
CA LEU A 254 -4.00 -16.22 -10.48
C LEU A 254 -4.29 -14.72 -10.58
N ILE A 255 -3.86 -14.14 -11.70
CA ILE A 255 -3.76 -12.69 -11.85
C ILE A 255 -5.10 -11.96 -11.84
N ASP A 256 -6.18 -12.66 -12.14
CA ASP A 256 -7.50 -12.02 -12.20
C ASP A 256 -8.10 -11.85 -10.81
N GLN A 257 -7.60 -12.63 -9.86
CA GLN A 257 -8.15 -12.62 -8.51
C GLN A 257 -7.22 -11.93 -7.50
N LEU A 258 -5.91 -12.14 -7.65
CA LEU A 258 -4.96 -11.72 -6.65
C LEU A 258 -3.97 -10.67 -7.14
N GLY A 259 -4.22 -10.12 -8.33
CA GLY A 259 -3.32 -9.14 -8.91
C GLY A 259 -3.64 -7.72 -8.49
N PHE A 260 -2.69 -6.80 -8.72
CA PHE A 260 -2.92 -5.39 -8.49
C PHE A 260 -2.90 -4.64 -9.82
N GLY A 261 -3.28 -3.37 -9.79
CA GLY A 261 -3.44 -2.61 -11.01
C GLY A 261 -2.42 -1.50 -11.20
N VAL A 262 -2.12 -1.21 -12.46
CA VAL A 262 -1.24 -0.11 -12.83
C VAL A 262 -1.88 0.67 -13.98
N ALA A 263 -2.01 1.98 -13.80
CA ALA A 263 -2.70 2.81 -14.77
C ALA A 263 -1.74 3.54 -15.70
N PRO A 264 -2.23 3.88 -16.91
CA PRO A 264 -1.44 4.66 -17.87
C PRO A 264 -1.37 6.12 -17.43
N GLY A 265 -0.28 6.80 -17.77
CA GLY A 265 -0.10 8.20 -17.42
C GLY A 265 0.56 8.38 -16.06
N PHE A 266 1.04 7.27 -15.49
CA PHE A 266 1.72 7.31 -14.19
C PHE A 266 2.92 6.37 -14.16
N GLN A 267 3.98 6.80 -13.47
CA GLN A 267 5.09 5.91 -13.15
C GLN A 267 4.85 5.34 -11.77
N THR A 268 4.66 4.02 -11.69
CA THR A 268 4.29 3.39 -10.45
C THR A 268 5.48 2.75 -9.74
N PHE A 269 5.67 3.11 -8.47
CA PHE A 269 6.72 2.52 -7.65
C PHE A 269 6.12 1.47 -6.72
N VAL A 270 6.77 0.33 -6.62
CA VAL A 270 6.28 -0.75 -5.77
C VAL A 270 7.39 -1.29 -4.86
N SER A 271 7.43 -0.78 -3.63
CA SER A 271 8.39 -1.24 -2.63
C SER A 271 7.90 -2.56 -2.05
N CYS A 272 8.69 -3.62 -2.22
CA CYS A 272 8.27 -4.96 -1.79
C CYS A 272 9.09 -5.46 -0.61
N GLN A 273 8.52 -6.44 0.10
CA GLN A 273 9.22 -7.09 1.21
C GLN A 273 8.87 -8.57 1.24
N GLU A 274 9.85 -9.42 0.93
CA GLU A 274 9.63 -10.85 0.89
C GLU A 274 9.35 -11.43 2.26
N GLN A 275 8.24 -12.15 2.39
CA GLN A 275 7.86 -12.78 3.64
C GLN A 275 7.66 -14.27 3.42
N ARG A 276 8.48 -15.07 4.10
CA ARG A 276 8.38 -16.50 3.96
C ARG A 276 7.76 -17.13 5.21
N LEU A 277 6.65 -17.83 5.01
CA LEU A 277 5.94 -18.46 6.12
C LEU A 277 6.03 -19.98 6.03
N ILE A 278 6.35 -20.61 7.15
CA ILE A 278 6.45 -22.06 7.22
C ILE A 278 5.48 -22.60 8.27
N TYR A 279 4.67 -23.58 7.89
CA TYR A 279 3.71 -24.19 8.80
C TYR A 279 4.11 -25.63 9.08
N LEU A 280 3.59 -26.18 10.17
CA LEU A 280 3.88 -27.57 10.54
C LEU A 280 2.75 -28.48 10.12
N PRO A 281 3.10 -29.67 9.61
CA PRO A 281 2.11 -30.69 9.23
C PRO A 281 1.51 -31.32 10.47
N PRO A 282 0.34 -31.95 10.32
CA PRO A 282 -0.34 -32.55 11.46
C PRO A 282 0.30 -33.81 12.04
N PRO A 283 0.78 -33.68 13.27
CA PRO A 283 -0.08 -33.73 14.45
C PRO A 283 0.01 -32.30 15.03
N TRP A 284 0.91 -31.49 14.47
CA TRP A 284 1.18 -30.14 14.98
C TRP A 284 0.32 -29.06 14.33
N GLY A 285 0.09 -29.20 13.03
CA GLY A 285 -0.65 -28.19 12.29
C GLY A 285 -1.69 -28.76 11.34
N ASP A 286 -2.19 -27.92 10.45
CA ASP A 286 -3.25 -28.31 9.52
C ASP A 286 -2.75 -28.38 8.09
N CYS A 287 -1.48 -28.03 7.89
CA CYS A 287 -0.92 -27.93 6.54
C CYS A 287 -0.53 -29.28 5.96
N LYS A 288 0.17 -29.24 4.84
CA LYS A 288 0.61 -30.45 4.16
C LYS A 288 1.67 -30.14 3.11
N GLY A 292 2.24 -32.55 -2.28
CA GLY A 292 1.69 -32.15 -3.56
C GLY A 292 1.29 -33.34 -4.42
N ASP A 293 0.07 -33.27 -4.98
CA ASP A 293 -0.42 -34.34 -5.82
C ASP A 293 0.37 -34.44 -7.12
N SER A 294 0.93 -33.32 -7.56
CA SER A 294 1.71 -33.26 -8.79
C SER A 294 0.88 -33.66 -10.00
N GLU A 295 -0.42 -33.41 -9.94
CA GLU A 295 -1.31 -33.73 -11.05
C GLU A 295 -1.07 -32.78 -12.22
N PHE A 296 -1.16 -31.47 -11.95
CA PHE A 296 -0.96 -30.47 -12.98
C PHE A 296 0.28 -29.62 -12.71
N TYR A 297 0.58 -29.39 -11.44
CA TYR A 297 1.68 -28.50 -11.06
C TYR A 297 2.73 -29.19 -10.19
N ASP A 298 3.95 -28.66 -10.22
CA ASP A 298 5.08 -29.26 -9.52
C ASP A 298 5.01 -29.10 -8.01
N THR A 299 4.76 -27.86 -7.56
CA THR A 299 4.70 -27.56 -6.14
C THR A 299 3.26 -27.25 -5.71
N TYR A 300 2.93 -27.56 -4.47
CA TYR A 300 1.59 -27.30 -3.96
C TYR A 300 1.37 -25.82 -3.65
N SER A 301 0.28 -25.28 -4.18
CA SER A 301 -0.07 -23.89 -3.97
C SER A 301 -1.58 -23.78 -3.87
N ILE A 302 -2.06 -22.86 -3.03
CA ILE A 302 -3.49 -22.60 -2.96
C ILE A 302 -4.01 -22.28 -4.36
N THR A 303 -3.24 -21.50 -5.10
CA THR A 303 -3.58 -21.17 -6.48
C THR A 303 -3.57 -22.42 -7.34
N ALA A 304 -2.51 -23.20 -7.24
CA ALA A 304 -2.39 -24.44 -7.99
C ALA A 304 -3.61 -25.32 -7.72
N CYS A 305 -4.00 -25.41 -6.46
CA CYS A 305 -5.16 -26.19 -6.06
C CYS A 305 -6.44 -25.68 -6.73
N ARG A 306 -6.59 -24.36 -6.77
CA ARG A 306 -7.77 -23.76 -7.39
C ARG A 306 -7.76 -23.94 -8.91
N ILE A 307 -6.63 -23.65 -9.54
CA ILE A 307 -6.49 -23.86 -10.98
C ILE A 307 -6.85 -25.32 -11.30
N ASP A 308 -6.41 -26.22 -10.43
CA ASP A 308 -6.72 -27.64 -10.57
C ASP A 308 -8.23 -27.86 -10.57
N CYS A 309 -8.89 -27.43 -9.49
CA CYS A 309 -10.33 -27.60 -9.35
C CYS A 309 -11.09 -26.96 -10.50
N GLU A 310 -10.75 -25.71 -10.82
CA GLU A 310 -11.38 -25.01 -11.94
C GLU A 310 -11.32 -25.84 -13.22
N THR A 311 -10.17 -26.48 -13.45
CA THR A 311 -9.98 -27.28 -14.64
C THR A 311 -10.88 -28.51 -14.66
N ARG A 312 -10.73 -29.37 -13.63
CA ARG A 312 -11.56 -30.56 -13.52
C ARG A 312 -13.03 -30.23 -13.63
N TYR A 313 -13.46 -29.24 -12.85
CA TYR A 313 -14.86 -28.80 -12.85
C TYR A 313 -15.30 -28.40 -14.24
N LEU A 314 -14.59 -27.46 -14.85
CA LEU A 314 -14.95 -26.95 -16.17
C LEU A 314 -14.92 -28.07 -17.21
N VAL A 315 -14.09 -29.08 -16.98
CA VAL A 315 -13.98 -30.21 -17.89
C VAL A 315 -15.20 -31.13 -17.77
N GLU A 316 -15.53 -31.51 -16.55
CA GLU A 316 -16.65 -32.44 -16.30
C GLU A 316 -18.00 -31.74 -16.45
N ASN A 317 -17.98 -30.48 -16.86
CA ASN A 317 -19.21 -29.73 -17.07
C ASN A 317 -19.38 -29.31 -18.53
N CYS A 318 -18.26 -29.14 -19.23
CA CYS A 318 -18.29 -28.64 -20.60
C CYS A 318 -17.53 -29.54 -21.57
N ASN A 319 -16.85 -30.54 -21.02
CA ASN A 319 -16.03 -31.45 -21.83
C ASN A 319 -14.96 -30.70 -22.60
N CYS A 320 -14.43 -29.65 -21.98
CA CYS A 320 -13.36 -28.86 -22.57
C CYS A 320 -12.74 -27.96 -21.50
N ARG A 321 -11.57 -27.42 -21.81
CA ARG A 321 -10.87 -26.53 -20.89
C ARG A 321 -10.65 -25.17 -21.54
N MET A 322 -10.50 -24.14 -20.71
CA MET A 322 -10.20 -22.81 -21.21
C MET A 322 -8.70 -22.66 -21.50
N VAL A 323 -8.39 -21.81 -22.47
CA VAL A 323 -7.01 -21.64 -22.96
C VAL A 323 -5.96 -21.60 -21.84
N HIS A 324 -6.31 -20.99 -20.72
CA HIS A 324 -5.33 -20.75 -19.66
C HIS A 324 -5.22 -21.90 -18.66
N MET A 325 -5.89 -23.01 -18.93
CA MET A 325 -5.94 -24.12 -17.98
C MET A 325 -5.00 -25.26 -18.32
N PRO A 326 -4.49 -25.95 -17.28
CA PRO A 326 -3.57 -27.08 -17.43
C PRO A 326 -4.28 -28.32 -17.97
N GLY A 327 -3.70 -29.49 -17.75
CA GLY A 327 -4.27 -30.73 -18.23
C GLY A 327 -4.13 -30.90 -19.72
N ASP A 328 -4.91 -31.81 -20.30
CA ASP A 328 -4.84 -32.08 -21.73
C ASP A 328 -6.23 -32.34 -22.31
N ALA A 329 -7.14 -31.39 -22.11
CA ALA A 329 -8.49 -31.50 -22.62
C ALA A 329 -8.68 -30.62 -23.85
N PRO A 330 -9.64 -30.97 -24.71
CA PRO A 330 -9.90 -30.14 -25.88
C PRO A 330 -10.21 -28.70 -25.50
N TYR A 331 -9.55 -27.75 -26.16
CA TYR A 331 -9.76 -26.34 -25.86
C TYR A 331 -11.18 -25.91 -26.24
N CYS A 332 -11.84 -25.20 -25.34
CA CYS A 332 -13.19 -24.73 -25.56
C CYS A 332 -13.29 -23.82 -26.79
N THR A 333 -14.37 -23.96 -27.54
CA THR A 333 -14.61 -23.12 -28.71
C THR A 333 -15.30 -21.84 -28.27
N PRO A 334 -15.27 -20.81 -29.12
CA PRO A 334 -15.95 -19.55 -28.80
C PRO A 334 -17.40 -19.78 -28.38
N GLU A 335 -18.07 -20.71 -29.04
CA GLU A 335 -19.45 -21.05 -28.68
C GLU A 335 -19.50 -21.68 -27.30
N GLN A 336 -18.58 -22.60 -27.04
CA GLN A 336 -18.52 -23.27 -25.75
C GLN A 336 -18.27 -22.29 -24.61
N TYR A 337 -17.44 -21.29 -24.88
CA TYR A 337 -17.16 -20.24 -23.89
C TYR A 337 -18.45 -19.58 -23.42
N LYS A 338 -19.22 -19.07 -24.37
CA LYS A 338 -20.44 -18.33 -24.07
C LYS A 338 -21.49 -19.16 -23.35
N GLU A 339 -21.66 -20.41 -23.75
CA GLU A 339 -22.78 -21.23 -23.27
C GLU A 339 -22.43 -22.24 -22.19
N CYS A 340 -21.14 -22.45 -21.93
CA CYS A 340 -20.74 -23.41 -20.91
C CYS A 340 -19.52 -22.96 -20.12
N ALA A 341 -18.41 -22.73 -20.83
CA ALA A 341 -17.14 -22.41 -20.19
C ALA A 341 -17.21 -21.27 -19.18
N ASP A 342 -17.48 -20.06 -19.67
CA ASP A 342 -17.52 -18.88 -18.81
C ASP A 342 -18.48 -19.04 -17.63
N PRO A 343 -19.77 -19.33 -17.92
CA PRO A 343 -20.76 -19.50 -16.85
C PRO A 343 -20.29 -20.48 -15.77
N ALA A 344 -19.91 -21.69 -16.18
CA ALA A 344 -19.50 -22.72 -15.24
C ALA A 344 -18.34 -22.28 -14.37
N LEU A 345 -17.42 -21.51 -14.94
CA LEU A 345 -16.23 -21.05 -14.21
C LEU A 345 -16.58 -19.92 -13.25
N ASP A 346 -17.31 -18.93 -13.75
CA ASP A 346 -17.75 -17.81 -12.92
C ASP A 346 -18.49 -18.32 -11.68
N PHE A 347 -19.43 -19.23 -11.90
CA PHE A 347 -20.19 -19.81 -10.81
C PHE A 347 -19.28 -20.51 -9.80
N LEU A 348 -18.38 -21.34 -10.29
CA LEU A 348 -17.46 -22.08 -9.43
C LEU A 348 -16.66 -21.17 -8.52
N VAL A 349 -16.22 -20.05 -9.07
CA VAL A 349 -15.35 -19.13 -8.34
C VAL A 349 -16.10 -18.18 -7.42
N GLU A 350 -17.19 -17.60 -7.91
CA GLU A 350 -17.90 -16.55 -7.19
C GLU A 350 -19.05 -17.08 -6.34
N LYS A 351 -19.62 -18.21 -6.73
CA LYS A 351 -20.83 -18.71 -6.06
C LYS A 351 -20.64 -20.04 -5.32
N ASP A 352 -19.87 -20.95 -5.91
CA ASP A 352 -19.68 -22.28 -5.30
C ASP A 352 -18.60 -22.27 -4.24
N ASN A 353 -18.92 -22.84 -3.07
CA ASN A 353 -17.95 -22.99 -1.99
C ASN A 353 -17.96 -24.40 -1.41
N GLU A 354 -18.33 -25.37 -2.24
CA GLU A 354 -18.40 -26.77 -1.81
C GLU A 354 -17.41 -27.62 -2.58
N TYR A 355 -17.28 -27.37 -3.88
CA TYR A 355 -16.48 -28.20 -4.77
C TYR A 355 -15.01 -28.27 -4.39
N CYS A 356 -14.31 -27.14 -4.48
CA CYS A 356 -12.88 -27.11 -4.21
C CYS A 356 -12.58 -26.93 -2.72
N VAL A 357 -11.77 -27.83 -2.18
CA VAL A 357 -11.35 -27.75 -0.79
C VAL A 357 -9.83 -27.79 -0.70
N CYS A 358 -9.22 -26.61 -0.76
CA CYS A 358 -7.76 -26.51 -0.73
C CYS A 358 -7.23 -26.45 0.70
N GLU A 359 -6.27 -27.33 1.01
CA GLU A 359 -5.63 -27.33 2.31
C GLU A 359 -4.59 -26.23 2.38
N MET A 360 -4.09 -25.95 3.57
CA MET A 360 -3.06 -24.93 3.75
C MET A 360 -1.68 -25.47 3.41
N PRO A 361 -0.92 -24.74 2.59
CA PRO A 361 0.45 -25.13 2.22
C PRO A 361 1.39 -25.01 3.40
N CYS A 362 2.43 -25.86 3.44
CA CYS A 362 3.42 -25.80 4.50
C CYS A 362 4.49 -24.76 4.20
N ASN A 363 4.44 -24.19 3.00
CA ASN A 363 5.42 -23.20 2.59
C ASN A 363 4.78 -22.11 1.74
N VAL A 364 4.74 -20.89 2.28
CA VAL A 364 4.12 -19.77 1.58
C VAL A 364 5.08 -18.59 1.45
N THR A 365 5.13 -18.02 0.25
CA THR A 365 5.97 -16.85 -0.01
C THR A 365 5.10 -15.65 -0.35
N ARG A 366 5.06 -14.68 0.56
CA ARG A 366 4.21 -13.51 0.42
C ARG A 366 5.05 -12.26 0.21
N TYR A 367 4.60 -11.38 -0.66
CA TYR A 367 5.33 -10.14 -0.94
C TYR A 367 4.53 -8.90 -0.54
N GLY A 368 4.94 -8.26 0.54
CA GLY A 368 4.30 -7.04 1.00
C GLY A 368 4.54 -5.89 0.04
N LYS A 369 3.48 -5.47 -0.63
CA LYS A 369 3.59 -4.43 -1.66
C LYS A 369 3.17 -3.05 -1.15
N GLU A 370 3.88 -2.02 -1.62
CA GLU A 370 3.62 -0.65 -1.24
C GLU A 370 3.69 0.25 -2.47
N LEU A 371 2.54 0.69 -2.96
CA LEU A 371 2.47 1.42 -4.22
C LEU A 371 2.48 2.94 -4.07
N SER A 372 2.77 3.61 -5.18
CA SER A 372 2.89 5.06 -5.25
C SER A 372 3.12 5.44 -6.70
N MET A 373 2.79 6.68 -7.07
CA MET A 373 2.90 7.06 -8.48
C MET A 373 3.16 8.55 -8.71
N VAL A 374 3.63 8.87 -9.92
CA VAL A 374 3.83 10.25 -10.36
C VAL A 374 3.38 10.37 -11.81
N LYS A 375 2.92 11.55 -12.19
CA LYS A 375 2.36 11.76 -13.53
C LYS A 375 3.42 11.63 -14.62
N ILE A 376 2.99 11.21 -15.81
CA ILE A 376 3.86 11.10 -16.97
C ILE A 376 3.02 11.21 -18.25
N PRO A 377 3.48 12.05 -19.20
CA PRO A 377 4.73 12.81 -19.14
C PRO A 377 4.53 14.18 -18.51
N SER A 378 5.63 14.82 -18.14
CA SER A 378 5.57 16.21 -17.70
C SER A 378 5.24 17.06 -18.92
N LYS A 379 4.73 18.26 -18.69
CA LYS A 379 4.30 19.13 -19.79
C LYS A 379 5.45 19.37 -20.77
N ALA A 380 6.67 19.18 -20.29
CA ALA A 380 7.86 19.43 -21.12
C ALA A 380 8.29 18.19 -21.89
N SER A 381 8.43 17.07 -21.20
CA SER A 381 8.92 15.84 -21.82
C SER A 381 7.87 15.18 -22.71
N ALA A 382 6.69 15.78 -22.79
CA ALA A 382 5.62 15.23 -23.62
C ALA A 382 5.98 15.28 -25.09
N LYS A 383 6.33 16.47 -25.57
CA LYS A 383 6.62 16.66 -27.00
C LYS A 383 7.86 15.87 -27.42
N TYR A 384 8.69 15.49 -26.45
CA TYR A 384 9.87 14.69 -26.73
C TYR A 384 9.51 13.22 -26.90
N LEU A 385 8.71 12.70 -25.97
CA LEU A 385 8.26 11.32 -26.03
C LEU A 385 7.36 11.09 -27.25
N ALA A 386 6.65 12.15 -27.64
CA ALA A 386 5.78 12.07 -28.81
C ALA A 386 6.59 11.84 -30.08
N LYS A 387 7.73 12.51 -30.16
CA LYS A 387 8.59 12.38 -31.33
C LYS A 387 9.40 11.08 -31.31
N LYS A 388 9.82 10.66 -30.13
CA LYS A 388 10.63 9.46 -29.99
C LYS A 388 9.87 8.19 -30.39
N TYR A 389 8.56 8.20 -30.21
CA TYR A 389 7.74 7.03 -30.53
C TYR A 389 6.73 7.32 -31.62
N ASN A 390 6.92 8.42 -32.34
CA ASN A 390 6.06 8.78 -33.47
C ASN A 390 4.57 8.75 -33.12
N LYS A 391 4.24 9.18 -31.90
CA LYS A 391 2.86 9.25 -31.46
C LYS A 391 2.50 10.70 -31.13
N SER A 392 1.20 10.98 -31.00
CA SER A 392 0.74 12.30 -30.64
C SER A 392 0.99 12.54 -29.15
N GLU A 393 1.04 13.81 -28.76
CA GLU A 393 1.27 14.15 -27.36
C GLU A 393 0.16 13.59 -26.47
N GLN A 394 -1.07 13.71 -26.93
CA GLN A 394 -2.22 13.20 -26.17
C GLN A 394 -2.10 11.69 -26.00
N TYR A 395 -1.63 11.01 -27.04
CA TYR A 395 -1.48 9.56 -27.01
C TYR A 395 -0.54 9.14 -25.88
N ILE A 396 0.61 9.80 -25.79
CA ILE A 396 1.61 9.46 -24.78
C ILE A 396 1.01 9.46 -23.38
N GLY A 397 0.14 10.43 -23.11
CA GLY A 397 -0.47 10.56 -21.81
C GLY A 397 -1.49 9.48 -21.50
N GLU A 398 -2.12 8.95 -22.54
CA GLU A 398 -3.16 7.94 -22.37
C GLU A 398 -2.63 6.51 -22.42
N ASN A 399 -1.41 6.34 -22.94
CA ASN A 399 -0.90 5.00 -23.20
C ASN A 399 0.42 4.64 -22.51
N ILE A 400 1.32 5.60 -22.41
CA ILE A 400 2.64 5.32 -21.83
C ILE A 400 2.55 5.03 -20.33
N LEU A 401 3.39 4.11 -19.87
CA LEU A 401 3.33 3.62 -18.50
C LEU A 401 4.73 3.24 -18.05
N VAL A 402 5.03 3.46 -16.77
CA VAL A 402 6.32 3.07 -16.22
C VAL A 402 6.14 2.37 -14.88
N LEU A 403 6.74 1.19 -14.74
CA LEU A 403 6.60 0.40 -13.52
C LEU A 403 7.95 0.05 -12.92
N ASP A 404 8.13 0.40 -11.65
CA ASP A 404 9.36 0.09 -10.92
C ASP A 404 9.08 -0.85 -9.76
N ILE A 405 9.48 -2.11 -9.91
CA ILE A 405 9.30 -3.08 -8.85
C ILE A 405 10.65 -3.41 -8.20
N PHE A 406 10.73 -3.24 -6.89
CA PHE A 406 11.98 -3.41 -6.17
C PHE A 406 11.75 -3.74 -4.69
N PHE A 407 12.86 -3.95 -3.98
CA PHE A 407 12.80 -4.21 -2.54
C PHE A 407 13.36 -3.01 -1.77
N GLU A 408 12.99 -2.94 -0.49
CA GLU A 408 13.51 -1.89 0.38
C GLU A 408 14.68 -2.42 1.20
N ALA A 409 15.18 -1.61 2.12
CA ALA A 409 16.25 -2.01 3.02
C ALA A 409 15.94 -3.37 3.67
N LEU A 410 14.97 -3.38 4.58
CA LEU A 410 14.50 -4.62 5.17
C LEU A 410 13.68 -5.38 4.13
N ASN A 411 14.18 -6.54 3.72
CA ASN A 411 13.62 -7.23 2.57
C ASN A 411 13.20 -8.68 2.80
N TYR A 412 13.63 -9.27 3.92
CA TYR A 412 13.39 -10.68 4.15
C TYR A 412 12.87 -10.98 5.56
N GLU A 413 11.60 -11.33 5.65
CA GLU A 413 10.98 -11.67 6.93
C GLU A 413 10.46 -13.10 6.93
N THR A 414 10.68 -13.82 8.02
CA THR A 414 10.25 -15.21 8.11
C THR A 414 9.38 -15.48 9.34
N ILE A 415 8.23 -16.09 9.11
CA ILE A 415 7.33 -16.49 10.19
C ILE A 415 7.16 -18.00 10.14
N GLU A 416 7.88 -18.69 11.00
CA GLU A 416 7.95 -20.15 10.94
C GLU A 416 7.44 -20.83 12.20
N GLN A 417 6.64 -21.87 12.03
CA GLN A 417 6.13 -22.65 13.14
C GLN A 417 7.11 -23.75 13.51
N LYS A 418 7.65 -23.68 14.74
CA LYS A 418 8.58 -24.69 15.22
C LYS A 418 7.91 -25.59 16.25
N LYS A 419 8.37 -26.83 16.31
CA LYS A 419 7.85 -27.79 17.30
C LYS A 419 8.22 -27.34 18.70
N ALA A 420 7.21 -26.90 19.45
CA ALA A 420 7.43 -26.35 20.78
C ALA A 420 8.16 -27.35 21.70
N TYR A 421 7.59 -28.54 21.84
CA TYR A 421 8.13 -29.52 22.77
C TYR A 421 8.44 -30.83 22.05
N GLU A 422 9.72 -31.05 21.77
CA GLU A 422 10.15 -32.25 21.05
C GLU A 422 10.50 -33.37 22.02
N VAL A 423 10.83 -34.54 21.48
CA VAL A 423 11.16 -35.71 22.29
C VAL A 423 12.44 -35.50 23.09
N ALA A 424 13.40 -34.79 22.49
CA ALA A 424 14.67 -34.53 23.15
C ALA A 424 14.51 -33.90 24.52
N GLY A 425 13.98 -32.68 24.55
CA GLY A 425 13.78 -31.95 25.79
C GLY A 425 12.85 -32.65 26.75
N LEU A 426 11.94 -33.46 26.21
CA LEU A 426 10.98 -34.21 27.02
C LEU A 426 11.69 -35.20 27.94
N LEU A 427 12.62 -35.95 27.35
CA LEU A 427 13.34 -36.98 28.09
C LEU A 427 14.37 -36.36 29.04
N GLY A 428 14.52 -35.05 28.99
CA GLY A 428 15.46 -34.36 29.84
C GLY A 428 15.01 -34.30 31.27
N ASP A 429 13.81 -33.78 31.48
CA ASP A 429 13.26 -33.63 32.82
C ASP A 429 12.66 -34.94 33.33
N ILE A 430 12.01 -35.67 32.44
CA ILE A 430 11.45 -36.97 32.78
C ILE A 430 12.57 -37.99 33.00
N GLY A 431 13.69 -37.78 32.32
CA GLY A 431 14.85 -38.64 32.46
C GLY A 431 15.62 -38.37 33.74
N GLY A 432 15.49 -37.15 34.25
CA GLY A 432 16.17 -36.77 35.47
C GLY A 432 15.55 -37.42 36.70
N GLN A 433 14.32 -37.89 36.55
CA GLN A 433 13.62 -38.56 37.64
C GLN A 433 13.89 -40.06 37.66
N MET A 434 14.57 -40.54 36.63
CA MET A 434 14.90 -41.96 36.52
C MET A 434 16.05 -42.32 37.45
N GLY A 435 17.01 -41.41 37.57
CA GLY A 435 18.19 -41.62 38.39
C GLY A 435 17.83 -41.90 39.84
N LEU A 436 16.62 -41.53 40.24
CA LEU A 436 16.17 -41.73 41.61
C LEU A 436 15.37 -43.02 41.75
N PHE A 437 14.69 -43.43 40.69
CA PHE A 437 13.91 -44.66 40.69
C PHE A 437 14.81 -45.87 40.48
N ILE A 438 15.98 -45.64 39.89
CA ILE A 438 16.95 -46.70 39.66
C ILE A 438 17.80 -46.94 40.91
N GLY A 439 18.10 -45.86 41.63
CA GLY A 439 18.88 -45.96 42.84
C GLY A 439 18.09 -46.59 43.98
N ALA A 440 16.77 -46.49 43.89
CA ALA A 440 15.89 -47.04 44.92
C ALA A 440 15.48 -48.47 44.58
N SER A 441 15.56 -48.82 43.30
CA SER A 441 15.19 -50.15 42.85
C SER A 441 16.25 -51.18 43.20
N ILE A 442 17.43 -50.69 43.58
CA ILE A 442 18.54 -51.55 43.97
C ILE A 442 18.49 -51.88 45.46
N LEU A 443 18.18 -50.87 46.27
CA LEU A 443 18.09 -51.05 47.71
C LEU A 443 16.98 -52.02 48.10
N THR A 444 16.05 -52.25 47.18
CA THR A 444 14.94 -53.17 47.42
C THR A 444 15.19 -54.52 46.76
N LEU B 45 30.45 -49.02 39.58
CA LEU B 45 30.36 -49.17 38.14
C LEU B 45 29.06 -48.55 37.61
N CYS B 46 27.99 -48.69 38.38
CA CYS B 46 26.70 -48.12 38.01
C CYS B 46 26.66 -46.64 38.38
N PHE B 47 27.52 -46.25 39.32
CA PHE B 47 27.63 -44.86 39.71
C PHE B 47 28.59 -44.14 38.76
N MET B 48 29.69 -44.79 38.42
CA MET B 48 30.64 -44.25 37.44
C MET B 48 30.14 -44.47 36.01
N GLY B 49 28.96 -45.06 35.89
CA GLY B 49 28.36 -45.34 34.59
C GLY B 49 27.40 -44.25 34.16
N SER B 50 26.57 -43.81 35.09
CA SER B 50 25.68 -42.67 34.83
C SER B 50 26.50 -41.40 34.89
N LEU B 51 27.69 -41.52 35.48
CA LEU B 51 28.63 -40.41 35.56
C LEU B 51 29.17 -40.05 34.18
N ALA B 52 29.47 -41.07 33.38
CA ALA B 52 29.97 -40.87 32.03
C ALA B 52 28.82 -40.61 31.06
N LEU B 53 27.60 -40.69 31.58
CA LEU B 53 26.41 -40.40 30.77
C LEU B 53 25.93 -38.97 31.04
N LEU B 54 26.13 -38.51 32.27
CA LEU B 54 25.77 -37.15 32.63
C LEU B 54 26.94 -36.20 32.36
N ALA B 55 28.05 -36.75 31.89
CA ALA B 55 29.20 -35.95 31.51
C ALA B 55 29.13 -35.64 30.02
N LEU B 56 28.25 -36.34 29.33
CA LEU B 56 28.01 -36.09 27.91
C LEU B 56 26.76 -35.24 27.74
N VAL B 57 25.96 -35.17 28.80
CA VAL B 57 24.76 -34.35 28.81
C VAL B 57 25.02 -33.05 29.58
N CYS B 58 25.99 -33.10 30.48
CA CYS B 58 26.44 -31.90 31.18
C CYS B 58 27.03 -30.94 30.15
N THR B 59 27.74 -31.51 29.19
CA THR B 59 28.31 -30.74 28.09
C THR B 59 27.32 -30.64 26.95
N ASN B 60 26.02 -30.69 27.27
CA ASN B 60 24.99 -30.64 26.26
C ASN B 60 24.24 -29.31 26.25
N ARG B 61 23.84 -28.85 27.43
CA ARG B 61 23.18 -27.55 27.53
C ARG B 61 24.17 -26.43 27.23
N ILE B 62 25.45 -26.72 27.42
CA ILE B 62 26.50 -25.77 27.10
C ILE B 62 26.70 -25.69 25.60
N GLN B 63 26.42 -26.79 24.92
CA GLN B 63 26.47 -26.81 23.46
C GLN B 63 25.43 -25.86 22.91
N TYR B 64 24.27 -25.82 23.56
CA TYR B 64 23.19 -24.92 23.18
C TYR B 64 23.54 -23.48 23.54
N TYR B 65 24.49 -23.32 24.47
CA TYR B 65 24.93 -21.98 24.87
C TYR B 65 25.91 -21.41 23.87
N PHE B 66 27.00 -22.12 23.63
CA PHE B 66 27.92 -21.74 22.57
C PHE B 66 27.16 -21.77 21.27
N LEU B 67 25.86 -22.00 21.36
CA LEU B 67 25.07 -21.80 20.16
C LEU B 67 24.70 -20.33 20.03
N TYR B 68 24.67 -19.62 21.14
CA TYR B 68 24.28 -18.21 21.15
C TYR B 68 22.93 -17.99 20.48
N PRO B 69 21.90 -18.72 20.96
CA PRO B 69 20.56 -18.62 20.39
C PRO B 69 19.93 -17.28 20.73
N HIS B 70 18.93 -16.87 19.94
CA HIS B 70 18.29 -15.58 20.14
C HIS B 70 16.79 -15.67 19.90
N VAL B 71 16.01 -15.22 20.87
CA VAL B 71 14.56 -15.15 20.72
C VAL B 71 14.19 -13.78 20.16
N THR B 72 13.24 -13.75 19.24
CA THR B 72 12.79 -12.50 18.65
C THR B 72 11.43 -12.10 19.18
N LYS B 73 11.42 -11.26 20.21
CA LYS B 73 10.18 -10.80 20.82
C LYS B 73 9.45 -9.79 19.95
N LEU B 74 8.15 -9.97 19.80
CA LEU B 74 7.31 -9.07 19.04
C LEU B 74 6.38 -8.30 19.98
N ASP B 75 6.03 -7.07 19.60
CA ASP B 75 5.12 -6.25 20.38
C ASP B 75 4.56 -5.09 19.56
N GLU B 76 3.28 -5.19 19.21
CA GLU B 76 2.62 -4.15 18.43
C GLU B 76 1.62 -3.38 19.29
N VAL B 77 2.06 -2.25 19.82
CA VAL B 77 1.23 -1.45 20.72
C VAL B 77 0.98 -0.05 20.17
N ALA B 78 0.31 0.77 20.97
CA ALA B 78 0.08 2.17 20.62
C ALA B 78 0.73 3.06 21.67
N ALA B 79 1.70 3.86 21.24
CA ALA B 79 2.42 4.74 22.16
C ALA B 79 1.61 6.00 22.46
N THR B 80 1.66 6.43 23.72
CA THR B 80 1.00 7.67 24.11
C THR B 80 1.61 8.85 23.38
N ARG B 81 2.94 8.87 23.31
CA ARG B 81 3.67 9.86 22.54
C ARG B 81 4.36 9.18 21.36
N LEU B 82 4.42 9.86 20.23
CA LEU B 82 5.06 9.30 19.05
C LEU B 82 5.95 10.34 18.39
N THR B 83 7.23 10.00 18.23
CA THR B 83 8.17 10.91 17.59
C THR B 83 7.96 10.91 16.08
N PHE B 84 7.24 11.92 15.60
CA PHE B 84 6.95 12.03 14.18
C PHE B 84 8.23 12.02 13.37
N PRO B 85 8.24 11.23 12.27
CA PRO B 85 9.44 11.02 11.45
C PRO B 85 9.81 12.26 10.64
N ALA B 86 10.98 12.22 10.01
CA ALA B 86 11.40 13.28 9.11
C ALA B 86 10.78 13.04 7.73
N VAL B 87 10.32 14.11 7.09
CA VAL B 87 9.69 14.00 5.80
C VAL B 87 10.44 14.80 4.74
N THR B 88 11.31 14.12 4.00
CA THR B 88 12.06 14.75 2.92
C THR B 88 11.32 14.58 1.60
N PHE B 89 11.14 15.69 0.89
CA PHE B 89 10.48 15.64 -0.40
C PHE B 89 11.23 16.47 -1.42
N CYS B 90 11.18 16.04 -2.68
CA CYS B 90 11.89 16.74 -3.75
C CYS B 90 11.02 16.86 -5.00
N ASN B 91 11.24 17.94 -5.74
CA ASN B 91 10.55 18.13 -7.02
C ASN B 91 11.28 17.37 -8.13
N LEU B 92 10.52 16.71 -9.00
CA LEU B 92 11.11 15.90 -10.05
C LEU B 92 11.96 16.73 -11.02
N ASN B 93 11.57 17.99 -11.22
CA ASN B 93 12.34 18.92 -12.03
C ASN B 93 13.48 19.53 -11.23
N GLU B 94 14.67 19.59 -11.81
CA GLU B 94 15.86 20.03 -11.08
C GLU B 94 16.10 21.53 -11.07
N PHE B 95 15.98 22.17 -12.23
CA PHE B 95 16.27 23.59 -12.34
C PHE B 95 15.10 24.40 -12.90
N ARG B 96 14.82 25.53 -12.27
CA ARG B 96 13.78 26.44 -12.76
C ARG B 96 14.20 27.10 -14.07
N PHE B 97 13.33 27.03 -15.07
CA PHE B 97 13.62 27.55 -16.39
C PHE B 97 13.89 29.05 -16.37
N SER B 98 13.26 29.75 -15.43
CA SER B 98 13.39 31.21 -15.35
C SER B 98 14.62 31.64 -14.58
N ARG B 99 15.28 30.69 -13.93
CA ARG B 99 16.46 31.01 -13.12
C ARG B 99 17.77 30.67 -13.84
N VAL B 100 17.67 29.87 -14.89
CA VAL B 100 18.85 29.53 -15.69
C VAL B 100 19.31 30.75 -16.50
N THR B 101 20.46 31.28 -16.12
CA THR B 101 21.00 32.46 -16.79
C THR B 101 21.87 32.07 -17.98
N LYS B 102 22.29 33.07 -18.75
CA LYS B 102 23.14 32.83 -19.91
C LYS B 102 24.41 32.10 -19.52
N ASN B 103 25.04 32.54 -18.44
CA ASN B 103 26.26 31.91 -17.95
C ASN B 103 26.02 30.46 -17.53
N ASP B 104 24.88 30.21 -16.91
CA ASP B 104 24.52 28.85 -16.48
C ASP B 104 24.33 27.94 -17.68
N LEU B 105 23.63 28.44 -18.70
CA LEU B 105 23.39 27.69 -19.91
C LEU B 105 24.72 27.38 -20.62
N TYR B 106 25.70 28.24 -20.39
CA TYR B 106 27.01 28.07 -21.02
C TYR B 106 27.80 26.96 -20.35
N HIS B 107 27.75 26.90 -19.03
CA HIS B 107 28.52 25.93 -18.27
C HIS B 107 27.84 24.57 -18.18
N ALA B 108 26.53 24.57 -17.96
CA ALA B 108 25.81 23.32 -17.76
C ALA B 108 24.74 23.08 -18.82
N GLY B 109 24.85 23.80 -19.95
CA GLY B 109 23.91 23.65 -21.03
C GLY B 109 23.96 22.26 -21.65
N GLU B 110 25.18 21.76 -21.85
CA GLU B 110 25.38 20.44 -22.43
C GLU B 110 24.87 19.34 -21.49
N LEU B 111 25.07 19.55 -20.20
CA LEU B 111 24.65 18.57 -19.20
C LEU B 111 23.13 18.42 -19.18
N LEU B 112 22.42 19.53 -19.39
CA LEU B 112 20.97 19.52 -19.36
C LEU B 112 20.37 19.18 -20.72
N ALA B 113 21.24 18.78 -21.65
CA ALA B 113 20.81 18.41 -23.00
C ALA B 113 20.17 19.60 -23.73
N LEU B 114 20.45 20.80 -23.26
CA LEU B 114 19.94 22.02 -23.90
C LEU B 114 20.93 22.54 -24.93
N LEU B 115 22.13 21.96 -24.92
CA LEU B 115 23.17 22.32 -25.88
C LEU B 115 23.95 21.09 -26.31
N ASN B 116 24.46 21.11 -27.54
CA ASN B 116 25.30 20.03 -28.04
C ASN B 116 26.74 20.21 -27.59
N ASN B 117 27.62 19.34 -28.07
CA ASN B 117 29.03 19.40 -27.68
C ASN B 117 29.75 20.63 -28.24
N ARG B 118 29.01 21.47 -28.95
CA ARG B 118 29.59 22.67 -29.56
C ARG B 118 28.86 23.95 -29.18
N TYR B 119 28.32 23.98 -27.96
CA TYR B 119 27.68 25.17 -27.42
C TYR B 119 26.58 25.73 -28.32
N GLU B 120 25.86 24.84 -29.00
CA GLU B 120 24.76 25.26 -29.85
C GLU B 120 23.46 24.57 -29.43
N ILE B 121 22.34 25.18 -29.75
CA ILE B 121 21.04 24.58 -29.46
C ILE B 121 20.78 23.42 -30.42
N PRO B 122 20.69 22.21 -29.86
CA PRO B 122 20.51 20.97 -30.64
C PRO B 122 19.39 21.10 -31.66
N ASP B 123 19.59 20.51 -32.84
CA ASP B 123 18.59 20.52 -33.89
C ASP B 123 17.43 19.60 -33.53
N THR B 124 17.67 18.70 -32.59
CA THR B 124 16.65 17.75 -32.15
C THR B 124 15.71 18.38 -31.13
N GLN B 125 15.79 19.69 -30.99
CA GLN B 125 14.94 20.40 -30.04
C GLN B 125 13.46 20.19 -30.35
N THR B 126 12.68 19.97 -29.31
CA THR B 126 11.25 19.73 -29.46
C THR B 126 10.44 20.63 -28.53
N ALA B 127 10.59 21.94 -28.71
CA ALA B 127 9.87 22.91 -27.89
C ALA B 127 9.10 23.89 -28.77
N ASP B 128 8.12 24.56 -28.18
CA ASP B 128 7.31 25.54 -28.90
C ASP B 128 8.19 26.70 -29.38
N GLU B 129 7.64 27.53 -30.26
CA GLU B 129 8.39 28.63 -30.83
C GLU B 129 8.45 29.84 -29.90
N LYS B 130 7.84 29.71 -28.72
CA LYS B 130 7.86 30.79 -27.74
C LYS B 130 9.00 30.63 -26.74
N GLN B 131 9.28 29.39 -26.35
CA GLN B 131 10.41 29.10 -25.48
C GLN B 131 11.70 29.02 -26.29
N LEU B 132 11.56 28.74 -27.58
CA LEU B 132 12.71 28.65 -28.47
C LEU B 132 13.40 30.01 -28.58
N GLU B 133 12.60 31.06 -28.74
CA GLU B 133 13.13 32.42 -28.84
C GLU B 133 13.81 32.83 -27.54
N ILE B 134 13.13 32.63 -26.42
CA ILE B 134 13.66 32.97 -25.11
C ILE B 134 14.94 32.18 -24.82
N LEU B 135 15.01 30.96 -25.34
CA LEU B 135 16.16 30.09 -25.08
C LEU B 135 17.32 30.40 -26.04
N GLN B 136 16.99 30.91 -27.22
CA GLN B 136 18.01 31.27 -28.19
C GLN B 136 18.73 32.55 -27.81
N ASP B 137 18.00 33.53 -27.28
CA ASP B 137 18.61 34.76 -26.79
C ASP B 137 19.47 34.46 -25.57
N LYS B 138 19.21 33.34 -24.93
CA LYS B 138 19.97 32.93 -23.75
C LYS B 138 21.19 32.12 -24.16
N ALA B 139 21.10 31.48 -25.31
CA ALA B 139 22.20 30.67 -25.83
C ALA B 139 23.06 31.48 -26.79
N ASN B 140 22.83 32.79 -26.84
CA ASN B 140 23.62 33.68 -27.67
C ASN B 140 24.92 34.08 -26.96
N PHE B 141 26.02 33.44 -27.35
CA PHE B 141 27.30 33.66 -26.68
C PHE B 141 28.24 34.56 -27.48
N ARG B 142 27.70 35.26 -28.47
CA ARG B 142 28.51 36.20 -29.24
C ARG B 142 28.91 37.38 -28.37
N ASN B 143 30.21 37.61 -28.25
CA ASN B 143 30.74 38.64 -27.37
C ASN B 143 30.34 38.40 -25.91
N PHE B 144 30.46 37.15 -25.48
CA PHE B 144 30.12 36.77 -24.11
C PHE B 144 31.34 36.25 -23.36
N LYS B 145 31.56 36.78 -22.16
CA LYS B 145 32.67 36.34 -21.33
C LYS B 145 32.19 35.51 -20.15
N PRO B 146 32.53 34.22 -20.14
CA PRO B 146 32.10 33.24 -19.13
C PRO B 146 32.54 33.63 -17.72
N LYS B 147 31.57 33.91 -16.86
CA LYS B 147 31.85 34.17 -15.46
C LYS B 147 32.03 32.83 -14.75
N PRO B 148 32.63 32.85 -13.55
CA PRO B 148 32.80 31.60 -12.80
C PRO B 148 31.47 30.92 -12.53
N PHE B 149 31.48 29.59 -12.40
CA PHE B 149 30.26 28.82 -12.22
C PHE B 149 30.45 27.72 -11.17
N ASN B 150 29.46 27.56 -10.30
CA ASN B 150 29.53 26.56 -9.25
C ASN B 150 28.25 25.76 -9.14
N MET B 151 28.37 24.44 -9.23
CA MET B 151 27.20 23.55 -9.21
C MET B 151 26.34 23.73 -7.97
N LEU B 152 26.96 23.64 -6.80
CA LEU B 152 26.23 23.79 -5.55
C LEU B 152 25.44 25.09 -5.52
N GLU B 153 26.02 26.15 -6.07
CA GLU B 153 25.35 27.44 -6.16
C GLU B 153 24.20 27.36 -7.15
N PHE B 154 24.42 26.66 -8.26
CA PHE B 154 23.41 26.51 -9.30
C PHE B 154 22.18 25.79 -8.77
N TYR B 155 22.40 24.64 -8.14
CA TYR B 155 21.31 23.88 -7.52
C TYR B 155 20.56 24.73 -6.51
N ASP B 156 21.31 25.44 -5.67
CA ASP B 156 20.71 26.25 -4.60
C ASP B 156 19.86 27.40 -5.14
N ARG B 157 20.35 28.07 -6.18
CA ARG B 157 19.67 29.24 -6.73
C ARG B 157 18.64 28.87 -7.78
N ALA B 158 19.03 28.05 -8.74
CA ALA B 158 18.15 27.68 -9.85
C ALA B 158 17.16 26.60 -9.46
N GLY B 159 17.38 25.99 -8.29
CA GLY B 159 16.48 24.96 -7.81
C GLY B 159 15.10 25.50 -7.50
N HIS B 160 14.20 24.62 -7.06
CA HIS B 160 12.86 25.04 -6.68
C HIS B 160 12.83 25.59 -5.27
N ASP B 161 12.07 26.67 -5.08
CA ASP B 161 12.03 27.37 -3.79
C ASP B 161 10.84 26.94 -2.95
N ILE B 162 11.12 26.38 -1.78
CA ILE B 162 10.08 25.95 -0.85
C ILE B 162 9.10 27.09 -0.60
N ARG B 163 9.58 28.33 -0.76
CA ARG B 163 8.76 29.51 -0.50
C ARG B 163 7.74 29.78 -1.62
N GLU B 164 7.96 29.17 -2.77
CA GLU B 164 7.00 29.30 -3.88
C GLU B 164 6.13 28.06 -4.01
N MET B 165 6.67 26.90 -3.65
CA MET B 165 5.93 25.65 -3.75
C MET B 165 4.94 25.48 -2.61
N LEU B 166 5.32 25.92 -1.41
CA LEU B 166 4.48 25.74 -0.23
C LEU B 166 3.33 26.72 -0.21
N LEU B 167 2.15 26.26 -0.62
CA LEU B 167 0.95 27.09 -0.61
C LEU B 167 0.21 26.96 0.71
N SER B 168 0.55 25.93 1.47
CA SER B 168 -0.12 25.64 2.73
C SER B 168 0.65 24.58 3.50
N CYS B 169 0.59 24.66 4.83
CA CYS B 169 1.26 23.67 5.67
C CYS B 169 0.73 23.70 7.10
N PHE B 170 0.41 22.52 7.63
CA PHE B 170 -0.05 22.38 9.00
C PHE B 170 0.53 21.12 9.63
N PHE B 171 0.71 21.16 10.94
CA PHE B 171 1.13 19.98 11.70
C PHE B 171 0.45 19.98 13.06
N ARG B 172 -0.67 19.28 13.17
CA ARG B 172 -1.49 19.29 14.38
C ARG B 172 -2.14 20.65 14.60
N GLY B 173 -2.81 21.16 13.58
CA GLY B 173 -3.48 22.45 13.68
C GLY B 173 -2.51 23.61 13.76
N GLU B 174 -1.26 23.32 14.03
CA GLU B 174 -0.21 24.33 14.05
C GLU B 174 0.23 24.64 12.62
N GLN B 175 0.01 25.87 12.19
CA GLN B 175 0.44 26.28 10.86
C GLN B 175 1.95 26.43 10.82
N CYS B 176 2.56 25.89 9.76
CA CYS B 176 4.01 25.95 9.62
C CYS B 176 4.42 26.71 8.36
N SER B 177 5.65 27.21 8.36
CA SER B 177 6.15 28.03 7.25
C SER B 177 7.35 27.35 6.59
N PRO B 178 7.81 27.89 5.46
CA PRO B 178 9.01 27.38 4.78
C PRO B 178 10.22 27.28 5.70
N GLU B 179 10.21 28.04 6.80
CA GLU B 179 11.31 28.02 7.74
C GLU B 179 11.33 26.74 8.58
N ASP B 180 10.31 25.90 8.40
CA ASP B 180 10.24 24.63 9.10
C ASP B 180 10.91 23.54 8.27
N PHE B 181 11.21 23.86 7.02
CA PHE B 181 11.84 22.91 6.11
C PHE B 181 13.34 23.14 5.99
N LYS B 182 14.12 22.11 6.29
CA LYS B 182 15.58 22.19 6.21
C LYS B 182 16.06 21.75 4.82
N VAL B 183 16.78 22.64 4.13
CA VAL B 183 17.28 22.34 2.80
C VAL B 183 18.28 21.19 2.80
N VAL B 184 18.01 20.19 1.98
CA VAL B 184 18.90 19.03 1.86
C VAL B 184 19.14 18.70 0.40
N PHE B 185 20.40 18.57 0.03
CA PHE B 185 20.75 18.27 -1.35
C PHE B 185 20.79 16.77 -1.63
N THR B 186 20.19 16.37 -2.74
CA THR B 186 20.18 14.98 -3.16
C THR B 186 20.18 14.87 -4.68
N ARG B 187 20.26 13.64 -5.19
CA ARG B 187 20.39 13.40 -6.62
C ARG B 187 19.37 14.18 -7.45
N TYR B 188 18.18 14.40 -6.89
CA TYR B 188 17.13 15.14 -7.59
C TYR B 188 17.44 16.64 -7.63
N GLY B 189 18.36 17.09 -6.80
CA GLY B 189 18.74 18.49 -6.77
C GLY B 189 18.54 19.13 -5.40
N LYS B 190 17.81 20.24 -5.38
CA LYS B 190 17.53 20.94 -4.13
C LYS B 190 16.21 20.46 -3.50
N CYS B 191 16.32 19.63 -2.47
CA CYS B 191 15.14 19.10 -1.79
C CYS B 191 14.91 19.76 -0.43
N TYR B 192 13.95 19.23 0.32
CA TYR B 192 13.60 19.80 1.61
C TYR B 192 13.19 18.73 2.62
N THR B 193 13.38 19.02 3.90
CA THR B 193 13.07 18.07 4.95
C THR B 193 12.28 18.71 6.08
N PHE B 194 11.02 18.30 6.23
CA PHE B 194 10.21 18.74 7.36
C PHE B 194 10.58 17.92 8.59
N ASN B 195 10.57 18.57 9.75
CA ASN B 195 10.93 17.93 11.00
C ASN B 195 12.31 17.28 10.91
N ALA B 196 13.24 17.95 10.25
CA ALA B 196 14.59 17.42 10.11
C ALA B 196 15.19 17.12 11.47
N GLY B 197 14.94 18.00 12.42
CA GLY B 197 15.42 17.81 13.78
C GLY B 197 16.92 17.98 13.88
N GLN B 198 17.46 18.83 13.02
CA GLN B 198 18.88 19.16 13.07
C GLN B 198 19.01 20.68 13.13
N ASP B 199 20.16 21.14 13.62
CA ASP B 199 20.37 22.54 13.96
C ASP B 199 19.90 22.83 15.38
N GLY B 200 19.62 21.77 16.14
CA GLY B 200 19.31 21.92 17.55
C GLY B 200 17.83 22.04 17.88
N LYS B 201 17.01 22.29 16.86
CA LYS B 201 15.56 22.26 17.04
C LYS B 201 15.18 20.87 17.53
N PRO B 202 14.17 20.80 18.41
CA PRO B 202 13.71 19.50 18.93
C PRO B 202 12.80 18.83 17.92
N ARG B 203 12.85 17.51 17.86
CA ARG B 203 12.02 16.76 16.91
C ARG B 203 10.57 16.71 17.37
N LEU B 204 9.65 17.06 16.47
CA LEU B 204 8.22 17.10 16.77
C LEU B 204 7.67 15.75 17.18
N ILE B 205 6.54 15.77 17.88
CA ILE B 205 5.86 14.55 18.28
C ILE B 205 4.36 14.61 18.01
N THR B 206 3.71 13.46 18.08
CA THR B 206 2.25 13.38 17.92
C THR B 206 1.71 12.35 18.90
N MET B 207 0.55 12.63 19.46
CA MET B 207 -0.01 11.78 20.50
C MET B 207 -1.37 11.21 20.13
N LYS B 208 -1.82 11.50 18.92
CA LYS B 208 -3.10 11.01 18.43
C LYS B 208 -3.01 10.61 16.96
N GLY B 209 -3.88 9.69 16.56
CA GLY B 209 -3.91 9.21 15.19
C GLY B 209 -4.88 9.99 14.33
N GLY B 210 -4.68 9.95 13.02
CA GLY B 210 -5.56 10.63 12.09
C GLY B 210 -4.91 11.79 11.38
N THR B 211 -5.56 12.26 10.31
CA THR B 211 -5.02 13.37 9.53
C THR B 211 -4.90 14.64 10.37
N GLY B 212 -5.85 14.83 11.29
CA GLY B 212 -5.87 16.01 12.13
C GLY B 212 -4.61 16.23 12.93
N ASN B 213 -3.87 15.15 13.19
CA ASN B 213 -2.65 15.24 13.98
C ASN B 213 -1.42 14.80 13.20
N GLY B 214 -1.36 15.20 11.94
CA GLY B 214 -0.23 14.87 11.08
C GLY B 214 0.11 16.00 10.13
N LEU B 215 1.09 15.75 9.27
CA LEU B 215 1.52 16.77 8.31
C LEU B 215 0.56 16.89 7.14
N GLU B 216 0.29 18.12 6.72
CA GLU B 216 -0.55 18.36 5.56
C GLU B 216 0.02 19.49 4.69
N ILE B 217 0.50 19.12 3.52
CA ILE B 217 1.15 20.07 2.62
C ILE B 217 0.32 20.28 1.36
N MET B 218 0.31 21.52 0.86
CA MET B 218 -0.26 21.80 -0.45
C MET B 218 0.79 22.47 -1.32
N LEU B 219 1.33 21.72 -2.28
CA LEU B 219 2.42 22.21 -3.11
C LEU B 219 1.99 22.69 -4.49
N ASP B 220 2.86 23.50 -5.11
CA ASP B 220 2.68 23.91 -6.49
C ASP B 220 3.95 23.53 -7.25
N ILE B 221 3.90 22.40 -7.94
CA ILE B 221 5.11 21.84 -8.57
C ILE B 221 5.69 22.73 -9.67
N GLN B 222 4.88 23.66 -10.18
CA GLN B 222 5.34 24.64 -11.16
C GLN B 222 5.85 23.99 -12.45
N GLN B 223 4.95 23.35 -13.19
CA GLN B 223 5.34 22.75 -14.46
C GLN B 223 5.78 23.82 -15.46
N ASP B 224 5.26 25.03 -15.29
CA ASP B 224 5.62 26.13 -16.16
C ASP B 224 7.08 26.53 -15.97
N GLU B 225 7.69 26.00 -14.91
CA GLU B 225 9.10 26.27 -14.62
C GLU B 225 9.97 25.06 -14.93
N TYR B 226 9.34 23.99 -15.41
CA TYR B 226 10.07 22.77 -15.77
C TYR B 226 10.96 23.00 -16.98
N LEU B 227 12.19 22.51 -16.89
CA LEU B 227 13.13 22.61 -18.01
C LEU B 227 12.66 21.77 -19.19
N PRO B 228 12.76 22.33 -20.41
CA PRO B 228 12.41 21.58 -21.61
C PRO B 228 13.24 20.31 -21.70
N VAL B 229 12.60 19.18 -22.00
CA VAL B 229 13.32 17.92 -22.15
C VAL B 229 13.59 17.64 -23.62
N TRP B 230 14.85 17.78 -24.03
CA TRP B 230 15.23 17.57 -25.41
C TRP B 230 16.09 16.32 -25.57
N GLY B 231 16.47 15.73 -24.44
CA GLY B 231 17.30 14.53 -24.44
C GLY B 231 17.16 13.75 -23.15
N GLU B 232 17.82 12.60 -23.08
CA GLU B 232 17.73 11.73 -21.92
C GLU B 232 19.02 11.74 -21.11
N THR B 233 18.99 12.37 -19.94
CA THR B 233 20.14 12.43 -19.06
C THR B 233 19.73 12.13 -17.62
N ASP B 234 20.70 12.10 -16.72
CA ASP B 234 20.41 11.87 -15.31
C ASP B 234 19.83 13.14 -14.66
N GLU B 235 19.76 14.21 -15.43
CA GLU B 235 19.22 15.47 -14.92
C GLU B 235 17.92 15.86 -15.62
N THR B 236 17.38 14.94 -16.40
CA THR B 236 16.11 15.15 -17.08
C THR B 236 15.07 14.15 -16.60
N SER B 237 13.79 14.52 -16.69
CA SER B 237 12.71 13.67 -16.19
C SER B 237 11.49 13.70 -17.10
N PHE B 238 10.95 12.52 -17.39
CA PHE B 238 9.74 12.40 -18.18
C PHE B 238 8.50 12.66 -17.31
N GLU B 239 8.66 12.48 -16.01
CA GLU B 239 7.54 12.58 -15.07
C GLU B 239 7.40 13.95 -14.43
N ALA B 240 6.20 14.26 -13.98
CA ALA B 240 5.93 15.49 -13.25
C ALA B 240 5.37 15.15 -11.88
N GLY B 241 5.72 15.96 -10.88
CA GLY B 241 5.28 15.71 -9.52
C GLY B 241 6.43 15.78 -8.54
N ILE B 242 6.32 15.04 -7.45
CA ILE B 242 7.35 15.07 -6.41
C ILE B 242 7.72 13.67 -5.94
N LYS B 243 8.87 13.56 -5.28
CA LYS B 243 9.32 12.30 -4.71
C LYS B 243 9.52 12.53 -3.21
N VAL B 244 8.94 11.65 -2.40
CA VAL B 244 8.96 11.82 -0.96
C VAL B 244 9.58 10.61 -0.25
N GLN B 245 10.20 10.86 0.90
CA GLN B 245 10.71 9.77 1.73
C GLN B 245 10.51 10.04 3.22
N ILE B 246 9.91 9.08 3.91
CA ILE B 246 9.68 9.17 5.35
C ILE B 246 10.73 8.34 6.06
N HIS B 247 11.57 9.01 6.84
CA HIS B 247 12.71 8.35 7.48
C HIS B 247 13.02 8.90 8.87
N SER B 248 13.75 8.12 9.65
CA SER B 248 14.18 8.56 10.97
C SER B 248 15.06 9.79 10.86
N GLN B 249 15.02 10.64 11.89
CA GLN B 249 15.79 11.87 11.91
C GLN B 249 17.27 11.60 11.63
N ASP B 250 17.78 10.55 12.26
CA ASP B 250 19.20 10.21 12.15
C ASP B 250 19.46 9.16 11.07
N GLU B 251 18.74 9.28 9.96
CA GLU B 251 18.97 8.43 8.80
C GLU B 251 18.94 9.29 7.54
N PRO B 252 20.09 9.46 6.89
CA PRO B 252 20.15 10.29 5.68
C PRO B 252 19.19 9.79 4.61
N PRO B 253 18.59 10.71 3.85
CA PRO B 253 17.60 10.36 2.83
C PRO B 253 18.24 9.89 1.52
N LEU B 254 17.97 8.65 1.14
CA LEU B 254 18.35 8.13 -0.16
C LEU B 254 17.12 8.16 -1.05
N ILE B 255 16.63 9.37 -1.32
CA ILE B 255 15.30 9.58 -1.88
C ILE B 255 15.12 9.07 -3.32
N ASP B 256 16.23 8.92 -4.05
CA ASP B 256 16.14 8.47 -5.43
C ASP B 256 15.96 6.96 -5.53
N GLN B 257 16.30 6.26 -4.46
CA GLN B 257 16.26 4.80 -4.46
C GLN B 257 15.12 4.25 -3.61
N LEU B 258 14.85 4.89 -2.48
CA LEU B 258 13.92 4.35 -1.49
C LEU B 258 12.68 5.22 -1.27
N GLY B 259 12.49 6.22 -2.12
CA GLY B 259 11.37 7.12 -1.95
C GLY B 259 10.11 6.65 -2.66
N PHE B 260 8.98 7.25 -2.31
CA PHE B 260 7.73 6.99 -3.01
C PHE B 260 7.28 8.24 -3.75
N GLY B 261 6.26 8.10 -4.59
CA GLY B 261 5.83 9.19 -5.45
C GLY B 261 4.48 9.78 -5.11
N VAL B 262 4.34 11.07 -5.42
CA VAL B 262 3.08 11.78 -5.25
C VAL B 262 2.80 12.60 -6.51
N ALA B 263 1.63 12.42 -7.09
CA ALA B 263 1.31 13.07 -8.36
C ALA B 263 0.46 14.32 -8.17
N PRO B 264 0.54 15.25 -9.13
CA PRO B 264 -0.30 16.46 -9.11
C PRO B 264 -1.72 16.12 -9.49
N GLY B 265 -2.69 16.88 -8.97
CA GLY B 265 -4.09 16.65 -9.28
C GLY B 265 -4.73 15.66 -8.33
N PHE B 266 -4.01 15.30 -7.27
CA PHE B 266 -4.53 14.37 -6.27
C PHE B 266 -4.13 14.78 -4.85
N GLN B 267 -5.03 14.55 -3.91
CA GLN B 267 -4.69 14.68 -2.49
C GLN B 267 -4.33 13.30 -1.98
N THR B 268 -3.07 13.13 -1.57
CA THR B 268 -2.57 11.81 -1.19
C THR B 268 -2.57 11.60 0.32
N PHE B 269 -3.20 10.52 0.77
CA PHE B 269 -3.19 10.15 2.17
C PHE B 269 -2.19 9.03 2.42
N VAL B 270 -1.40 9.17 3.48
CA VAL B 270 -0.39 8.17 3.80
C VAL B 270 -0.48 7.74 5.27
N SER B 271 -1.17 6.65 5.51
CA SER B 271 -1.28 6.09 6.85
C SER B 271 -0.01 5.32 7.18
N CYS B 272 0.69 5.76 8.23
CA CYS B 272 1.99 5.18 8.58
C CYS B 272 1.93 4.38 9.88
N GLN B 273 2.91 3.49 10.05
CA GLN B 273 3.05 2.72 11.28
C GLN B 273 4.52 2.52 11.61
N GLU B 274 4.98 3.16 12.67
CA GLU B 274 6.39 3.09 13.05
C GLU B 274 6.76 1.69 13.54
N GLN B 275 7.80 1.13 12.93
CA GLN B 275 8.30 -0.18 13.30
C GLN B 275 9.77 -0.09 13.67
N ARG B 276 10.07 -0.43 14.92
CA ARG B 276 11.44 -0.38 15.38
C ARG B 276 12.02 -1.78 15.54
N LEU B 277 13.10 -2.05 14.82
CA LEU B 277 13.74 -3.36 14.87
C LEU B 277 15.11 -3.28 15.53
N ILE B 278 15.36 -4.20 16.45
CA ILE B 278 16.63 -4.27 17.15
C ILE B 278 17.29 -5.62 16.92
N TYR B 279 18.55 -5.60 16.50
CA TYR B 279 19.30 -6.83 16.26
C TYR B 279 20.41 -6.97 17.29
N LEU B 280 20.91 -8.20 17.45
CA LEU B 280 22.00 -8.46 18.38
C LEU B 280 23.34 -8.53 17.66
N PRO B 281 24.39 -7.96 18.27
CA PRO B 281 25.74 -8.03 17.72
C PRO B 281 26.32 -9.43 17.89
N PRO B 282 27.33 -9.80 17.08
CA PRO B 282 27.96 -11.12 17.17
C PRO B 282 28.68 -11.23 18.50
N PRO B 283 28.51 -12.35 19.24
CA PRO B 283 28.33 -13.76 18.90
C PRO B 283 26.91 -14.19 18.59
N TRP B 284 25.94 -13.30 18.84
CA TRP B 284 24.54 -13.65 18.69
C TRP B 284 23.99 -13.37 17.30
N GLY B 285 24.44 -12.26 16.71
CA GLY B 285 23.93 -11.84 15.41
C GLY B 285 25.00 -11.39 14.44
N ASP B 286 24.58 -10.73 13.36
CA ASP B 286 25.50 -10.31 12.32
C ASP B 286 25.63 -8.78 12.27
N CYS B 287 24.89 -8.10 13.14
CA CYS B 287 24.82 -6.64 13.09
C CYS B 287 26.03 -5.97 13.77
N LYS B 288 25.93 -4.65 13.91
CA LYS B 288 26.97 -3.84 14.53
C LYS B 288 26.37 -2.55 15.06
N ALA B 289 27.11 -1.84 15.91
CA ALA B 289 26.63 -0.60 16.50
C ALA B 289 27.16 0.57 15.67
N THR B 290 27.07 1.78 16.22
CA THR B 290 27.54 2.98 15.53
C THR B 290 28.87 2.84 14.80
N THR B 291 28.94 3.43 13.60
CA THR B 291 30.15 3.35 12.78
C THR B 291 31.42 3.43 13.61
N GLU B 295 32.54 7.93 8.91
CA GLU B 295 32.86 9.12 9.67
C GLU B 295 32.08 10.34 9.16
N PHE B 296 31.47 10.19 7.98
CA PHE B 296 30.68 11.27 7.39
C PHE B 296 29.39 11.52 8.17
N TYR B 297 28.85 10.47 8.77
CA TYR B 297 27.57 10.57 9.46
C TYR B 297 27.65 10.15 10.93
N ASP B 298 26.72 10.67 11.73
CA ASP B 298 26.73 10.45 13.17
C ASP B 298 26.33 9.02 13.56
N THR B 299 25.21 8.56 13.00
CA THR B 299 24.71 7.23 13.32
C THR B 299 24.87 6.29 12.14
N TYR B 300 25.06 5.00 12.42
CA TYR B 300 25.22 4.02 11.35
C TYR B 300 23.90 3.70 10.66
N SER B 301 23.90 3.77 9.34
CA SER B 301 22.73 3.47 8.54
C SER B 301 23.17 2.79 7.25
N ILE B 302 22.36 1.87 6.76
CA ILE B 302 22.64 1.24 5.48
C ILE B 302 22.78 2.33 4.42
N THR B 303 21.92 3.35 4.51
CA THR B 303 22.00 4.49 3.60
C THR B 303 23.29 5.26 3.82
N ALA B 304 23.59 5.56 5.07
CA ALA B 304 24.83 6.27 5.42
C ALA B 304 26.02 5.53 4.85
N CYS B 305 26.01 4.21 4.99
CA CYS B 305 27.08 3.37 4.47
C CYS B 305 27.20 3.49 2.96
N ARG B 306 26.07 3.53 2.28
CA ARG B 306 26.06 3.65 0.81
C ARG B 306 26.51 5.04 0.37
N ILE B 307 25.94 6.07 0.99
CA ILE B 307 26.35 7.44 0.70
C ILE B 307 27.86 7.57 0.88
N ASP B 308 28.37 6.92 1.93
CA ASP B 308 29.80 6.88 2.19
C ASP B 308 30.55 6.28 1.01
N CYS B 309 30.21 5.05 0.65
CA CYS B 309 30.87 4.36 -0.45
C CYS B 309 30.76 5.15 -1.76
N GLU B 310 29.56 5.60 -2.08
CA GLU B 310 29.36 6.39 -3.28
C GLU B 310 30.33 7.57 -3.34
N THR B 311 30.54 8.22 -2.19
CA THR B 311 31.41 9.38 -2.11
C THR B 311 32.87 9.02 -2.36
N ARG B 312 33.41 8.12 -1.54
CA ARG B 312 34.78 7.66 -1.71
C ARG B 312 35.04 7.19 -3.13
N TYR B 313 34.16 6.32 -3.63
CA TYR B 313 34.27 5.79 -4.98
C TYR B 313 34.33 6.92 -6.00
N LEU B 314 33.31 7.77 -6.00
CA LEU B 314 33.21 8.87 -6.96
C LEU B 314 34.41 9.81 -6.84
N VAL B 315 34.98 9.90 -5.65
CA VAL B 315 36.14 10.74 -5.41
C VAL B 315 37.42 10.15 -6.01
N GLU B 316 37.66 8.88 -5.71
CA GLU B 316 38.86 8.19 -6.19
C GLU B 316 38.75 7.81 -7.66
N ASN B 317 37.67 8.23 -8.31
CA ASN B 317 37.47 7.98 -9.73
C ASN B 317 37.42 9.26 -10.55
N CYS B 318 36.98 10.34 -9.91
CA CYS B 318 36.78 11.61 -10.62
C CYS B 318 37.49 12.77 -9.94
N ASN B 319 38.05 12.51 -8.76
CA ASN B 319 38.73 13.54 -7.99
C ASN B 319 37.79 14.69 -7.65
N CYS B 320 36.53 14.35 -7.43
CA CYS B 320 35.52 15.32 -7.05
C CYS B 320 34.29 14.60 -6.51
N ARG B 321 33.40 15.36 -5.86
CA ARG B 321 32.17 14.81 -5.32
C ARG B 321 30.97 15.52 -5.92
N MET B 322 29.82 14.84 -5.94
CA MET B 322 28.58 15.46 -6.39
C MET B 322 27.96 16.31 -5.30
N VAL B 323 27.23 17.34 -5.71
CA VAL B 323 26.66 18.33 -4.78
C VAL B 323 26.03 17.71 -3.53
N HIS B 324 25.40 16.55 -3.68
CA HIS B 324 24.63 15.96 -2.59
C HIS B 324 25.46 15.05 -1.68
N MET B 325 26.78 15.02 -1.89
CA MET B 325 27.63 14.09 -1.15
C MET B 325 28.39 14.75 0.00
N PRO B 326 28.64 13.98 1.07
CA PRO B 326 29.36 14.44 2.26
C PRO B 326 30.85 14.62 1.98
N GLY B 327 31.66 14.63 3.03
CA GLY B 327 33.09 14.81 2.88
C GLY B 327 33.46 16.24 2.56
N ASP B 328 34.66 16.46 2.07
CA ASP B 328 35.12 17.81 1.74
C ASP B 328 35.96 17.84 0.47
N ALA B 329 35.43 17.24 -0.60
CA ALA B 329 36.13 17.19 -1.88
C ALA B 329 35.62 18.29 -2.81
N PRO B 330 36.45 18.70 -3.78
CA PRO B 330 36.01 19.71 -4.74
C PRO B 330 34.74 19.26 -5.45
N TYR B 331 33.75 20.16 -5.52
CA TYR B 331 32.49 19.83 -6.18
C TYR B 331 32.68 19.64 -7.68
N CYS B 332 32.11 18.57 -8.22
CA CYS B 332 32.23 18.26 -9.63
C CYS B 332 31.66 19.36 -10.51
N THR B 333 32.33 19.64 -11.62
CA THR B 333 31.85 20.64 -12.57
C THR B 333 30.87 20.00 -13.54
N PRO B 334 30.06 20.82 -14.23
CA PRO B 334 29.11 20.29 -15.20
C PRO B 334 29.78 19.33 -16.18
N GLU B 335 31.00 19.66 -16.60
CA GLU B 335 31.75 18.80 -17.50
C GLU B 335 32.10 17.48 -16.81
N GLN B 336 32.55 17.57 -15.57
CA GLN B 336 32.91 16.39 -14.79
C GLN B 336 31.72 15.47 -14.60
N TYR B 337 30.54 16.06 -14.39
CA TYR B 337 29.31 15.29 -14.25
C TYR B 337 29.10 14.37 -15.45
N LYS B 338 29.09 14.96 -16.64
CA LYS B 338 28.81 14.22 -17.86
C LYS B 338 29.83 13.13 -18.16
N GLU B 339 31.10 13.41 -17.92
CA GLU B 339 32.16 12.51 -18.37
C GLU B 339 32.77 11.62 -17.29
N CYS B 340 32.43 11.87 -16.03
CA CYS B 340 32.98 11.08 -14.95
C CYS B 340 31.98 10.83 -13.82
N ALA B 341 31.49 11.91 -13.23
CA ALA B 341 30.61 11.83 -12.06
C ALA B 341 29.42 10.90 -12.25
N ASP B 342 28.50 11.28 -13.13
CA ASP B 342 27.29 10.51 -13.36
C ASP B 342 27.57 9.04 -13.70
N PRO B 343 28.36 8.79 -14.76
CA PRO B 343 28.69 7.42 -15.16
C PRO B 343 29.21 6.58 -14.00
N ALA B 344 30.25 7.07 -13.32
CA ALA B 344 30.87 6.34 -12.23
C ALA B 344 29.87 6.01 -11.12
N LEU B 345 28.95 6.92 -10.85
CA LEU B 345 27.96 6.71 -9.80
C LEU B 345 26.88 5.72 -10.23
N ASP B 346 26.34 5.91 -11.42
CA ASP B 346 25.33 5.01 -11.96
C ASP B 346 25.84 3.57 -11.94
N PHE B 347 27.07 3.38 -12.45
CA PHE B 347 27.69 2.07 -12.47
C PHE B 347 27.80 1.46 -11.07
N LEU B 348 28.31 2.26 -10.14
CA LEU B 348 28.49 1.80 -8.77
C LEU B 348 27.20 1.29 -8.15
N VAL B 349 26.11 2.01 -8.42
CA VAL B 349 24.82 1.70 -7.82
C VAL B 349 24.07 0.57 -8.52
N GLU B 350 24.03 0.64 -9.85
CA GLU B 350 23.20 -0.30 -10.62
C GLU B 350 23.95 -1.54 -11.09
N LYS B 351 25.27 -1.44 -11.25
CA LYS B 351 26.04 -2.52 -11.82
C LYS B 351 27.05 -3.17 -10.86
N ASP B 352 27.71 -2.35 -10.05
CA ASP B 352 28.74 -2.87 -9.15
C ASP B 352 28.15 -3.43 -7.85
N ASN B 353 28.58 -4.64 -7.49
CA ASN B 353 28.16 -5.27 -6.25
C ASN B 353 29.34 -5.84 -5.48
N GLU B 354 30.52 -5.25 -5.68
CA GLU B 354 31.73 -5.70 -5.02
C GLU B 354 32.29 -4.62 -4.08
N TYR B 355 32.24 -3.38 -4.53
CA TYR B 355 32.86 -2.26 -3.82
C TYR B 355 32.30 -2.05 -2.42
N CYS B 356 31.03 -1.66 -2.33
CA CYS B 356 30.43 -1.35 -1.03
C CYS B 356 29.90 -2.61 -0.34
N VAL B 357 30.32 -2.81 0.90
CA VAL B 357 29.84 -3.93 1.70
C VAL B 357 29.30 -3.42 3.03
N CYS B 358 28.01 -3.10 3.05
CA CYS B 358 27.37 -2.56 4.24
C CYS B 358 26.85 -3.66 5.16
N GLU B 359 27.25 -3.60 6.43
CA GLU B 359 26.79 -4.56 7.41
C GLU B 359 25.39 -4.18 7.88
N MET B 360 24.73 -5.09 8.59
CA MET B 360 23.39 -4.83 9.11
C MET B 360 23.44 -3.99 10.39
N PRO B 361 22.63 -2.93 10.43
CA PRO B 361 22.55 -2.06 11.62
C PRO B 361 21.88 -2.78 12.78
N CYS B 362 22.26 -2.43 14.01
CA CYS B 362 21.65 -3.03 15.19
C CYS B 362 20.36 -2.31 15.56
N ASN B 363 20.07 -1.22 14.87
CA ASN B 363 18.88 -0.42 15.16
C ASN B 363 18.27 0.14 13.88
N VAL B 364 17.09 -0.34 13.53
CA VAL B 364 16.42 0.08 12.30
C VAL B 364 15.02 0.61 12.58
N THR B 365 14.70 1.75 11.99
CA THR B 365 13.36 2.33 12.12
C THR B 365 12.65 2.35 10.77
N ARG B 366 11.63 1.52 10.65
CA ARG B 366 10.90 1.35 9.40
C ARG B 366 9.48 1.89 9.54
N TYR B 367 9.00 2.56 8.49
CA TYR B 367 7.65 3.12 8.51
C TYR B 367 6.75 2.48 7.46
N GLY B 368 5.81 1.65 7.92
CA GLY B 368 4.86 1.01 7.04
C GLY B 368 3.89 2.02 6.43
N LYS B 369 4.02 2.23 5.13
CA LYS B 369 3.21 3.25 4.45
C LYS B 369 2.02 2.65 3.70
N GLU B 370 0.91 3.39 3.71
CA GLU B 370 -0.32 2.96 3.07
C GLU B 370 -0.94 4.15 2.34
N LEU B 371 -0.83 4.16 1.01
CA LEU B 371 -1.24 5.33 0.22
C LEU B 371 -2.65 5.23 -0.34
N SER B 372 -3.18 6.38 -0.75
CA SER B 372 -4.53 6.51 -1.27
C SER B 372 -4.70 7.97 -1.73
N MET B 373 -5.62 8.21 -2.65
CA MET B 373 -5.77 9.55 -3.20
C MET B 373 -7.19 9.91 -3.67
N VAL B 374 -7.43 11.21 -3.82
CA VAL B 374 -8.68 11.72 -4.37
C VAL B 374 -8.36 12.89 -5.31
N LYS B 375 -9.20 13.09 -6.32
CA LYS B 375 -8.95 14.12 -7.32
C LYS B 375 -9.02 15.53 -6.74
N ILE B 376 -8.26 16.44 -7.35
CA ILE B 376 -8.28 17.85 -6.97
C ILE B 376 -7.84 18.70 -8.16
N PRO B 377 -8.60 19.77 -8.45
CA PRO B 377 -9.76 20.22 -7.68
C PRO B 377 -11.05 19.60 -8.20
N SER B 378 -12.12 19.70 -7.41
CA SER B 378 -13.44 19.32 -7.87
C SER B 378 -13.88 20.33 -8.92
N LYS B 379 -14.82 19.94 -9.78
CA LYS B 379 -15.24 20.81 -10.86
C LYS B 379 -15.71 22.17 -10.33
N ALA B 380 -16.08 22.20 -9.05
CA ALA B 380 -16.60 23.42 -8.44
C ALA B 380 -15.49 24.28 -7.84
N SER B 381 -14.65 23.67 -7.01
CA SER B 381 -13.59 24.39 -6.31
C SER B 381 -12.45 24.80 -7.23
N ALA B 382 -12.54 24.42 -8.51
CA ALA B 382 -11.50 24.75 -9.47
C ALA B 382 -11.41 26.26 -9.69
N LYS B 383 -12.53 26.87 -10.06
CA LYS B 383 -12.56 28.29 -10.38
C LYS B 383 -12.22 29.15 -9.16
N TYR B 384 -12.35 28.56 -7.97
CA TYR B 384 -12.00 29.26 -6.74
C TYR B 384 -10.51 29.24 -6.49
N LEU B 385 -9.90 28.06 -6.62
CA LEU B 385 -8.46 27.91 -6.47
C LEU B 385 -7.72 28.68 -7.55
N ALA B 386 -8.33 28.78 -8.72
CA ALA B 386 -7.74 29.52 -9.83
C ALA B 386 -7.60 31.00 -9.49
N LYS B 387 -8.61 31.54 -8.82
CA LYS B 387 -8.61 32.95 -8.44
C LYS B 387 -7.71 33.21 -7.23
N LYS B 388 -7.69 32.26 -6.28
CA LYS B 388 -6.93 32.43 -5.07
C LYS B 388 -5.43 32.48 -5.32
N TYR B 389 -4.99 31.80 -6.38
CA TYR B 389 -3.56 31.74 -6.69
C TYR B 389 -3.24 32.37 -8.05
N ASN B 390 -4.19 33.13 -8.58
CA ASN B 390 -4.00 33.84 -9.85
C ASN B 390 -3.49 32.94 -10.97
N LYS B 391 -3.98 31.71 -11.00
CA LYS B 391 -3.62 30.77 -12.05
C LYS B 391 -4.86 30.35 -12.84
N SER B 392 -4.65 29.74 -13.99
CA SER B 392 -5.76 29.26 -14.81
C SER B 392 -6.34 28.00 -14.19
N GLU B 393 -7.59 27.68 -14.53
CA GLU B 393 -8.24 26.49 -13.99
C GLU B 393 -7.47 25.22 -14.39
N GLN B 394 -7.04 25.17 -15.64
CA GLN B 394 -6.29 24.03 -16.13
C GLN B 394 -4.99 23.87 -15.36
N TYR B 395 -4.35 24.99 -15.04
CA TYR B 395 -3.10 24.98 -14.30
C TYR B 395 -3.25 24.30 -12.95
N ILE B 396 -4.30 24.68 -12.21
CA ILE B 396 -4.54 24.12 -10.89
C ILE B 396 -4.57 22.61 -10.92
N GLY B 397 -5.19 22.05 -11.95
CA GLY B 397 -5.32 20.60 -12.07
C GLY B 397 -4.01 19.91 -12.38
N GLU B 398 -3.10 20.61 -13.05
CA GLU B 398 -1.83 20.02 -13.46
C GLU B 398 -0.71 20.24 -12.45
N ASN B 399 -0.91 21.18 -11.52
CA ASN B 399 0.17 21.59 -10.63
C ASN B 399 -0.11 21.47 -9.14
N ILE B 400 -1.35 21.73 -8.73
CA ILE B 400 -1.68 21.70 -7.31
C ILE B 400 -1.66 20.29 -6.75
N LEU B 401 -1.21 20.16 -5.51
CA LEU B 401 -0.98 18.87 -4.88
C LEU B 401 -1.24 18.99 -3.38
N VAL B 402 -1.78 17.93 -2.77
CA VAL B 402 -2.00 17.90 -1.34
C VAL B 402 -1.54 16.58 -0.74
N LEU B 403 -0.72 16.65 0.30
CA LEU B 403 -0.15 15.47 0.92
C LEU B 403 -0.45 15.42 2.41
N ASP B 404 -1.06 14.32 2.85
CA ASP B 404 -1.37 14.13 4.28
C ASP B 404 -0.62 12.94 4.82
N ILE B 405 0.41 13.19 5.62
CA ILE B 405 1.17 12.13 6.25
C ILE B 405 0.85 12.04 7.74
N PHE B 406 0.44 10.85 8.18
CA PHE B 406 0.00 10.68 9.56
C PHE B 406 0.12 9.24 10.01
N PHE B 407 -0.23 8.99 11.27
CA PHE B 407 -0.23 7.64 11.82
C PHE B 407 -1.66 7.17 12.07
N GLU B 408 -1.83 5.86 12.17
CA GLU B 408 -3.13 5.28 12.48
C GLU B 408 -3.22 4.96 13.97
N ALA B 409 -4.32 4.33 14.38
CA ALA B 409 -4.50 3.91 15.76
C ALA B 409 -3.27 3.16 16.26
N LEU B 410 -3.07 1.94 15.78
CA LEU B 410 -1.87 1.17 16.09
C LEU B 410 -0.69 1.80 15.36
N ASN B 411 0.25 2.35 16.11
CA ASN B 411 1.30 3.18 15.51
C ASN B 411 2.74 2.77 15.85
N TYR B 412 2.92 1.89 16.84
CA TYR B 412 4.25 1.54 17.29
C TYR B 412 4.47 0.04 17.47
N GLU B 413 5.24 -0.56 16.55
CA GLU B 413 5.55 -1.98 16.61
C GLU B 413 7.04 -2.21 16.77
N THR B 414 7.42 -3.16 17.62
CA THR B 414 8.83 -3.44 17.86
C THR B 414 9.16 -4.92 17.65
N ILE B 415 10.19 -5.17 16.85
CA ILE B 415 10.69 -6.52 16.62
C ILE B 415 12.15 -6.58 17.08
N GLU B 416 12.36 -7.12 18.28
CA GLU B 416 13.67 -7.06 18.92
C GLU B 416 14.25 -8.44 19.21
N GLN B 417 15.52 -8.61 18.89
CA GLN B 417 16.22 -9.86 19.17
C GLN B 417 16.80 -9.84 20.57
N LYS B 418 16.32 -10.76 21.41
CA LYS B 418 16.81 -10.88 22.78
C LYS B 418 17.69 -12.11 22.94
N LYS B 419 18.65 -12.03 23.85
CA LYS B 419 19.53 -13.16 24.13
C LYS B 419 18.74 -14.32 24.71
N ALA B 420 18.58 -15.39 23.94
CA ALA B 420 17.75 -16.52 24.32
C ALA B 420 18.22 -17.19 25.60
N TYR B 421 19.48 -17.61 25.62
CA TYR B 421 20.04 -18.30 26.78
C TYR B 421 21.26 -17.57 27.33
N GLU B 422 21.04 -16.71 28.32
CA GLU B 422 22.12 -15.92 28.90
C GLU B 422 22.94 -16.75 29.87
N VAL B 423 23.98 -16.14 30.42
CA VAL B 423 24.87 -16.80 31.36
C VAL B 423 24.09 -17.49 32.49
N ALA B 424 23.23 -16.74 33.15
CA ALA B 424 22.42 -17.26 34.24
C ALA B 424 21.85 -18.64 33.92
N GLY B 425 21.11 -18.72 32.81
CA GLY B 425 20.54 -19.98 32.37
C GLY B 425 21.57 -21.08 32.27
N LEU B 426 22.70 -20.77 31.67
CA LEU B 426 23.80 -21.73 31.52
C LEU B 426 24.20 -22.26 32.89
N LEU B 427 24.39 -21.35 33.84
CA LEU B 427 24.75 -21.72 35.19
C LEU B 427 23.76 -22.73 35.76
N GLY B 428 22.48 -22.48 35.50
CA GLY B 428 21.40 -23.31 36.03
C GLY B 428 21.61 -24.81 36.00
N ASP B 429 22.22 -25.33 34.95
CA ASP B 429 22.26 -26.78 34.74
C ASP B 429 23.62 -27.44 34.97
N ILE B 430 24.66 -26.94 34.30
CA ILE B 430 25.95 -27.62 34.26
C ILE B 430 26.59 -27.87 35.63
N GLY B 431 26.72 -26.82 36.42
CA GLY B 431 27.33 -26.94 37.74
C GLY B 431 26.64 -27.97 38.62
N GLY B 432 25.33 -27.80 38.79
CA GLY B 432 24.54 -28.73 39.58
C GLY B 432 24.81 -30.17 39.18
N GLN B 433 24.69 -30.45 37.89
CA GLN B 433 24.99 -31.77 37.35
C GLN B 433 26.36 -32.26 37.84
N MET B 434 27.37 -31.41 37.65
CA MET B 434 28.72 -31.73 38.10
C MET B 434 28.73 -32.15 39.56
N GLY B 435 28.15 -31.31 40.42
CA GLY B 435 28.02 -31.61 41.83
C GLY B 435 27.44 -32.99 42.05
N LEU B 436 26.26 -33.22 41.48
CA LEU B 436 25.60 -34.52 41.55
C LEU B 436 26.57 -35.64 41.20
N PHE B 437 27.20 -35.51 40.03
CA PHE B 437 28.27 -36.41 39.59
C PHE B 437 29.24 -36.68 40.72
N ILE B 438 29.73 -35.60 41.32
CA ILE B 438 30.71 -35.67 42.40
C ILE B 438 30.17 -36.46 43.60
N CYS C 46 26.45 -33.52 50.19
CA CYS C 46 25.74 -33.54 48.92
C CYS C 46 24.31 -33.06 49.07
N PHE C 47 23.60 -33.64 50.03
CA PHE C 47 22.21 -33.26 50.32
C PHE C 47 22.10 -31.75 50.54
N MET C 48 23.03 -31.20 51.32
CA MET C 48 23.07 -29.78 51.57
C MET C 48 23.18 -28.99 50.28
N GLY C 49 24.19 -29.32 49.48
CA GLY C 49 24.38 -28.70 48.18
C GLY C 49 23.09 -28.70 47.38
N SER C 50 22.52 -29.89 47.19
CA SER C 50 21.26 -30.04 46.48
C SER C 50 20.21 -29.05 47.02
N LEU C 51 20.11 -28.96 48.34
CA LEU C 51 19.16 -28.06 48.97
C LEU C 51 19.41 -26.63 48.52
N ALA C 52 20.67 -26.21 48.62
CA ALA C 52 21.07 -24.89 48.15
C ALA C 52 20.59 -24.68 46.72
N LEU C 53 20.97 -25.59 45.84
CA LEU C 53 20.57 -25.53 44.44
C LEU C 53 19.06 -25.28 44.30
N LEU C 54 18.27 -26.13 44.94
CA LEU C 54 16.83 -25.99 44.94
C LEU C 54 16.44 -24.56 45.33
N ALA C 55 17.01 -24.08 46.42
CA ALA C 55 16.76 -22.72 46.90
C ALA C 55 17.05 -21.70 45.80
N LEU C 56 18.25 -21.76 45.26
CA LEU C 56 18.65 -20.88 44.17
C LEU C 56 17.59 -20.86 43.08
N VAL C 57 17.20 -22.06 42.65
CA VAL C 57 16.20 -22.21 41.61
C VAL C 57 14.89 -21.50 41.96
N CYS C 58 14.34 -21.82 43.12
CA CYS C 58 12.94 -21.50 43.44
C CYS C 58 12.63 -20.03 43.74
N THR C 59 13.43 -19.37 44.58
CA THR C 59 13.17 -17.97 44.89
C THR C 59 13.06 -17.17 43.60
N ASN C 60 14.07 -17.28 42.75
CA ASN C 60 14.04 -16.62 41.45
C ASN C 60 12.76 -16.95 40.68
N ARG C 61 12.50 -18.24 40.52
CA ARG C 61 11.27 -18.69 39.86
C ARG C 61 10.05 -17.94 40.40
N ILE C 62 9.96 -17.85 41.72
CA ILE C 62 8.84 -17.19 42.37
C ILE C 62 8.76 -15.73 41.95
N GLN C 63 9.91 -15.06 41.92
CA GLN C 63 9.98 -13.66 41.51
C GLN C 63 9.50 -13.51 40.08
N TYR C 64 10.15 -14.23 39.16
CA TYR C 64 9.73 -14.27 37.76
C TYR C 64 8.21 -14.30 37.69
N TYR C 65 7.62 -15.22 38.44
CA TYR C 65 6.17 -15.35 38.51
C TYR C 65 5.48 -14.05 38.95
N PHE C 66 6.23 -13.16 39.61
CA PHE C 66 5.66 -11.96 40.23
C PHE C 66 5.67 -10.65 39.37
N LEU C 67 6.65 -10.55 38.46
CA LEU C 67 6.83 -9.48 37.46
C LEU C 67 5.69 -9.37 36.46
N TYR C 68 4.84 -10.39 36.45
CA TYR C 68 3.71 -10.45 35.53
C TYR C 68 4.15 -10.35 34.07
N PRO C 69 5.11 -11.22 33.66
CA PRO C 69 5.63 -11.21 32.29
C PRO C 69 4.58 -11.72 31.31
N HIS C 70 4.72 -11.37 30.04
CA HIS C 70 3.75 -11.75 29.03
C HIS C 70 4.44 -12.10 27.72
N VAL C 71 4.14 -13.29 27.20
CA VAL C 71 4.63 -13.70 25.90
C VAL C 71 3.63 -13.29 24.83
N THR C 72 4.14 -12.81 23.70
CA THR C 72 3.29 -12.38 22.60
C THR C 72 3.33 -13.39 21.46
N LYS C 73 2.37 -14.31 21.45
CA LYS C 73 2.30 -15.34 20.42
C LYS C 73 1.81 -14.78 19.09
N LEU C 74 2.49 -15.17 18.02
CA LEU C 74 2.12 -14.75 16.67
C LEU C 74 1.60 -15.94 15.88
N ASP C 75 0.69 -15.68 14.95
CA ASP C 75 0.13 -16.72 14.10
C ASP C 75 -0.55 -16.15 12.87
N GLU C 76 0.07 -16.32 11.71
CA GLU C 76 -0.48 -15.82 10.47
C GLU C 76 -0.97 -16.98 9.60
N VAL C 77 -2.26 -17.26 9.67
CA VAL C 77 -2.85 -18.38 8.95
C VAL C 77 -3.91 -17.93 7.96
N ALA C 78 -4.57 -18.88 7.33
CA ALA C 78 -5.69 -18.61 6.44
C ALA C 78 -6.94 -19.30 6.96
N ALA C 79 -7.94 -18.50 7.31
CA ALA C 79 -9.18 -19.05 7.86
C ALA C 79 -10.08 -19.59 6.76
N THR C 80 -10.72 -20.71 7.04
CA THR C 80 -11.67 -21.30 6.11
C THR C 80 -12.84 -20.34 5.89
N ARG C 81 -13.35 -19.78 6.99
CA ARG C 81 -14.38 -18.75 6.92
C ARG C 81 -13.79 -17.43 7.40
N LEU C 82 -14.22 -16.33 6.77
CA LEU C 82 -13.72 -15.02 7.16
C LEU C 82 -14.88 -14.03 7.25
N THR C 83 -15.03 -13.41 8.41
CA THR C 83 -16.08 -12.42 8.61
C THR C 83 -15.73 -11.10 7.93
N PHE C 84 -16.27 -10.91 6.74
CA PHE C 84 -16.00 -9.70 5.96
C PHE C 84 -16.32 -8.45 6.78
N PRO C 85 -15.40 -7.48 6.75
CA PRO C 85 -15.51 -6.27 7.57
C PRO C 85 -16.61 -5.32 7.09
N ALA C 86 -16.89 -4.30 7.88
CA ALA C 86 -17.84 -3.26 7.49
C ALA C 86 -17.14 -2.25 6.61
N VAL C 87 -17.83 -1.81 5.56
CA VAL C 87 -17.25 -0.85 4.63
C VAL C 87 -18.06 0.44 4.58
N THR C 88 -17.61 1.43 5.34
CA THR C 88 -18.26 2.73 5.36
C THR C 88 -17.60 3.66 4.35
N PHE C 89 -18.39 4.29 3.50
CA PHE C 89 -17.86 5.22 2.52
C PHE C 89 -18.70 6.48 2.47
N CYS C 90 -18.06 7.61 2.19
CA CYS C 90 -18.75 8.88 2.12
C CYS C 90 -18.31 9.71 0.93
N ASN C 91 -19.22 10.52 0.40
CA ASN C 91 -18.90 11.43 -0.69
C ASN C 91 -18.28 12.70 -0.13
N LEU C 92 -17.23 13.21 -0.79
CA LEU C 92 -16.52 14.39 -0.30
C LEU C 92 -17.41 15.62 -0.26
N ASN C 93 -18.36 15.69 -1.18
CA ASN C 93 -19.35 16.78 -1.19
C ASN C 93 -20.48 16.48 -0.22
N GLU C 94 -20.87 17.48 0.57
CA GLU C 94 -21.84 17.28 1.64
C GLU C 94 -23.30 17.40 1.21
N PHE C 95 -23.62 18.45 0.45
CA PHE C 95 -25.00 18.71 0.08
C PHE C 95 -25.19 18.81 -1.43
N ARG C 96 -26.24 18.16 -1.93
CA ARG C 96 -26.58 18.25 -3.35
C ARG C 96 -27.10 19.63 -3.70
N PHE C 97 -26.52 20.21 -4.75
CA PHE C 97 -26.86 21.57 -5.17
C PHE C 97 -28.33 21.71 -5.57
N SER C 98 -28.91 20.62 -6.07
CA SER C 98 -30.29 20.65 -6.55
C SER C 98 -31.29 20.42 -5.42
N ARG C 99 -30.80 20.05 -4.24
CA ARG C 99 -31.67 19.76 -3.11
C ARG C 99 -31.72 20.91 -2.11
N VAL C 100 -30.76 21.82 -2.22
CA VAL C 100 -30.73 23.00 -1.34
C VAL C 100 -31.85 23.96 -1.74
N THR C 101 -32.85 24.08 -0.86
CA THR C 101 -33.99 24.94 -1.12
C THR C 101 -33.74 26.35 -0.62
N LYS C 102 -34.65 27.26 -0.95
CA LYS C 102 -34.54 28.65 -0.52
C LYS C 102 -34.41 28.76 0.99
N ASN C 103 -35.26 28.02 1.70
CA ASN C 103 -35.23 28.01 3.16
C ASN C 103 -33.90 27.49 3.70
N ASP C 104 -33.36 26.46 3.06
CA ASP C 104 -32.08 25.89 3.46
C ASP C 104 -30.95 26.90 3.27
N LEU C 105 -30.96 27.57 2.13
CA LEU C 105 -29.95 28.58 1.83
C LEU C 105 -30.04 29.73 2.83
N TYR C 106 -31.23 29.94 3.39
CA TYR C 106 -31.45 31.01 4.36
C TYR C 106 -30.85 30.67 5.72
N HIS C 107 -31.03 29.42 6.14
CA HIS C 107 -30.58 28.98 7.46
C HIS C 107 -29.10 28.60 7.48
N ALA C 108 -28.66 27.89 6.45
CA ALA C 108 -27.29 27.38 6.42
C ALA C 108 -26.48 27.95 5.26
N GLY C 109 -26.96 29.04 4.68
CA GLY C 109 -26.26 29.68 3.57
C GLY C 109 -24.92 30.23 3.99
N GLU C 110 -24.87 30.86 5.15
CA GLU C 110 -23.63 31.43 5.67
C GLU C 110 -22.63 30.33 6.02
N LEU C 111 -23.13 29.23 6.54
CA LEU C 111 -22.28 28.10 6.93
C LEU C 111 -21.58 27.49 5.72
N LEU C 112 -22.28 27.47 4.59
CA LEU C 112 -21.74 26.88 3.37
C LEU C 112 -20.95 27.90 2.55
N ALA C 113 -20.73 29.07 3.13
CA ALA C 113 -19.99 30.13 2.46
C ALA C 113 -20.68 30.59 1.18
N LEU C 114 -21.98 30.31 1.08
CA LEU C 114 -22.77 30.74 -0.07
C LEU C 114 -23.42 32.10 0.21
N LEU C 115 -23.34 32.54 1.46
CA LEU C 115 -23.87 33.82 1.87
C LEU C 115 -22.97 34.48 2.89
N ASN C 116 -22.94 35.81 2.89
CA ASN C 116 -22.17 36.55 3.88
C ASN C 116 -22.97 36.70 5.19
N ASN C 117 -22.42 37.46 6.13
CA ASN C 117 -23.07 37.65 7.42
C ASN C 117 -24.35 38.47 7.33
N ARG C 118 -24.69 38.88 6.11
CA ARG C 118 -25.88 39.70 5.90
C ARG C 118 -26.84 39.10 4.88
N TYR C 119 -26.90 37.78 4.83
CA TYR C 119 -27.86 37.08 3.97
C TYR C 119 -27.79 37.50 2.50
N GLU C 120 -26.59 37.82 2.04
CA GLU C 120 -26.39 38.19 0.64
C GLU C 120 -25.36 37.28 -0.02
N ILE C 121 -25.44 37.16 -1.34
CA ILE C 121 -24.47 36.38 -2.09
C ILE C 121 -23.14 37.12 -2.14
N PRO C 122 -22.10 36.54 -1.53
CA PRO C 122 -20.77 37.14 -1.43
C PRO C 122 -20.27 37.66 -2.77
N ASP C 123 -19.59 38.81 -2.75
CA ASP C 123 -19.04 39.40 -3.96
C ASP C 123 -17.83 38.60 -4.44
N THR C 124 -17.28 37.78 -3.54
CA THR C 124 -16.12 36.96 -3.85
C THR C 124 -16.53 35.67 -4.56
N GLN C 125 -17.78 35.61 -5.01
CA GLN C 125 -18.29 34.43 -5.69
C GLN C 125 -17.48 34.14 -6.95
N THR C 126 -17.19 32.87 -7.18
CA THR C 126 -16.41 32.45 -8.34
C THR C 126 -17.10 31.32 -9.08
N ALA C 127 -18.31 31.58 -9.55
CA ALA C 127 -19.07 30.59 -10.29
C ALA C 127 -19.52 31.13 -11.64
N ASP C 128 -19.87 30.23 -12.56
CA ASP C 128 -20.33 30.62 -13.88
C ASP C 128 -21.62 31.43 -13.79
N GLU C 129 -22.01 32.06 -14.89
CA GLU C 129 -23.18 32.92 -14.91
C GLU C 129 -24.48 32.11 -15.04
N LYS C 130 -24.36 30.79 -15.11
CA LYS C 130 -25.52 29.93 -15.21
C LYS C 130 -25.99 29.44 -13.85
N GLN C 131 -25.04 29.15 -12.96
CA GLN C 131 -25.36 28.77 -11.60
C GLN C 131 -25.61 30.00 -10.75
N LEU C 132 -25.07 31.14 -11.18
CA LEU C 132 -25.25 32.40 -10.48
C LEU C 132 -26.72 32.81 -10.50
N GLU C 133 -27.35 32.68 -11.66
CA GLU C 133 -28.76 33.02 -11.81
C GLU C 133 -29.64 32.10 -10.97
N ILE C 134 -29.40 30.80 -11.09
CA ILE C 134 -30.15 29.81 -10.33
C ILE C 134 -29.96 30.00 -8.83
N LEU C 135 -28.79 30.47 -8.43
CA LEU C 135 -28.47 30.65 -7.02
C LEU C 135 -28.99 31.99 -6.49
N GLN C 136 -29.12 32.96 -7.38
CA GLN C 136 -29.65 34.27 -6.99
C GLN C 136 -31.17 34.23 -6.78
N ASP C 137 -31.87 33.49 -7.63
CA ASP C 137 -33.31 33.30 -7.47
C ASP C 137 -33.60 32.50 -6.21
N LYS C 138 -32.59 31.78 -5.74
CA LYS C 138 -32.72 30.97 -4.53
C LYS C 138 -32.37 31.79 -3.29
N ALA C 139 -31.53 32.81 -3.50
CA ALA C 139 -31.11 33.68 -2.40
C ALA C 139 -31.99 34.93 -2.33
N ASN C 140 -33.07 34.92 -3.09
CA ASN C 140 -34.03 36.02 -3.07
C ASN C 140 -35.01 35.88 -1.91
N PHE C 141 -34.77 36.65 -0.84
CA PHE C 141 -35.56 36.52 0.37
C PHE C 141 -36.58 37.65 0.52
N ARG C 142 -36.84 38.39 -0.56
CA ARG C 142 -37.84 39.44 -0.54
C ARG C 142 -39.24 38.82 -0.39
N ASN C 143 -39.94 39.22 0.65
CA ASN C 143 -41.25 38.64 0.97
C ASN C 143 -41.16 37.15 1.23
N PHE C 144 -40.14 36.75 1.99
CA PHE C 144 -39.92 35.35 2.32
C PHE C 144 -40.05 35.10 3.83
N LYS C 145 -40.84 34.10 4.20
CA LYS C 145 -41.00 33.74 5.60
C LYS C 145 -40.30 32.44 5.93
N PRO C 146 -39.25 32.53 6.76
CA PRO C 146 -38.39 31.40 7.14
C PRO C 146 -39.17 30.28 7.84
N LYS C 147 -39.24 29.12 7.19
CA LYS C 147 -39.83 27.94 7.79
C LYS C 147 -38.82 27.31 8.73
N PRO C 148 -39.28 26.43 9.63
CA PRO C 148 -38.35 25.76 10.55
C PRO C 148 -37.28 24.98 9.80
N PHE C 149 -36.11 24.83 10.41
CA PHE C 149 -34.98 24.16 9.77
C PHE C 149 -34.26 23.23 10.74
N ASN C 150 -33.95 22.02 10.29
CA ASN C 150 -33.23 21.05 11.11
C ASN C 150 -32.04 20.42 10.39
N MET C 151 -30.86 20.53 11.00
CA MET C 151 -29.63 20.04 10.39
C MET C 151 -29.71 18.58 10.01
N LEU C 152 -30.07 17.73 10.96
CA LEU C 152 -30.17 16.30 10.71
C LEU C 152 -31.06 16.02 9.50
N GLU C 153 -32.14 16.78 9.38
CA GLU C 153 -33.04 16.65 8.24
C GLU C 153 -32.35 17.11 6.96
N PHE C 154 -31.60 18.20 7.07
CA PHE C 154 -30.89 18.77 5.92
C PHE C 154 -29.88 17.78 5.36
N TYR C 155 -29.03 17.24 6.25
CA TYR C 155 -28.06 16.23 5.86
C TYR C 155 -28.74 15.04 5.19
N ASP C 156 -29.81 14.57 5.81
CA ASP C 156 -30.52 13.39 5.34
C ASP C 156 -31.15 13.59 3.97
N ARG C 157 -31.74 14.75 3.75
CA ARG C 157 -32.45 15.03 2.51
C ARG C 157 -31.54 15.60 1.43
N ALA C 158 -30.76 16.62 1.78
CA ALA C 158 -29.89 17.28 0.81
C ALA C 158 -28.61 16.50 0.54
N GLY C 159 -28.36 15.49 1.37
CA GLY C 159 -27.18 14.65 1.22
C GLY C 159 -27.22 13.86 -0.07
N HIS C 160 -26.17 13.08 -0.31
CA HIS C 160 -26.10 12.24 -1.50
C HIS C 160 -26.87 10.94 -1.27
N ASP C 161 -27.59 10.51 -2.30
CA ASP C 161 -28.46 9.33 -2.18
C ASP C 161 -27.79 8.08 -2.73
N ILE C 162 -27.59 7.10 -1.87
CA ILE C 162 -27.01 5.82 -2.26
C ILE C 162 -27.72 5.25 -3.48
N ARG C 163 -28.99 5.61 -3.64
CA ARG C 163 -29.80 5.10 -4.74
C ARG C 163 -29.46 5.74 -6.08
N GLU C 164 -28.76 6.88 -6.04
CA GLU C 164 -28.33 7.54 -7.26
C GLU C 164 -26.85 7.29 -7.54
N MET C 165 -26.07 7.12 -6.47
CA MET C 165 -24.63 6.89 -6.60
C MET C 165 -24.32 5.45 -6.99
N LEU C 166 -25.09 4.51 -6.45
CA LEU C 166 -24.84 3.09 -6.69
C LEU C 166 -25.30 2.65 -8.07
N LEU C 167 -24.37 2.57 -9.01
CA LEU C 167 -24.68 2.12 -10.36
C LEU C 167 -24.53 0.61 -10.49
N SER C 168 -23.85 0.01 -9.51
CA SER C 168 -23.57 -1.42 -9.53
C SER C 168 -23.05 -1.87 -8.18
N CYS C 169 -23.36 -3.11 -7.80
CA CYS C 169 -22.87 -3.66 -6.56
C CYS C 169 -22.96 -5.18 -6.53
N PHE C 170 -21.87 -5.83 -6.14
CA PHE C 170 -21.83 -7.28 -6.00
C PHE C 170 -21.01 -7.68 -4.77
N PHE C 171 -21.36 -8.81 -4.19
CA PHE C 171 -20.58 -9.39 -3.10
C PHE C 171 -20.59 -10.92 -3.21
N ARG C 172 -19.56 -11.46 -3.83
CA ARG C 172 -19.48 -12.89 -4.12
C ARG C 172 -20.53 -13.30 -5.15
N GLY C 173 -20.55 -12.61 -6.28
CA GLY C 173 -21.49 -12.93 -7.34
C GLY C 173 -22.92 -12.57 -6.99
N GLU C 174 -23.18 -12.36 -5.71
CA GLU C 174 -24.49 -11.93 -5.25
C GLU C 174 -24.66 -10.44 -5.48
N GLN C 175 -25.63 -10.08 -6.32
CA GLN C 175 -25.91 -8.68 -6.58
C GLN C 175 -26.60 -8.05 -5.38
N CYS C 176 -26.15 -6.86 -4.99
CA CYS C 176 -26.70 -6.17 -3.84
C CYS C 176 -27.30 -4.83 -4.24
N SER C 177 -28.22 -4.33 -3.40
CA SER C 177 -28.94 -3.10 -3.70
C SER C 177 -28.64 -2.05 -2.62
N PRO C 178 -29.10 -0.81 -2.85
CA PRO C 178 -28.96 0.27 -1.86
C PRO C 178 -29.48 -0.13 -0.48
N GLU C 179 -30.37 -1.11 -0.43
CA GLU C 179 -30.95 -1.56 0.83
C GLU C 179 -29.95 -2.37 1.66
N ASP C 180 -28.78 -2.63 1.10
CA ASP C 180 -27.73 -3.34 1.80
C ASP C 180 -26.82 -2.35 2.53
N PHE C 181 -26.99 -1.07 2.23
CA PHE C 181 -26.19 -0.02 2.85
C PHE C 181 -26.95 0.67 3.98
N LYS C 182 -26.36 0.66 5.17
CA LYS C 182 -26.95 1.30 6.34
C LYS C 182 -26.48 2.75 6.45
N VAL C 183 -27.42 3.68 6.47
CA VAL C 183 -27.08 5.10 6.55
C VAL C 183 -26.40 5.45 7.88
N VAL C 184 -25.23 6.06 7.80
CA VAL C 184 -24.50 6.48 8.99
C VAL C 184 -24.01 7.92 8.83
N PHE C 185 -24.29 8.74 9.83
CA PHE C 185 -23.89 10.14 9.77
C PHE C 185 -22.50 10.36 10.35
N THR C 186 -21.70 11.15 9.62
CA THR C 186 -20.35 11.47 10.06
C THR C 186 -19.97 12.88 9.59
N ARG C 187 -18.79 13.34 10.01
CA ARG C 187 -18.35 14.71 9.72
C ARG C 187 -18.54 15.10 8.25
N TYR C 188 -18.40 14.13 7.35
CA TYR C 188 -18.54 14.40 5.93
C TYR C 188 -20.01 14.61 5.54
N GLY C 189 -20.91 14.21 6.41
CA GLY C 189 -22.33 14.37 6.16
C GLY C 189 -23.09 13.05 6.19
N LYS C 190 -23.82 12.78 5.12
CA LYS C 190 -24.60 11.54 5.01
C LYS C 190 -23.80 10.45 4.31
N CYS C 191 -23.27 9.51 5.09
CA CYS C 191 -22.48 8.42 4.54
C CYS C 191 -23.25 7.10 4.54
N TYR C 192 -22.56 6.01 4.20
CA TYR C 192 -23.19 4.70 4.11
C TYR C 192 -22.25 3.58 4.56
N THR C 193 -22.83 2.48 5.02
CA THR C 193 -22.04 1.36 5.51
C THR C 193 -22.52 0.04 4.96
N PHE C 194 -21.71 -0.60 4.12
CA PHE C 194 -22.03 -1.94 3.64
C PHE C 194 -21.66 -2.96 4.70
N ASN C 195 -22.47 -4.02 4.80
CA ASN C 195 -22.26 -5.05 5.80
C ASN C 195 -22.14 -4.46 7.20
N ALA C 196 -22.98 -3.46 7.49
CA ALA C 196 -22.98 -2.82 8.80
C ALA C 196 -23.17 -3.86 9.89
N GLY C 197 -24.07 -4.81 9.64
CA GLY C 197 -24.27 -5.93 10.55
C GLY C 197 -24.96 -5.57 11.85
N GLN C 198 -25.18 -4.28 12.07
CA GLN C 198 -26.05 -3.89 13.16
C GLN C 198 -27.44 -3.95 12.57
N ASP C 199 -28.44 -4.20 13.41
CA ASP C 199 -29.85 -3.99 13.07
C ASP C 199 -30.73 -5.24 12.90
N GLY C 200 -30.17 -6.43 13.13
CA GLY C 200 -30.96 -7.64 13.02
C GLY C 200 -30.54 -8.50 11.84
N LYS C 201 -29.60 -7.97 11.07
CA LYS C 201 -29.04 -8.69 9.94
C LYS C 201 -27.74 -9.34 10.38
N PRO C 202 -27.46 -10.55 9.86
CA PRO C 202 -26.21 -11.24 10.17
C PRO C 202 -25.06 -10.68 9.34
N ARG C 203 -23.87 -10.65 9.90
CA ARG C 203 -22.70 -10.12 9.20
C ARG C 203 -22.20 -11.10 8.16
N LEU C 204 -22.01 -10.61 6.93
CA LEU C 204 -21.57 -11.43 5.81
C LEU C 204 -20.21 -12.07 6.04
N ILE C 205 -19.94 -13.15 5.31
CA ILE C 205 -18.65 -13.82 5.39
C ILE C 205 -18.10 -14.15 4.00
N THR C 206 -16.82 -14.50 3.96
CA THR C 206 -16.18 -14.91 2.71
C THR C 206 -15.22 -16.06 3.01
N MET C 207 -15.15 -17.02 2.09
CA MET C 207 -14.37 -18.22 2.33
C MET C 207 -13.27 -18.41 1.30
N LYS C 208 -13.14 -17.45 0.38
CA LYS C 208 -12.13 -17.52 -0.66
C LYS C 208 -11.52 -16.16 -0.92
N GLY C 209 -10.27 -16.15 -1.40
CA GLY C 209 -9.59 -14.91 -1.69
C GLY C 209 -9.76 -14.47 -3.13
N GLY C 210 -9.57 -13.18 -3.38
CA GLY C 210 -9.67 -12.64 -4.73
C GLY C 210 -10.85 -11.70 -4.90
N THR C 211 -10.83 -10.94 -6.00
CA THR C 211 -11.89 -9.98 -6.28
C THR C 211 -13.24 -10.66 -6.41
N GLY C 212 -13.23 -11.87 -6.97
CA GLY C 212 -14.46 -12.62 -7.22
C GLY C 212 -15.28 -12.87 -5.96
N ASN C 213 -14.62 -12.86 -4.80
CA ASN C 213 -15.31 -13.12 -3.55
C ASN C 213 -15.22 -11.93 -2.58
N GLY C 214 -15.37 -10.73 -3.12
CA GLY C 214 -15.33 -9.51 -2.33
C GLY C 214 -16.29 -8.47 -2.83
N LEU C 215 -16.28 -7.31 -2.20
CA LEU C 215 -17.18 -6.23 -2.56
C LEU C 215 -16.71 -5.51 -3.83
N GLU C 216 -17.65 -5.18 -4.71
CA GLU C 216 -17.33 -4.42 -5.92
C GLU C 216 -18.41 -3.38 -6.19
N ILE C 217 -18.04 -2.12 -6.02
CA ILE C 217 -18.98 -1.02 -6.18
C ILE C 217 -18.63 -0.16 -7.39
N MET C 218 -19.65 0.33 -8.08
CA MET C 218 -19.45 1.34 -9.12
C MET C 218 -20.29 2.57 -8.80
N LEU C 219 -19.62 3.63 -8.37
CA LEU C 219 -20.32 4.84 -7.92
C LEU C 219 -20.33 5.96 -8.95
N ASP C 220 -21.27 6.88 -8.76
CA ASP C 220 -21.33 8.11 -9.56
C ASP C 220 -21.31 9.28 -8.58
N ILE C 221 -20.14 9.86 -8.38
CA ILE C 221 -19.96 10.89 -7.34
C ILE C 221 -20.78 12.15 -7.59
N GLN C 222 -21.23 12.34 -8.84
CA GLN C 222 -22.10 13.46 -9.18
C GLN C 222 -21.46 14.82 -8.92
N GLN C 223 -20.41 15.14 -9.67
CA GLN C 223 -19.77 16.45 -9.52
C GLN C 223 -20.72 17.57 -9.93
N ASP C 224 -21.65 17.25 -10.81
CA ASP C 224 -22.63 18.24 -11.27
C ASP C 224 -23.57 18.63 -10.13
N GLU C 225 -23.51 17.87 -9.04
CA GLU C 225 -24.33 18.15 -7.86
C GLU C 225 -23.51 18.73 -6.73
N TYR C 226 -22.21 18.89 -6.97
CA TYR C 226 -21.31 19.46 -5.98
C TYR C 226 -21.62 20.94 -5.73
N LEU C 227 -21.65 21.32 -4.46
CA LEU C 227 -21.88 22.71 -4.07
C LEU C 227 -20.72 23.59 -4.52
N PRO C 228 -21.03 24.76 -5.09
CA PRO C 228 -20.00 25.72 -5.47
C PRO C 228 -19.14 26.09 -4.28
N VAL C 229 -17.81 26.07 -4.44
CA VAL C 229 -16.91 26.45 -3.37
C VAL C 229 -16.47 27.90 -3.52
N TRP C 230 -17.00 28.76 -2.66
CA TRP C 230 -16.69 30.18 -2.71
C TRP C 230 -15.85 30.61 -1.51
N GLY C 231 -15.67 29.70 -0.56
CA GLY C 231 -14.89 29.98 0.62
C GLY C 231 -14.36 28.71 1.27
N GLU C 232 -13.57 28.87 2.32
CA GLU C 232 -12.98 27.73 3.00
C GLU C 232 -13.62 27.48 4.37
N THR C 233 -14.39 26.42 4.47
CA THR C 233 -15.04 26.05 5.73
C THR C 233 -14.88 24.56 5.97
N ASP C 234 -15.38 24.09 7.11
CA ASP C 234 -15.34 22.67 7.44
C ASP C 234 -16.39 21.88 6.65
N GLU C 235 -17.19 22.60 5.87
CA GLU C 235 -18.24 21.98 5.08
C GLU C 235 -17.97 22.14 3.58
N THR C 236 -16.78 22.62 3.24
CA THR C 236 -16.38 22.76 1.85
C THR C 236 -15.17 21.88 1.55
N SER C 237 -15.01 21.49 0.30
CA SER C 237 -13.94 20.58 -0.10
C SER C 237 -13.34 20.95 -1.45
N PHE C 238 -12.01 20.97 -1.51
CA PHE C 238 -11.31 21.23 -2.76
C PHE C 238 -11.24 19.96 -3.61
N GLU C 239 -11.37 18.81 -2.96
CA GLU C 239 -11.22 17.53 -3.64
C GLU C 239 -12.54 16.92 -4.10
N ALA C 240 -12.46 16.05 -5.10
CA ALA C 240 -13.62 15.31 -5.58
C ALA C 240 -13.36 13.82 -5.46
N GLY C 241 -14.41 13.06 -5.18
CA GLY C 241 -14.29 11.63 -4.98
C GLY C 241 -14.96 11.17 -3.70
N ILE C 242 -14.44 10.09 -3.12
CA ILE C 242 -15.04 9.54 -1.91
C ILE C 242 -14.00 9.19 -0.86
N LYS C 243 -14.45 9.04 0.38
CA LYS C 243 -13.59 8.64 1.48
C LYS C 243 -14.14 7.34 2.06
N VAL C 244 -13.28 6.35 2.22
CA VAL C 244 -13.72 5.02 2.64
C VAL C 244 -12.99 4.57 3.89
N GLN C 245 -13.66 3.76 4.71
CA GLN C 245 -13.02 3.15 5.88
C GLN C 245 -13.47 1.71 6.10
N ILE C 246 -12.49 0.81 6.21
CA ILE C 246 -12.75 -0.59 6.48
C ILE C 246 -12.53 -0.89 7.96
N HIS C 247 -13.60 -1.25 8.65
CA HIS C 247 -13.54 -1.42 10.10
C HIS C 247 -14.41 -2.56 10.59
N SER C 248 -14.12 -3.04 11.80
CA SER C 248 -14.93 -4.07 12.43
C SER C 248 -16.37 -3.59 12.62
N GLN C 249 -17.31 -4.54 12.59
CA GLN C 249 -18.72 -4.20 12.72
C GLN C 249 -18.98 -3.40 14.00
N ASP C 250 -18.34 -3.82 15.08
CA ASP C 250 -18.53 -3.17 16.38
C ASP C 250 -17.47 -2.11 16.68
N GLU C 251 -17.09 -1.37 15.64
CA GLU C 251 -16.19 -0.23 15.79
C GLU C 251 -16.72 0.94 14.99
N PRO C 252 -17.18 1.99 15.68
CA PRO C 252 -17.73 3.16 14.98
C PRO C 252 -16.72 3.76 14.01
N PRO C 253 -17.20 4.25 12.86
CA PRO C 253 -16.31 4.80 11.83
C PRO C 253 -15.89 6.24 12.12
N LEU C 254 -14.58 6.45 12.27
CA LEU C 254 -14.01 7.78 12.38
C LEU C 254 -13.41 8.13 11.02
N ILE C 255 -14.28 8.22 10.02
CA ILE C 255 -13.86 8.24 8.62
C ILE C 255 -13.07 9.48 8.19
N ASP C 256 -13.20 10.57 8.94
CA ASP C 256 -12.51 11.81 8.59
C ASP C 256 -11.05 11.78 9.01
N GLN C 257 -10.73 10.90 9.97
CA GLN C 257 -9.39 10.84 10.53
C GLN C 257 -8.62 9.60 10.09
N LEU C 258 -9.32 8.47 9.98
CA LEU C 258 -8.68 7.19 9.76
C LEU C 258 -9.05 6.53 8.43
N GLY C 259 -9.71 7.27 7.56
CA GLY C 259 -10.15 6.72 6.28
C GLY C 259 -9.13 6.87 5.19
N PHE C 260 -9.31 6.13 4.10
CA PHE C 260 -8.48 6.29 2.92
C PHE C 260 -9.32 6.85 1.76
N GLY C 261 -8.64 7.21 0.68
CA GLY C 261 -9.30 7.88 -0.42
C GLY C 261 -9.42 7.07 -1.70
N VAL C 262 -10.48 7.34 -2.45
CA VAL C 262 -10.68 6.72 -3.76
C VAL C 262 -11.10 7.80 -4.76
N ALA C 263 -10.38 7.88 -5.88
CA ALA C 263 -10.61 8.94 -6.85
C ALA C 263 -11.47 8.48 -8.02
N PRO C 264 -12.16 9.43 -8.65
CA PRO C 264 -12.95 9.14 -9.85
C PRO C 264 -12.04 8.93 -11.06
N GLY C 265 -12.47 8.11 -12.00
CA GLY C 265 -11.69 7.83 -13.19
C GLY C 265 -10.72 6.68 -13.01
N PHE C 266 -10.87 5.97 -11.90
CA PHE C 266 -10.01 4.82 -11.60
C PHE C 266 -10.80 3.68 -10.97
N GLN C 267 -10.44 2.45 -11.31
CA GLN C 267 -10.94 1.29 -10.60
C GLN C 267 -9.91 0.91 -9.54
N THR C 268 -10.31 1.01 -8.28
CA THR C 268 -9.36 0.80 -7.18
C THR C 268 -9.46 -0.60 -6.58
N PHE C 269 -8.32 -1.28 -6.50
CA PHE C 269 -8.26 -2.60 -5.88
C PHE C 269 -7.67 -2.46 -4.48
N VAL C 270 -8.28 -3.14 -3.52
CA VAL C 270 -7.81 -3.08 -2.14
C VAL C 270 -7.67 -4.48 -1.53
N SER C 271 -6.46 -5.02 -1.59
CA SER C 271 -6.16 -6.31 -0.98
C SER C 271 -6.00 -6.15 0.52
N CYS C 272 -6.86 -6.82 1.28
CA CYS C 272 -6.87 -6.67 2.73
C CYS C 272 -6.38 -7.91 3.45
N GLN C 273 -5.95 -7.73 4.70
CA GLN C 273 -5.54 -8.83 5.56
C GLN C 273 -5.97 -8.58 7.00
N GLU C 274 -6.92 -9.36 7.48
CA GLU C 274 -7.45 -9.17 8.82
C GLU C 274 -6.42 -9.52 9.89
N GLN C 275 -6.18 -8.58 10.80
CA GLN C 275 -5.24 -8.77 11.89
C GLN C 275 -5.92 -8.54 13.22
N ARG C 276 -5.98 -9.61 14.02
CA ARG C 276 -6.63 -9.51 15.33
C ARG C 276 -5.60 -9.47 16.44
N LEU C 277 -5.61 -8.39 17.22
CA LEU C 277 -4.67 -8.22 18.32
C LEU C 277 -5.37 -8.31 19.67
N ILE C 278 -4.79 -9.10 20.58
CA ILE C 278 -5.34 -9.25 21.91
C ILE C 278 -4.31 -8.83 22.96
N TYR C 279 -4.72 -7.95 23.87
CA TYR C 279 -3.84 -7.49 24.93
C TYR C 279 -4.32 -8.02 26.29
N LEU C 280 -3.42 -8.01 27.26
CA LEU C 280 -3.76 -8.46 28.61
C LEU C 280 -4.07 -7.28 29.53
N PRO C 281 -5.09 -7.42 30.39
CA PRO C 281 -5.42 -6.40 31.37
C PRO C 281 -4.40 -6.38 32.50
N PRO C 282 -4.29 -5.26 33.23
CA PRO C 282 -3.33 -5.15 34.33
C PRO C 282 -3.75 -6.10 35.44
N PRO C 283 -2.82 -6.87 36.02
CA PRO C 283 -1.41 -6.68 36.33
C PRO C 283 -0.44 -6.97 35.20
N TRP C 284 -0.92 -7.53 34.10
CA TRP C 284 -0.04 -7.95 33.02
C TRP C 284 0.15 -6.86 31.96
N GLY C 285 -0.91 -6.11 31.69
CA GLY C 285 -0.86 -5.09 30.65
C GLY C 285 -1.48 -3.76 31.03
N ASP C 286 -1.72 -2.92 30.04
CA ASP C 286 -2.26 -1.58 30.29
C ASP C 286 -3.68 -1.44 29.75
N CYS C 287 -4.18 -2.50 29.12
CA CYS C 287 -5.49 -2.43 28.46
C CYS C 287 -6.65 -2.60 29.43
N LYS C 288 -7.84 -2.75 28.87
CA LYS C 288 -9.05 -2.93 29.67
C LYS C 288 -10.16 -3.47 28.77
N ALA C 289 -11.16 -4.11 29.37
CA ALA C 289 -12.25 -4.69 28.61
C ALA C 289 -13.42 -3.72 28.46
N SER C 294 -19.37 1.04 27.21
CA SER C 294 -19.41 2.42 27.69
C SER C 294 -20.85 2.90 27.81
N GLU C 295 -21.04 4.20 27.58
CA GLU C 295 -22.37 4.79 27.69
C GLU C 295 -23.05 4.91 26.33
N PHE C 296 -22.31 5.41 25.35
CA PHE C 296 -22.86 5.66 24.02
C PHE C 296 -22.76 4.46 23.10
N TYR C 297 -21.72 3.66 23.28
CA TYR C 297 -21.46 2.53 22.39
C TYR C 297 -21.40 1.19 23.13
N ASP C 298 -21.67 0.11 22.40
CA ASP C 298 -21.74 -1.22 22.99
C ASP C 298 -20.37 -1.77 23.37
N THR C 299 -19.42 -1.71 22.44
CA THR C 299 -18.08 -2.24 22.67
C THR C 299 -17.07 -1.11 22.80
N TYR C 300 -16.02 -1.34 23.58
CA TYR C 300 -14.99 -0.32 23.77
C TYR C 300 -14.07 -0.21 22.55
N SER C 301 -13.89 1.02 22.09
CA SER C 301 -13.03 1.28 20.94
C SER C 301 -12.34 2.62 21.16
N ILE C 302 -11.10 2.73 20.70
CA ILE C 302 -10.41 4.02 20.76
C ILE C 302 -11.25 5.08 20.07
N THR C 303 -11.87 4.70 18.96
CA THR C 303 -12.76 5.60 18.24
C THR C 303 -13.99 5.92 19.09
N ALA C 304 -14.60 4.88 19.64
CA ALA C 304 -15.77 5.06 20.49
C ALA C 304 -15.43 6.03 21.62
N CYS C 305 -14.26 5.86 22.21
CA CYS C 305 -13.79 6.71 23.29
C CYS C 305 -13.68 8.17 22.83
N ARG C 306 -13.16 8.36 21.63
CA ARG C 306 -13.00 9.71 21.08
C ARG C 306 -14.34 10.33 20.72
N ILE C 307 -15.18 9.57 20.02
CA ILE C 307 -16.52 10.04 19.70
C ILE C 307 -17.23 10.46 20.99
N ASP C 308 -17.03 9.67 22.04
CA ASP C 308 -17.57 9.97 23.35
C ASP C 308 -17.09 11.34 23.83
N CYS C 309 -15.77 11.50 23.94
CA CYS C 309 -15.18 12.75 24.41
C CYS C 309 -15.62 13.93 23.57
N GLU C 310 -15.53 13.78 22.25
CA GLU C 310 -15.95 14.84 21.33
C GLU C 310 -17.36 15.30 21.65
N THR C 311 -18.24 14.34 21.93
CA THR C 311 -19.64 14.65 22.22
C THR C 311 -19.80 15.44 23.52
N ARG C 312 -19.34 14.85 24.62
CA ARG C 312 -19.40 15.50 25.92
C ARG C 312 -18.80 16.91 25.85
N TYR C 313 -17.61 17.00 25.29
CA TYR C 313 -16.91 18.27 25.16
C TYR C 313 -17.76 19.28 24.39
N LEU C 314 -18.17 18.92 23.18
CA LEU C 314 -18.95 19.80 22.33
C LEU C 314 -20.27 20.19 22.98
N VAL C 315 -20.78 19.30 23.83
CA VAL C 315 -22.03 19.55 24.55
C VAL C 315 -21.84 20.58 25.66
N GLU C 316 -20.84 20.36 26.50
CA GLU C 316 -20.58 21.24 27.63
C GLU C 316 -19.91 22.55 27.20
N ASN C 317 -19.78 22.74 25.90
CA ASN C 317 -19.20 23.96 25.36
C ASN C 317 -20.18 24.74 24.50
N CYS C 318 -21.12 24.02 23.89
CA CYS C 318 -22.07 24.63 22.96
C CYS C 318 -23.51 24.31 23.31
N ASN C 319 -23.71 23.44 24.29
CA ASN C 319 -25.05 23.02 24.70
C ASN C 319 -25.81 22.38 23.54
N CYS C 320 -25.07 21.68 22.70
CA CYS C 320 -25.65 20.98 21.57
C CYS C 320 -24.65 19.99 20.99
N ARG C 321 -25.12 19.07 20.15
CA ARG C 321 -24.26 18.08 19.53
C ARG C 321 -24.34 18.19 18.01
N MET C 322 -23.30 17.74 17.33
CA MET C 322 -23.32 17.72 15.87
C MET C 322 -24.07 16.49 15.36
N VAL C 323 -24.66 16.62 14.18
CA VAL C 323 -25.50 15.58 13.59
C VAL C 323 -24.95 14.16 13.75
N HIS C 324 -23.63 14.03 13.65
CA HIS C 324 -23.01 12.71 13.61
C HIS C 324 -22.67 12.15 14.99
N MET C 325 -23.08 12.85 16.04
CA MET C 325 -22.69 12.46 17.39
C MET C 325 -23.79 11.71 18.15
N PRO C 326 -23.38 10.79 19.04
CA PRO C 326 -24.30 9.99 19.85
C PRO C 326 -24.96 10.83 20.94
N GLY C 327 -25.47 10.16 21.97
CA GLY C 327 -26.13 10.85 23.06
C GLY C 327 -27.51 11.36 22.70
N ASP C 328 -28.01 12.28 23.51
CA ASP C 328 -29.36 12.81 23.36
C ASP C 328 -29.42 14.31 23.60
N ALA C 329 -28.59 15.06 22.88
CA ALA C 329 -28.55 16.50 23.04
C ALA C 329 -29.17 17.21 21.84
N PRO C 330 -29.68 18.42 22.05
CA PRO C 330 -30.25 19.18 20.93
C PRO C 330 -29.24 19.34 19.80
N TYR C 331 -29.67 19.05 18.58
CA TYR C 331 -28.78 19.17 17.43
C TYR C 331 -28.40 20.62 17.16
N CYS C 332 -27.12 20.85 16.95
CA CYS C 332 -26.60 22.20 16.68
C CYS C 332 -27.24 22.82 15.45
N THR C 333 -27.52 24.11 15.52
CA THR C 333 -28.08 24.84 14.39
C THR C 333 -26.95 25.33 13.49
N PRO C 334 -27.27 25.68 12.25
CA PRO C 334 -26.25 26.20 11.33
C PRO C 334 -25.45 27.32 11.97
N GLU C 335 -26.12 28.19 12.72
CA GLU C 335 -25.44 29.28 13.41
C GLU C 335 -24.51 28.74 14.48
N GLN C 336 -24.99 27.76 15.25
CA GLN C 336 -24.19 27.16 16.30
C GLN C 336 -22.94 26.48 15.74
N TYR C 337 -23.08 25.86 14.58
CA TYR C 337 -21.95 25.23 13.90
C TYR C 337 -20.82 26.22 13.70
N LYS C 338 -21.13 27.34 13.04
CA LYS C 338 -20.13 28.34 12.70
C LYS C 338 -19.45 28.97 13.92
N GLU C 339 -20.23 29.25 14.95
CA GLU C 339 -19.72 30.04 16.07
C GLU C 339 -19.34 29.25 17.32
N CYS C 340 -19.68 27.97 17.35
CA CYS C 340 -19.37 27.15 18.52
C CYS C 340 -18.98 25.71 18.15
N ALA C 341 -19.89 25.01 17.48
CA ALA C 341 -19.71 23.59 17.18
C ALA C 341 -18.38 23.28 16.48
N ASP C 342 -18.21 23.76 15.26
CA ASP C 342 -17.02 23.48 14.48
C ASP C 342 -15.72 23.85 15.21
N PRO C 343 -15.60 25.12 15.63
CA PRO C 343 -14.41 25.58 16.34
C PRO C 343 -14.06 24.68 17.52
N ALA C 344 -15.02 24.47 18.42
CA ALA C 344 -14.78 23.67 19.62
C ALA C 344 -14.30 22.26 19.30
N LEU C 345 -14.85 21.68 18.23
CA LEU C 345 -14.49 20.33 17.82
C LEU C 345 -13.10 20.27 17.19
N ASP C 346 -12.86 21.17 16.24
CA ASP C 346 -11.56 21.25 15.59
C ASP C 346 -10.45 21.39 16.61
N PHE C 347 -10.63 22.32 17.56
CA PHE C 347 -9.66 22.53 18.62
C PHE C 347 -9.43 21.26 19.44
N LEU C 348 -10.51 20.62 19.86
CA LEU C 348 -10.42 19.41 20.67
C LEU C 348 -9.59 18.33 19.99
N VAL C 349 -9.77 18.20 18.68
CA VAL C 349 -9.13 17.12 17.93
C VAL C 349 -7.69 17.45 17.53
N GLU C 350 -7.48 18.66 17.01
CA GLU C 350 -6.20 19.02 16.44
C GLU C 350 -5.25 19.71 17.43
N LYS C 351 -5.82 20.35 18.46
CA LYS C 351 -5.00 21.16 19.37
C LYS C 351 -4.98 20.64 20.81
N ASP C 352 -6.11 20.18 21.30
CA ASP C 352 -6.20 19.70 22.69
C ASP C 352 -5.71 18.27 22.86
N ASN C 353 -4.84 18.06 23.84
CA ASN C 353 -4.34 16.72 24.17
C ASN C 353 -4.41 16.45 25.67
N GLU C 354 -5.35 17.11 26.35
CA GLU C 354 -5.52 16.95 27.79
C GLU C 354 -6.87 16.35 28.13
N TYR C 355 -7.91 16.78 27.40
CA TYR C 355 -9.28 16.40 27.71
C TYR C 355 -9.54 14.90 27.64
N CYS C 356 -9.42 14.34 26.43
CA CYS C 356 -9.73 12.93 26.23
C CYS C 356 -8.52 12.04 26.53
N VAL C 357 -8.72 11.05 27.39
CA VAL C 357 -7.68 10.09 27.72
C VAL C 357 -8.18 8.67 27.50
N CYS C 358 -8.00 8.17 26.28
CA CYS C 358 -8.48 6.84 25.93
C CYS C 358 -7.45 5.76 26.26
N GLU C 359 -7.89 4.75 27.00
CA GLU C 359 -7.03 3.62 27.33
C GLU C 359 -6.95 2.67 26.15
N MET C 360 -6.02 1.73 26.21
CA MET C 360 -5.85 0.75 25.14
C MET C 360 -6.86 -0.39 25.27
N PRO C 361 -7.54 -0.70 24.17
CA PRO C 361 -8.51 -1.80 24.12
C PRO C 361 -7.83 -3.16 24.27
N CYS C 362 -8.52 -4.13 24.84
CA CYS C 362 -7.97 -5.48 24.98
C CYS C 362 -8.21 -6.30 23.72
N ASN C 363 -8.97 -5.73 22.78
CA ASN C 363 -9.31 -6.42 21.56
C ASN C 363 -9.35 -5.45 20.37
N VAL C 364 -8.40 -5.60 19.45
CA VAL C 364 -8.31 -4.72 18.29
C VAL C 364 -8.31 -5.50 16.99
N THR C 365 -9.12 -5.04 16.03
CA THR C 365 -9.19 -5.65 14.72
C THR C 365 -8.69 -4.68 13.65
N ARG C 366 -7.53 -4.99 13.09
CA ARG C 366 -6.86 -4.13 12.12
C ARG C 366 -6.86 -4.78 10.74
N TYR C 367 -7.10 -3.98 9.71
CA TYR C 367 -7.10 -4.49 8.34
C TYR C 367 -5.97 -3.90 7.49
N GLY C 368 -4.96 -4.71 7.22
CA GLY C 368 -3.86 -4.28 6.37
C GLY C 368 -4.30 -4.06 4.93
N LYS C 369 -4.31 -2.81 4.50
CA LYS C 369 -4.80 -2.46 3.17
C LYS C 369 -3.68 -2.24 2.17
N GLU C 370 -3.93 -2.65 0.93
CA GLU C 370 -2.97 -2.54 -0.15
C GLU C 370 -3.68 -2.07 -1.43
N LEU C 371 -3.49 -0.80 -1.77
CA LEU C 371 -4.24 -0.21 -2.87
C LEU C 371 -3.51 -0.23 -4.22
N SER C 372 -4.29 -0.02 -5.27
CA SER C 372 -3.82 -0.05 -6.65
C SER C 372 -4.98 0.36 -7.56
N MET C 373 -4.67 0.86 -8.76
CA MET C 373 -5.74 1.35 -9.62
C MET C 373 -5.45 1.26 -11.11
N VAL C 374 -6.51 1.34 -11.91
CA VAL C 374 -6.43 1.39 -13.36
C VAL C 374 -7.42 2.41 -13.90
N LYS C 375 -7.09 3.02 -15.03
CA LYS C 375 -7.94 4.08 -15.58
C LYS C 375 -9.31 3.57 -16.04
N ILE C 376 -10.31 4.45 -15.98
CA ILE C 376 -11.65 4.14 -16.45
C ILE C 376 -12.37 5.43 -16.84
N PRO C 377 -13.01 5.45 -18.02
CA PRO C 377 -13.12 4.30 -18.93
C PRO C 377 -11.97 4.26 -19.94
N SER C 378 -11.82 3.12 -20.61
CA SER C 378 -10.89 3.02 -21.73
C SER C 378 -11.45 3.86 -22.87
N LYS C 379 -10.59 4.26 -23.80
CA LYS C 379 -11.02 5.14 -24.89
C LYS C 379 -12.17 4.52 -25.66
N ALA C 380 -12.31 3.20 -25.56
CA ALA C 380 -13.34 2.47 -26.30
C ALA C 380 -14.64 2.37 -25.51
N SER C 381 -14.55 1.92 -24.26
CA SER C 381 -15.74 1.70 -23.45
C SER C 381 -16.36 3.00 -22.95
N ALA C 382 -15.75 4.13 -23.31
CA ALA C 382 -16.26 5.43 -22.90
C ALA C 382 -17.62 5.72 -23.52
N LYS C 383 -17.68 5.64 -24.85
CA LYS C 383 -18.90 5.96 -25.57
C LYS C 383 -20.04 5.00 -25.22
N TYR C 384 -19.69 3.84 -24.69
CA TYR C 384 -20.67 2.86 -24.27
C TYR C 384 -21.26 3.20 -22.91
N LEU C 385 -20.39 3.52 -21.96
CA LEU C 385 -20.81 3.93 -20.63
C LEU C 385 -21.59 5.24 -20.68
N ALA C 386 -21.24 6.08 -21.64
CA ALA C 386 -21.92 7.36 -21.82
C ALA C 386 -23.38 7.15 -22.19
N LYS C 387 -23.62 6.17 -23.05
CA LYS C 387 -24.98 5.87 -23.50
C LYS C 387 -25.77 5.10 -22.44
N LYS C 388 -25.09 4.20 -21.72
CA LYS C 388 -25.76 3.37 -20.73
C LYS C 388 -26.31 4.20 -19.57
N TYR C 389 -25.67 5.32 -19.27
CA TYR C 389 -26.08 6.15 -18.16
C TYR C 389 -26.52 7.55 -18.60
N ASN C 390 -26.75 7.70 -19.90
CA ASN C 390 -27.23 8.96 -20.46
C ASN C 390 -26.40 10.16 -20.03
N LYS C 391 -25.09 9.96 -19.95
CA LYS C 391 -24.16 11.04 -19.60
C LYS C 391 -23.19 11.28 -20.74
N SER C 392 -22.49 12.40 -20.71
CA SER C 392 -21.49 12.70 -21.71
C SER C 392 -20.23 11.87 -21.47
N GLU C 393 -19.42 11.70 -22.50
CA GLU C 393 -18.20 10.91 -22.38
C GLU C 393 -17.26 11.53 -21.34
N GLN C 394 -17.13 12.85 -21.39
CA GLN C 394 -16.28 13.56 -20.44
C GLN C 394 -16.77 13.33 -19.01
N TYR C 395 -18.09 13.33 -18.83
CA TYR C 395 -18.69 13.13 -17.52
C TYR C 395 -18.26 11.79 -16.91
N ILE C 396 -18.35 10.73 -17.71
CA ILE C 396 -18.01 9.40 -17.24
C ILE C 396 -16.62 9.36 -16.63
N GLY C 397 -15.68 10.06 -17.27
CA GLY C 397 -14.31 10.08 -16.82
C GLY C 397 -14.09 10.83 -15.53
N GLU C 398 -14.93 11.83 -15.28
CA GLU C 398 -14.81 12.68 -14.10
C GLU C 398 -15.61 12.18 -12.91
N ASN C 399 -16.56 11.28 -13.16
CA ASN C 399 -17.50 10.89 -12.11
C ASN C 399 -17.57 9.39 -11.79
N ILE C 400 -17.43 8.55 -12.82
CA ILE C 400 -17.56 7.11 -12.60
C ILE C 400 -16.37 6.57 -11.80
N LEU C 401 -16.67 5.58 -10.95
CA LEU C 401 -15.69 5.04 -10.02
C LEU C 401 -15.98 3.57 -9.77
N VAL C 402 -14.92 2.77 -9.59
CA VAL C 402 -15.09 1.36 -9.28
C VAL C 402 -14.17 0.93 -8.14
N LEU C 403 -14.74 0.30 -7.12
CA LEU C 403 -13.99 -0.10 -5.94
C LEU C 403 -14.11 -1.59 -5.66
N ASP C 404 -12.98 -2.27 -5.58
CA ASP C 404 -12.95 -3.70 -5.28
C ASP C 404 -12.24 -3.96 -3.96
N ILE C 405 -13.01 -4.30 -2.93
CA ILE C 405 -12.45 -4.60 -1.62
C ILE C 405 -12.53 -6.11 -1.36
N PHE C 406 -11.38 -6.71 -1.08
CA PHE C 406 -11.32 -8.16 -0.90
C PHE C 406 -10.13 -8.58 -0.05
N PHE C 407 -10.02 -9.88 0.20
CA PHE C 407 -8.89 -10.44 0.94
C PHE C 407 -7.98 -11.23 0.00
N GLU C 408 -6.74 -11.43 0.45
CA GLU C 408 -5.79 -12.24 -0.31
C GLU C 408 -5.75 -13.66 0.24
N ALA C 409 -4.84 -14.48 -0.28
CA ALA C 409 -4.64 -15.84 0.21
C ALA C 409 -4.52 -15.85 1.73
N LEU C 410 -3.39 -15.37 2.24
CA LEU C 410 -3.20 -15.22 3.67
C LEU C 410 -4.08 -14.06 4.16
N ASN C 411 -5.08 -14.38 4.98
CA ASN C 411 -6.10 -13.40 5.33
C ASN C 411 -6.32 -13.16 6.82
N TYR C 412 -5.78 -14.04 7.66
CA TYR C 412 -6.05 -13.95 9.10
C TYR C 412 -4.78 -14.08 9.95
N GLU C 413 -4.37 -12.96 10.55
CA GLU C 413 -3.20 -12.95 11.42
C GLU C 413 -3.58 -12.52 12.83
N THR C 414 -3.01 -13.20 13.83
CA THR C 414 -3.32 -12.88 15.22
C THR C 414 -2.07 -12.61 16.05
N ILE C 415 -2.07 -11.48 16.75
CA ILE C 415 -0.99 -11.13 17.66
C ILE C 415 -1.56 -10.99 19.07
N GLU C 416 -1.38 -12.03 19.88
CA GLU C 416 -2.04 -12.11 21.18
C GLU C 416 -1.05 -12.21 22.33
N GLN C 417 -1.31 -11.42 23.37
CA GLN C 417 -0.49 -11.45 24.58
C GLN C 417 -0.98 -12.54 25.53
N LYS C 418 -0.13 -13.53 25.78
CA LYS C 418 -0.46 -14.60 26.70
C LYS C 418 0.31 -14.46 28.02
N LYS C 419 -0.29 -14.95 29.10
CA LYS C 419 0.37 -14.91 30.40
C LYS C 419 1.60 -15.80 30.38
N ALA C 420 2.77 -15.18 30.44
CA ALA C 420 4.04 -15.90 30.32
C ALA C 420 4.23 -16.96 31.41
N TYR C 421 3.95 -16.60 32.66
CA TYR C 421 4.15 -17.51 33.77
C TYR C 421 2.96 -17.52 34.71
N GLU C 422 2.14 -18.57 34.60
CA GLU C 422 0.90 -18.67 35.37
C GLU C 422 1.09 -19.49 36.65
N VAL C 423 0.09 -19.48 37.52
CA VAL C 423 0.15 -20.21 38.78
C VAL C 423 0.56 -21.65 38.56
N ALA C 424 -0.04 -22.27 37.54
CA ALA C 424 0.18 -23.67 37.25
C ALA C 424 1.66 -24.02 37.17
N GLY C 425 2.33 -23.49 36.16
CA GLY C 425 3.75 -23.76 35.95
C GLY C 425 4.62 -23.37 37.13
N LEU C 426 4.16 -22.39 37.91
CA LEU C 426 4.90 -21.94 39.08
C LEU C 426 4.97 -23.05 40.14
N LEU C 427 3.82 -23.61 40.46
CA LEU C 427 3.74 -24.67 41.46
C LEU C 427 4.30 -25.98 40.91
N GLY C 428 4.32 -26.10 39.59
CA GLY C 428 4.79 -27.30 38.93
C GLY C 428 6.29 -27.46 38.89
N ASP C 429 6.93 -26.61 38.10
CA ASP C 429 8.39 -26.66 37.95
C ASP C 429 9.08 -26.67 39.31
N ILE C 430 8.76 -25.68 40.13
CA ILE C 430 9.27 -25.62 41.48
C ILE C 430 8.95 -26.91 42.23
N GLY C 431 7.65 -27.20 42.33
CA GLY C 431 7.18 -28.42 42.96
C GLY C 431 7.96 -29.63 42.48
N GLY C 432 7.97 -29.83 41.16
CA GLY C 432 8.71 -30.92 40.56
C GLY C 432 10.15 -30.96 41.05
N GLN C 433 10.81 -29.81 41.03
CA GLN C 433 12.17 -29.70 41.51
C GLN C 433 12.30 -30.20 42.94
N MET C 434 11.42 -29.71 43.82
CA MET C 434 11.40 -30.16 45.20
C MET C 434 11.32 -31.68 45.28
N GLY C 435 10.30 -32.24 44.65
CA GLY C 435 10.14 -33.68 44.56
C GLY C 435 11.46 -34.36 44.21
N LEU C 436 12.06 -33.93 43.10
CA LEU C 436 13.35 -34.45 42.68
C LEU C 436 14.35 -34.42 43.82
N PHE C 437 14.46 -33.25 44.45
CA PHE C 437 15.35 -33.08 45.60
C PHE C 437 15.07 -34.14 46.65
N ILE C 438 13.80 -34.25 47.03
CA ILE C 438 13.37 -35.25 48.01
C ILE C 438 13.86 -36.64 47.64
N GLY C 439 13.47 -37.10 46.46
CA GLY C 439 13.91 -38.40 45.96
C GLY C 439 15.40 -38.60 46.12
N ALA C 440 16.18 -37.60 45.70
CA ALA C 440 17.63 -37.64 45.85
C ALA C 440 18.02 -37.92 47.29
N SER C 441 17.52 -37.09 48.22
CA SER C 441 17.75 -37.29 49.64
C SER C 441 17.49 -38.73 50.03
N ILE C 442 16.28 -39.18 49.78
CA ILE C 442 15.88 -40.55 50.04
C ILE C 442 16.96 -41.52 49.59
N LEU C 443 17.34 -41.42 48.32
CA LEU C 443 18.43 -42.25 47.77
C LEU C 443 19.66 -42.16 48.66
N THR C 444 20.13 -40.94 48.92
CA THR C 444 21.29 -40.74 49.77
C THR C 444 21.12 -41.48 51.08
N VAL C 445 19.92 -41.40 51.67
CA VAL C 445 19.61 -42.08 52.91
C VAL C 445 19.78 -43.59 52.78
N ASP D 1 -38.76 -25.55 -23.97
CA ASP D 1 -38.75 -24.20 -23.41
C ASP D 1 -37.83 -24.09 -22.21
N CYS D 2 -37.95 -25.05 -21.29
CA CYS D 2 -37.13 -25.05 -20.07
C CYS D 2 -35.65 -24.84 -20.37
N ILE D 3 -35.08 -23.79 -19.78
CA ILE D 3 -33.68 -23.44 -20.00
C ILE D 3 -32.74 -24.29 -19.15
N PRO D 4 -31.74 -24.90 -19.79
CA PRO D 4 -30.81 -25.84 -19.13
C PRO D 4 -29.66 -25.15 -18.42
N LYS D 5 -28.75 -25.95 -17.86
CA LYS D 5 -27.63 -25.47 -17.07
C LYS D 5 -26.67 -24.59 -17.87
N TRP D 6 -26.28 -23.47 -17.29
CA TRP D 6 -25.28 -22.56 -17.85
C TRP D 6 -25.78 -21.72 -19.04
N LYS D 7 -27.09 -21.64 -19.22
CA LYS D 7 -27.65 -20.96 -20.38
C LYS D 7 -28.19 -19.57 -20.09
N GLY D 8 -28.38 -18.79 -21.15
CA GLY D 8 -28.86 -17.42 -21.03
C GLY D 8 -30.34 -17.34 -20.69
N CYS D 9 -30.64 -16.74 -19.55
CA CYS D 9 -32.03 -16.59 -19.11
C CYS D 9 -32.47 -15.14 -19.15
N VAL D 10 -31.92 -14.39 -20.11
CA VAL D 10 -32.26 -12.98 -20.27
C VAL D 10 -33.73 -12.79 -20.59
N ASN D 11 -34.38 -11.83 -19.91
CA ASN D 11 -35.80 -11.58 -20.09
C ASN D 11 -36.66 -12.80 -19.77
N ARG D 12 -36.04 -13.79 -19.12
CA ARG D 12 -36.74 -15.02 -18.76
C ARG D 12 -36.21 -15.53 -17.43
N HIS D 13 -36.30 -14.71 -16.39
CA HIS D 13 -35.74 -15.05 -15.08
C HIS D 13 -36.45 -16.22 -14.40
N GLY D 14 -37.55 -16.68 -14.99
CA GLY D 14 -38.32 -17.75 -14.39
C GLY D 14 -38.47 -18.99 -15.25
N ASP D 15 -37.69 -19.06 -16.32
CA ASP D 15 -37.79 -20.19 -17.25
C ASP D 15 -36.65 -21.19 -17.07
N CYS D 16 -36.05 -21.22 -15.89
CA CYS D 16 -34.97 -22.15 -15.60
C CYS D 16 -35.50 -23.54 -15.26
N CYS D 17 -34.73 -24.56 -15.60
CA CYS D 17 -35.11 -25.94 -15.31
C CYS D 17 -35.04 -26.23 -13.81
N GLU D 18 -35.54 -27.39 -13.42
CA GLU D 18 -35.58 -27.78 -12.01
C GLU D 18 -34.20 -27.74 -11.37
N GLY D 19 -34.09 -27.05 -10.25
CA GLY D 19 -32.83 -26.96 -9.52
C GLY D 19 -31.92 -25.85 -10.01
N LEU D 20 -32.49 -24.90 -10.74
CA LEU D 20 -31.71 -23.79 -11.29
C LEU D 20 -32.24 -22.43 -10.86
N GLU D 21 -31.38 -21.42 -10.99
CA GLU D 21 -31.76 -20.04 -10.69
C GLU D 21 -31.25 -19.12 -11.79
N CYS D 22 -31.95 -18.03 -12.03
CA CYS D 22 -31.47 -17.02 -12.97
C CYS D 22 -30.47 -16.12 -12.26
N TRP D 23 -29.18 -16.36 -12.50
CA TRP D 23 -28.11 -15.67 -11.79
C TRP D 23 -27.51 -14.54 -12.63
N LYS D 24 -27.58 -13.32 -12.10
CA LYS D 24 -26.99 -12.17 -12.77
C LYS D 24 -25.49 -12.15 -12.52
N ARG D 25 -24.71 -12.24 -13.60
CA ARG D 25 -23.26 -12.29 -13.49
C ARG D 25 -22.65 -10.91 -13.34
N ARG D 26 -21.51 -10.85 -12.66
CA ARG D 26 -20.85 -9.59 -12.35
C ARG D 26 -20.34 -8.87 -13.59
N ARG D 27 -20.00 -9.63 -14.63
CA ARG D 27 -19.42 -9.04 -15.83
C ARG D 27 -20.18 -9.36 -17.12
N SER D 28 -21.23 -10.19 -17.03
CA SER D 28 -21.96 -10.57 -18.23
C SER D 28 -23.46 -10.75 -17.97
N PHE D 29 -24.14 -11.38 -18.93
CA PHE D 29 -25.59 -11.56 -18.89
C PHE D 29 -26.02 -12.66 -17.92
N GLU D 30 -27.32 -12.68 -17.62
CA GLU D 30 -27.90 -13.65 -16.68
C GLU D 30 -27.73 -15.09 -17.19
N VAL D 31 -27.58 -16.02 -16.25
CA VAL D 31 -27.35 -17.42 -16.59
C VAL D 31 -28.06 -18.36 -15.62
N CYS D 32 -28.80 -19.33 -16.17
CA CYS D 32 -29.42 -20.37 -15.35
C CYS D 32 -28.34 -21.20 -14.67
N VAL D 33 -28.41 -21.27 -13.34
CA VAL D 33 -27.33 -21.84 -12.55
C VAL D 33 -27.88 -22.66 -11.39
N PRO D 34 -27.19 -23.77 -11.05
CA PRO D 34 -27.60 -24.65 -9.95
C PRO D 34 -27.83 -23.87 -8.67
N LYS D 35 -29.04 -23.96 -8.13
CA LYS D 35 -29.39 -23.24 -6.90
C LYS D 35 -28.57 -23.74 -5.72
N THR D 36 -28.11 -22.80 -4.89
CA THR D 36 -27.28 -23.12 -3.74
C THR D 36 -27.87 -22.51 -2.46
N PRO D 37 -27.62 -23.15 -1.31
CA PRO D 37 -28.11 -22.68 -0.03
C PRO D 37 -27.46 -21.37 0.40
N ASP E 1 42.22 6.63 -30.23
CA ASP E 1 40.89 6.14 -30.58
C ASP E 1 40.23 5.40 -29.42
N CYS E 2 40.98 4.51 -28.81
CA CYS E 2 40.47 3.70 -27.70
C CYS E 2 39.77 4.56 -26.65
N ILE E 3 38.51 4.26 -26.38
CA ILE E 3 37.70 5.03 -25.43
C ILE E 3 37.99 4.59 -24.00
N PRO E 4 38.28 5.56 -23.12
CA PRO E 4 38.66 5.31 -21.73
C PRO E 4 37.48 5.11 -20.80
N LYS E 5 37.78 4.95 -19.51
CA LYS E 5 36.78 4.67 -18.48
C LYS E 5 35.78 5.80 -18.32
N TRP E 6 34.49 5.43 -18.25
CA TRP E 6 33.40 6.37 -17.97
C TRP E 6 33.02 7.27 -19.15
N LYS E 7 33.48 6.92 -20.36
CA LYS E 7 33.27 7.79 -21.51
C LYS E 7 32.14 7.33 -22.44
N GLY E 8 31.69 8.24 -23.29
CA GLY E 8 30.61 7.96 -24.22
C GLY E 8 31.03 7.08 -25.37
N CYS E 9 30.39 5.92 -25.47
CA CYS E 9 30.69 4.98 -26.54
C CYS E 9 29.54 4.86 -27.53
N VAL E 10 28.83 5.98 -27.72
CA VAL E 10 27.69 6.01 -28.64
C VAL E 10 28.13 5.73 -30.07
N ASN E 11 27.38 4.87 -30.75
CA ASN E 11 27.70 4.47 -32.13
C ASN E 11 29.07 3.82 -32.23
N ARG E 12 29.63 3.44 -31.08
CA ARG E 12 30.95 2.82 -31.03
C ARG E 12 31.00 1.80 -29.91
N HIS E 13 30.09 0.82 -29.97
CA HIS E 13 29.96 -0.16 -28.89
C HIS E 13 31.16 -1.08 -28.76
N GLY E 14 32.10 -0.98 -29.69
CA GLY E 14 33.26 -1.86 -29.69
C GLY E 14 34.59 -1.14 -29.62
N ASP E 15 34.56 0.15 -29.30
CA ASP E 15 35.78 0.94 -29.25
C ASP E 15 36.24 1.21 -27.82
N CYS E 16 35.84 0.34 -26.90
CA CYS E 16 36.23 0.48 -25.50
C CYS E 16 37.63 -0.06 -25.25
N CYS E 17 38.34 0.55 -24.30
CA CYS E 17 39.68 0.11 -23.95
C CYS E 17 39.66 -1.25 -23.24
N GLU E 18 40.84 -1.83 -23.06
CA GLU E 18 40.95 -3.14 -22.44
C GLU E 18 40.30 -3.18 -21.06
N GLY E 19 39.42 -4.16 -20.86
CA GLY E 19 38.75 -4.34 -19.59
C GLY E 19 37.49 -3.51 -19.45
N LEU E 20 36.96 -3.06 -20.57
CA LEU E 20 35.76 -2.22 -20.57
C LEU E 20 34.64 -2.80 -21.42
N GLU E 21 33.42 -2.34 -21.16
CA GLU E 21 32.24 -2.73 -21.94
C GLU E 21 31.43 -1.50 -22.28
N CYS E 22 30.73 -1.53 -23.41
CA CYS E 22 29.80 -0.46 -23.74
C CYS E 22 28.48 -0.71 -23.02
N TRP E 23 28.26 0.01 -21.92
CA TRP E 23 27.11 -0.20 -21.06
C TRP E 23 26.01 0.82 -21.30
N LYS E 24 24.82 0.34 -21.69
CA LYS E 24 23.67 1.20 -21.90
C LYS E 24 23.05 1.56 -20.56
N ARG E 25 23.02 2.85 -20.25
CA ARG E 25 22.52 3.32 -18.97
C ARG E 25 21.00 3.44 -18.97
N ARG E 26 20.41 3.28 -17.80
CA ARG E 26 18.96 3.26 -17.65
C ARG E 26 18.33 4.62 -17.96
N ARG E 27 19.09 5.69 -17.73
CA ARG E 27 18.56 7.05 -17.87
C ARG E 27 19.33 7.91 -18.88
N SER E 28 20.48 7.42 -19.36
CA SER E 28 21.31 8.21 -20.25
C SER E 28 22.00 7.39 -21.34
N PHE E 29 22.98 8.01 -22.00
CA PHE E 29 23.68 7.39 -23.12
C PHE E 29 24.66 6.30 -22.70
N GLU E 30 25.12 5.52 -23.67
CA GLU E 30 26.05 4.42 -23.41
C GLU E 30 27.38 4.92 -22.86
N VAL E 31 28.01 4.10 -22.03
CA VAL E 31 29.25 4.47 -21.38
C VAL E 31 30.22 3.30 -21.24
N CYS E 32 31.47 3.49 -21.67
CA CYS E 32 32.50 2.48 -21.48
C CYS E 32 32.74 2.27 -19.99
N VAL E 33 32.61 1.02 -19.56
CA VAL E 33 32.57 0.69 -18.13
C VAL E 33 33.33 -0.59 -17.85
N PRO E 34 34.02 -0.66 -16.69
CA PRO E 34 34.77 -1.85 -16.29
C PRO E 34 33.93 -3.11 -16.35
N LYS E 35 34.37 -4.08 -17.14
CA LYS E 35 33.62 -5.33 -17.29
C LYS E 35 33.55 -6.11 -15.98
N THR E 36 32.39 -6.67 -15.70
CA THR E 36 32.17 -7.41 -14.46
C THR E 36 31.61 -8.80 -14.76
N PRO E 37 31.89 -9.76 -13.87
CA PRO E 37 31.42 -11.14 -14.04
C PRO E 37 29.90 -11.25 -13.88
N ASP F 1 -16.02 44.60 23.16
CA ASP F 1 -15.03 44.42 22.11
C ASP F 1 -14.31 43.08 22.22
N CYS F 2 -13.87 42.74 23.42
CA CYS F 2 -13.15 41.51 23.68
C CYS F 2 -13.87 40.30 23.08
N ILE F 3 -13.19 39.58 22.21
CA ILE F 3 -13.76 38.42 21.54
C ILE F 3 -13.72 37.17 22.41
N PRO F 4 -14.87 36.51 22.57
CA PRO F 4 -15.03 35.35 23.47
C PRO F 4 -14.58 34.03 22.84
N LYS F 5 -14.78 32.95 23.59
CA LYS F 5 -14.34 31.61 23.19
C LYS F 5 -15.03 31.12 21.92
N TRP F 6 -14.24 30.57 21.01
CA TRP F 6 -14.74 29.94 19.78
C TRP F 6 -15.23 30.92 18.70
N LYS F 7 -14.86 32.19 18.84
CA LYS F 7 -15.37 33.21 17.92
C LYS F 7 -14.38 33.64 16.85
N GLY F 8 -14.91 34.29 15.81
CA GLY F 8 -14.09 34.74 14.69
C GLY F 8 -13.22 35.93 15.02
N CYS F 9 -11.92 35.75 14.91
CA CYS F 9 -10.96 36.82 15.20
C CYS F 9 -10.27 37.30 13.92
N VAL F 10 -10.99 37.24 12.81
CA VAL F 10 -10.46 37.67 11.53
C VAL F 10 -10.11 39.15 11.55
N ASN F 11 -8.93 39.49 11.02
CA ASN F 11 -8.45 40.86 11.01
C ASN F 11 -8.34 41.46 12.40
N ARG F 12 -8.39 40.59 13.41
CA ARG F 12 -8.30 41.02 14.80
C ARG F 12 -7.58 39.96 15.62
N HIS F 13 -6.35 39.66 15.23
CA HIS F 13 -5.59 38.58 15.86
C HIS F 13 -5.21 38.88 17.31
N GLY F 14 -5.48 40.09 17.76
CA GLY F 14 -5.09 40.50 19.10
C GLY F 14 -6.24 40.95 19.98
N ASP F 15 -7.47 40.69 19.53
CA ASP F 15 -8.64 41.11 20.27
C ASP F 15 -9.31 39.96 21.03
N CYS F 16 -8.54 38.93 21.34
CA CYS F 16 -9.07 37.79 22.08
C CYS F 16 -9.12 38.07 23.58
N CYS F 17 -10.10 37.47 24.26
CA CYS F 17 -10.24 37.63 25.70
C CYS F 17 -9.12 36.93 26.44
N GLU F 18 -9.04 37.17 27.75
CA GLU F 18 -7.99 36.60 28.58
C GLU F 18 -7.97 35.08 28.49
N GLY F 19 -6.79 34.53 28.20
CA GLY F 19 -6.61 33.10 28.13
C GLY F 19 -6.92 32.52 26.76
N LEU F 20 -6.95 33.39 25.75
CA LEU F 20 -7.29 32.96 24.40
C LEU F 20 -6.20 33.31 23.38
N GLU F 21 -6.23 32.63 22.24
CA GLU F 21 -5.30 32.90 21.14
C GLU F 21 -6.07 32.94 19.83
N CYS F 22 -5.59 33.73 18.88
CA CYS F 22 -6.18 33.72 17.55
C CYS F 22 -5.60 32.56 16.76
N TRP F 23 -6.36 31.48 16.65
CA TRP F 23 -5.90 30.25 16.03
C TRP F 23 -6.40 30.10 14.59
N LYS F 24 -5.46 29.99 13.66
CA LYS F 24 -5.80 29.78 12.25
C LYS F 24 -6.14 28.32 12.02
N ARG F 25 -7.37 28.06 11.60
CA ARG F 25 -7.84 26.70 11.39
C ARG F 25 -7.39 26.14 10.05
N ARG F 26 -7.22 24.82 9.99
CA ARG F 26 -6.72 24.15 8.81
C ARG F 26 -7.69 24.24 7.63
N ARG F 27 -8.97 24.33 7.93
CA ARG F 27 -10.00 24.32 6.88
C ARG F 27 -10.89 25.56 6.86
N SER F 28 -10.77 26.42 7.86
CA SER F 28 -11.64 27.59 7.94
C SER F 28 -10.94 28.84 8.51
N PHE F 29 -11.75 29.82 8.89
CA PHE F 29 -11.24 31.11 9.36
C PHE F 29 -10.68 31.05 10.78
N GLU F 30 -9.96 32.11 11.17
CA GLU F 30 -9.33 32.18 12.49
C GLU F 30 -10.37 32.19 13.61
N VAL F 31 -10.00 31.62 14.74
CA VAL F 31 -10.91 31.49 15.88
C VAL F 31 -10.20 31.69 17.21
N CYS F 32 -10.75 32.55 18.06
CA CYS F 32 -10.23 32.73 19.42
C CYS F 32 -10.39 31.43 20.20
N VAL F 33 -9.28 30.93 20.73
CA VAL F 33 -9.23 29.60 21.31
C VAL F 33 -8.37 29.58 22.56
N PRO F 34 -8.77 28.76 23.55
CA PRO F 34 -8.03 28.63 24.82
C PRO F 34 -6.55 28.33 24.58
N LYS F 35 -5.67 29.20 25.08
CA LYS F 35 -4.24 29.02 24.90
C LYS F 35 -3.74 27.76 25.58
N THR F 36 -2.85 27.04 24.91
CA THR F 36 -2.31 25.79 25.43
C THR F 36 -0.79 25.82 25.42
N PRO F 37 -0.16 25.08 26.34
CA PRO F 37 1.30 25.00 26.43
C PRO F 37 1.92 24.29 25.23
#